data_2KDN
#
_entry.id   2KDN
#
_entity_poly.entity_id   1
_entity_poly.type   'polypeptide(L)'
_entity_poly.pdbx_seq_one_letter_code
;MGSSHHHHHHSSGRENLYFQGHMCIQKVIEDKLSSALKPTFLELVDKSCGCGTSFDAVIVSNNFEDKKLLDRHRLVNTIL
KEELQNIHAFSMKCHTPLEYDKLKSKGS
;
_entity_poly.pdbx_strand_id   A
#
# COMPACT_ATOMS: atom_id res chain seq x y z
N MET A 1 0.87 33.87 -6.43
CA MET A 1 0.71 33.27 -5.08
C MET A 1 0.71 31.75 -5.18
N GLY A 2 1.15 31.08 -4.13
CA GLY A 2 1.17 29.64 -4.12
C GLY A 2 2.03 29.11 -3.00
N SER A 3 3.01 28.28 -3.35
CA SER A 3 3.96 27.72 -2.39
C SER A 3 3.28 26.84 -1.35
N SER A 4 2.12 26.29 -1.71
CA SER A 4 1.36 25.45 -0.79
C SER A 4 1.77 23.99 -0.92
N HIS A 5 2.42 23.48 0.13
CA HIS A 5 2.77 22.07 0.20
C HIS A 5 2.72 21.61 1.65
N HIS A 6 1.60 21.03 2.04
CA HIS A 6 1.35 20.70 3.43
C HIS A 6 1.82 19.30 3.77
N HIS A 7 2.44 19.16 4.93
CA HIS A 7 2.86 17.85 5.41
C HIS A 7 1.71 17.16 6.15
N HIS A 8 0.77 16.67 5.37
CA HIS A 8 -0.40 15.96 5.90
C HIS A 8 0.02 14.58 6.41
N HIS A 9 -0.24 14.31 7.68
CA HIS A 9 0.22 13.07 8.31
C HIS A 9 -0.59 11.89 7.81
N HIS A 10 -1.87 11.87 8.14
CA HIS A 10 -2.77 10.79 7.75
C HIS A 10 -4.20 11.24 7.98
N SER A 11 -5.01 11.20 6.93
CA SER A 11 -6.35 11.79 6.94
C SER A 11 -7.19 11.28 8.10
N SER A 12 -7.30 9.96 8.23
CA SER A 12 -8.10 9.34 9.28
C SER A 12 -9.55 9.84 9.18
N GLY A 13 -10.08 9.78 7.97
CA GLY A 13 -11.41 10.29 7.70
C GLY A 13 -11.95 9.90 6.34
N ARG A 14 -11.05 9.72 5.38
CA ARG A 14 -11.44 9.32 4.02
C ARG A 14 -11.29 7.82 3.87
N GLU A 15 -10.33 7.27 4.60
CA GLU A 15 -10.00 5.86 4.55
C GLU A 15 -10.84 5.06 5.55
N ASN A 16 -11.97 5.65 5.97
CA ASN A 16 -12.84 5.05 6.98
C ASN A 16 -13.58 3.82 6.45
N LEU A 17 -13.37 3.51 5.18
CA LEU A 17 -14.04 2.40 4.55
C LEU A 17 -13.35 1.07 4.85
N TYR A 18 -12.06 1.14 5.19
CA TYR A 18 -11.30 -0.08 5.44
C TYR A 18 -11.26 -0.44 6.92
N PHE A 19 -11.55 -1.71 7.18
CA PHE A 19 -11.59 -2.24 8.55
C PHE A 19 -10.26 -2.89 8.92
N GLN A 20 -9.26 -2.65 8.11
CA GLN A 20 -7.96 -3.28 8.28
C GLN A 20 -7.11 -2.55 9.32
N GLY A 21 -7.76 -1.95 10.31
CA GLY A 21 -7.05 -1.29 11.38
C GLY A 21 -6.63 -2.26 12.46
N HIS A 22 -6.97 -3.53 12.28
CA HIS A 22 -6.58 -4.57 13.23
C HIS A 22 -5.13 -4.96 13.01
N MET A 23 -4.36 -5.01 14.08
CA MET A 23 -2.93 -5.26 13.99
C MET A 23 -2.63 -6.62 13.40
N CYS A 24 -1.87 -6.58 12.30
CA CYS A 24 -1.50 -7.78 11.57
C CYS A 24 -0.28 -7.45 10.71
N ILE A 25 0.36 -8.47 10.14
CA ILE A 25 1.52 -8.26 9.27
C ILE A 25 1.18 -7.33 8.11
N GLN A 26 -0.06 -7.45 7.60
CA GLN A 26 -0.52 -6.61 6.51
C GLN A 26 -0.61 -5.14 6.96
N LYS A 27 -1.07 -4.94 8.19
CA LYS A 27 -1.25 -3.61 8.76
C LYS A 27 0.10 -2.90 8.85
N VAL A 28 1.12 -3.63 9.24
CA VAL A 28 2.46 -3.07 9.41
C VAL A 28 3.00 -2.57 8.07
N ILE A 29 3.03 -3.45 7.08
CA ILE A 29 3.54 -3.11 5.75
C ILE A 29 2.76 -1.95 5.15
N GLU A 30 1.43 -2.04 5.22
CA GLU A 30 0.55 -1.00 4.68
C GLU A 30 0.89 0.37 5.28
N ASP A 31 0.95 0.43 6.60
CA ASP A 31 1.18 1.70 7.30
C ASP A 31 2.56 2.24 7.01
N LYS A 32 3.54 1.35 6.88
CA LYS A 32 4.92 1.75 6.66
C LYS A 32 5.10 2.50 5.34
N LEU A 33 4.68 1.89 4.24
CA LEU A 33 4.79 2.54 2.94
C LEU A 33 3.82 3.71 2.81
N SER A 34 2.70 3.62 3.53
CA SER A 34 1.70 4.68 3.51
C SER A 34 2.26 5.95 4.14
N SER A 35 3.03 5.80 5.20
CA SER A 35 3.61 6.94 5.89
C SER A 35 4.65 7.64 5.03
N ALA A 36 5.29 6.88 4.14
CA ALA A 36 6.39 7.40 3.35
C ALA A 36 5.91 8.06 2.06
N LEU A 37 5.15 7.31 1.27
CA LEU A 37 4.72 7.79 -0.04
C LEU A 37 3.41 8.57 0.06
N LYS A 38 2.74 8.39 1.19
CA LYS A 38 1.48 9.09 1.50
C LYS A 38 0.47 8.99 0.36
N PRO A 39 -0.17 7.83 0.20
CA PRO A 39 -1.22 7.64 -0.78
C PRO A 39 -2.60 7.99 -0.21
N THR A 40 -3.30 8.87 -0.92
CA THR A 40 -4.65 9.25 -0.54
C THR A 40 -5.60 8.05 -0.57
N PHE A 41 -5.25 7.07 -1.40
CA PHE A 41 -5.99 5.83 -1.49
C PHE A 41 -5.02 4.67 -1.67
N LEU A 42 -5.31 3.55 -1.04
CA LEU A 42 -4.48 2.37 -1.16
C LEU A 42 -5.36 1.11 -1.18
N GLU A 43 -5.32 0.40 -2.30
CA GLU A 43 -6.12 -0.82 -2.44
C GLU A 43 -5.22 -2.04 -2.34
N LEU A 44 -5.60 -3.00 -1.50
CA LEU A 44 -4.80 -4.20 -1.32
C LEU A 44 -5.58 -5.44 -1.73
N VAL A 45 -5.10 -6.11 -2.77
CA VAL A 45 -5.73 -7.33 -3.26
C VAL A 45 -4.74 -8.48 -3.23
N ASP A 46 -5.23 -9.68 -2.93
CA ASP A 46 -4.39 -10.87 -2.95
C ASP A 46 -4.06 -11.27 -4.38
N LYS A 47 -2.79 -11.19 -4.73
CA LYS A 47 -2.32 -11.65 -6.01
C LYS A 47 -1.10 -12.51 -5.78
N SER A 48 -1.35 -13.75 -5.38
CA SER A 48 -0.30 -14.68 -5.01
C SER A 48 0.56 -15.04 -6.21
N CYS A 49 1.87 -14.92 -6.03
CA CYS A 49 2.83 -15.25 -7.08
C CYS A 49 2.83 -16.76 -7.37
N GLY A 50 2.37 -17.53 -6.38
CA GLY A 50 2.33 -18.96 -6.53
C GLY A 50 2.75 -19.67 -5.27
N CYS A 51 3.74 -19.09 -4.60
CA CYS A 51 4.22 -19.62 -3.34
C CYS A 51 3.81 -18.70 -2.20
N GLY A 52 2.73 -19.06 -1.52
CA GLY A 52 2.27 -18.29 -0.38
C GLY A 52 1.53 -17.03 -0.78
N THR A 53 1.05 -16.29 0.22
CA THR A 53 0.31 -15.07 -0.02
C THR A 53 1.20 -13.98 -0.61
N SER A 54 0.65 -13.24 -1.57
CA SER A 54 1.35 -12.12 -2.17
C SER A 54 0.38 -10.96 -2.30
N PHE A 55 0.87 -9.74 -2.17
CA PHE A 55 -0.01 -8.58 -2.13
C PHE A 55 0.17 -7.74 -3.37
N ASP A 56 -0.95 -7.37 -3.97
CA ASP A 56 -0.95 -6.48 -5.11
C ASP A 56 -1.69 -5.21 -4.73
N ALA A 57 -0.95 -4.12 -4.58
CA ALA A 57 -1.51 -2.89 -4.05
C ALA A 57 -1.61 -1.81 -5.10
N VAL A 58 -2.80 -1.27 -5.27
CA VAL A 58 -3.02 -0.15 -6.15
C VAL A 58 -2.86 1.14 -5.36
N ILE A 59 -1.88 1.94 -5.72
CA ILE A 59 -1.60 3.17 -5.00
C ILE A 59 -2.25 4.36 -5.68
N VAL A 60 -2.69 5.31 -4.88
CA VAL A 60 -3.23 6.55 -5.37
C VAL A 60 -2.58 7.71 -4.61
N SER A 61 -1.55 8.30 -5.19
CA SER A 61 -0.79 9.33 -4.49
C SER A 61 -0.32 10.44 -5.43
N ASN A 62 -0.42 11.67 -4.96
CA ASN A 62 0.10 12.84 -5.66
C ASN A 62 1.62 12.82 -5.74
N ASN A 63 2.25 12.05 -4.87
CA ASN A 63 3.71 11.98 -4.82
C ASN A 63 4.27 11.45 -6.14
N PHE A 64 3.43 10.74 -6.89
CA PHE A 64 3.86 10.09 -8.11
C PHE A 64 3.43 10.85 -9.36
N GLU A 65 2.64 11.92 -9.18
CA GLU A 65 2.13 12.67 -10.33
C GLU A 65 3.18 13.63 -10.85
N ASP A 66 4.26 13.79 -10.10
CA ASP A 66 5.35 14.67 -10.47
C ASP A 66 6.19 14.01 -11.57
N LYS A 67 5.90 12.73 -11.81
CA LYS A 67 6.53 11.95 -12.88
C LYS A 67 8.01 11.69 -12.60
N LYS A 68 8.40 11.83 -11.33
CA LYS A 68 9.76 11.49 -10.93
C LYS A 68 9.97 9.99 -10.97
N LEU A 69 10.41 9.49 -12.12
CA LEU A 69 10.56 8.05 -12.32
C LEU A 69 11.61 7.49 -11.37
N LEU A 70 12.83 7.99 -11.48
CA LEU A 70 13.93 7.49 -10.66
C LEU A 70 13.72 7.83 -9.19
N ASP A 71 13.07 8.95 -8.92
CA ASP A 71 12.89 9.41 -7.54
C ASP A 71 11.86 8.55 -6.82
N ARG A 72 10.75 8.26 -7.48
CA ARG A 72 9.73 7.41 -6.87
C ARG A 72 10.27 5.97 -6.76
N HIS A 73 11.11 5.59 -7.71
CA HIS A 73 11.73 4.27 -7.70
C HIS A 73 12.66 4.13 -6.50
N ARG A 74 13.55 5.10 -6.30
CA ARG A 74 14.49 5.08 -5.19
C ARG A 74 13.77 5.11 -3.85
N LEU A 75 12.72 5.92 -3.75
CA LEU A 75 11.94 6.03 -2.52
C LEU A 75 11.24 4.72 -2.21
N VAL A 76 10.54 4.17 -3.20
CA VAL A 76 9.83 2.90 -3.03
C VAL A 76 10.79 1.80 -2.58
N ASN A 77 11.94 1.71 -3.24
CA ASN A 77 12.90 0.64 -2.93
C ASN A 77 13.49 0.82 -1.54
N THR A 78 13.61 2.06 -1.08
CA THR A 78 14.18 2.34 0.24
C THR A 78 13.29 1.81 1.36
N ILE A 79 11.98 2.04 1.24
CA ILE A 79 11.04 1.58 2.27
C ILE A 79 10.72 0.09 2.05
N LEU A 80 10.49 -0.29 0.81
CA LEU A 80 10.18 -1.67 0.48
C LEU A 80 11.40 -2.57 0.61
N LYS A 81 12.54 -1.95 0.91
CA LYS A 81 13.74 -2.70 1.28
C LYS A 81 13.40 -3.67 2.41
N GLU A 82 13.01 -3.13 3.55
CA GLU A 82 12.64 -3.97 4.69
C GLU A 82 11.27 -4.58 4.46
N GLU A 83 10.41 -3.85 3.78
CA GLU A 83 9.02 -4.25 3.54
C GLU A 83 8.94 -5.62 2.91
N LEU A 84 9.61 -5.74 1.76
CA LEU A 84 9.72 -6.99 1.01
C LEU A 84 10.15 -8.18 1.89
N GLN A 85 10.94 -7.94 2.93
CA GLN A 85 11.42 -9.02 3.80
C GLN A 85 10.26 -9.85 4.36
N ASN A 86 9.08 -9.24 4.43
CA ASN A 86 7.92 -9.88 5.02
C ASN A 86 6.96 -10.40 3.96
N ILE A 87 7.29 -10.18 2.70
CA ILE A 87 6.41 -10.57 1.60
C ILE A 87 7.15 -11.45 0.60
N HIS A 88 6.48 -12.48 0.10
CA HIS A 88 7.07 -13.32 -0.92
C HIS A 88 7.18 -12.55 -2.23
N ALA A 89 6.13 -11.80 -2.56
CA ALA A 89 6.10 -10.98 -3.76
C ALA A 89 5.10 -9.85 -3.62
N PHE A 90 5.59 -8.62 -3.54
CA PHE A 90 4.70 -7.46 -3.48
C PHE A 90 4.67 -6.75 -4.83
N SER A 91 3.47 -6.63 -5.37
CA SER A 91 3.28 -5.93 -6.64
C SER A 91 2.50 -4.64 -6.38
N MET A 92 2.77 -3.60 -7.16
CA MET A 92 2.10 -2.32 -6.96
C MET A 92 1.65 -1.72 -8.29
N LYS A 93 0.48 -1.10 -8.28
CA LYS A 93 -0.01 -0.35 -9.42
C LYS A 93 0.02 1.13 -9.10
N CYS A 94 0.87 1.85 -9.80
CA CYS A 94 1.07 3.26 -9.54
C CYS A 94 0.02 4.11 -10.25
N HIS A 95 -0.80 4.80 -9.47
CA HIS A 95 -1.80 5.71 -10.03
C HIS A 95 -1.97 6.95 -9.15
N THR A 96 -2.64 7.96 -9.70
CA THR A 96 -2.87 9.21 -9.01
C THR A 96 -4.35 9.40 -8.72
N PRO A 97 -4.69 10.32 -7.80
CA PRO A 97 -6.10 10.64 -7.48
C PRO A 97 -6.85 11.17 -8.68
N LEU A 98 -6.11 11.72 -9.63
CA LEU A 98 -6.69 12.24 -10.87
C LEU A 98 -7.27 11.09 -11.69
N GLU A 99 -6.46 10.04 -11.88
CA GLU A 99 -6.89 8.88 -12.65
C GLU A 99 -7.82 8.00 -11.83
N TYR A 100 -7.63 8.01 -10.51
CA TYR A 100 -8.50 7.25 -9.61
C TYR A 100 -9.91 7.83 -9.61
N ASP A 101 -10.00 9.15 -9.59
CA ASP A 101 -11.30 9.83 -9.61
C ASP A 101 -12.10 9.42 -10.84
N LYS A 102 -11.41 9.24 -11.95
CA LYS A 102 -12.04 8.82 -13.19
C LYS A 102 -12.73 7.49 -13.00
N LEU A 103 -12.02 6.55 -12.39
CA LEU A 103 -12.52 5.19 -12.22
C LEU A 103 -13.72 5.14 -11.26
N LYS A 104 -13.62 5.90 -10.18
CA LYS A 104 -14.61 5.82 -9.11
C LYS A 104 -15.85 6.68 -9.41
N SER A 105 -15.64 7.87 -9.96
CA SER A 105 -16.73 8.82 -10.11
C SER A 105 -17.54 8.55 -11.37
N LYS A 106 -16.88 8.40 -12.50
CA LYS A 106 -17.58 8.24 -13.77
C LYS A 106 -17.30 6.90 -14.44
N GLY A 107 -16.04 6.57 -14.62
CA GLY A 107 -15.66 5.36 -15.31
C GLY A 107 -14.54 5.60 -16.28
N SER A 108 -14.60 6.71 -17.00
CA SER A 108 -13.57 7.06 -17.95
C SER A 108 -13.34 8.57 -17.94
N MET A 1 11.54 -7.46 40.64
CA MET A 1 11.35 -6.85 39.31
C MET A 1 11.08 -5.36 39.45
N GLY A 2 11.52 -4.58 38.49
CA GLY A 2 11.34 -3.15 38.56
C GLY A 2 10.38 -2.63 37.50
N SER A 3 10.34 -1.33 37.34
CA SER A 3 9.49 -0.71 36.33
C SER A 3 10.21 -0.67 34.98
N SER A 4 11.48 -1.03 35.00
CA SER A 4 12.26 -1.09 33.77
C SER A 4 11.93 -2.37 32.99
N HIS A 5 11.33 -2.20 31.83
CA HIS A 5 10.90 -3.32 31.02
C HIS A 5 11.94 -3.65 29.94
N HIS A 6 11.78 -4.83 29.35
CA HIS A 6 12.67 -5.27 28.28
C HIS A 6 12.07 -4.87 26.93
N HIS A 7 12.89 -4.87 25.90
CA HIS A 7 12.44 -4.46 24.57
C HIS A 7 12.66 -5.58 23.57
N HIS A 8 11.60 -6.34 23.30
CA HIS A 8 11.66 -7.39 22.29
C HIS A 8 11.33 -6.81 20.92
N HIS A 9 12.33 -6.73 20.06
CA HIS A 9 12.15 -6.16 18.73
C HIS A 9 11.80 -7.24 17.72
N HIS A 10 11.17 -6.83 16.62
CA HIS A 10 10.68 -7.75 15.60
C HIS A 10 9.59 -8.65 16.18
N SER A 11 8.43 -8.07 16.41
CA SER A 11 7.30 -8.80 16.96
C SER A 11 6.00 -8.12 16.54
N SER A 12 5.24 -8.78 15.68
CA SER A 12 4.02 -8.21 15.15
C SER A 12 2.81 -8.63 15.98
N GLY A 13 2.50 -7.87 17.00
CA GLY A 13 1.32 -8.12 17.80
C GLY A 13 1.63 -8.31 19.26
N ARG A 14 2.15 -7.28 19.91
CA ARG A 14 2.43 -7.35 21.34
C ARG A 14 1.22 -6.83 22.11
N GLU A 15 0.68 -5.71 21.65
CA GLU A 15 -0.54 -5.15 22.21
C GLU A 15 -1.76 -5.74 21.51
N ASN A 16 -1.67 -7.01 21.15
CA ASN A 16 -2.73 -7.71 20.41
C ASN A 16 -4.02 -7.78 21.23
N LEU A 17 -3.95 -7.39 22.48
CA LEU A 17 -5.11 -7.37 23.35
C LEU A 17 -6.06 -6.24 22.95
N TYR A 18 -5.50 -5.24 22.28
CA TYR A 18 -6.29 -4.12 21.78
C TYR A 18 -7.02 -4.54 20.51
N PHE A 19 -8.32 -4.24 20.43
CA PHE A 19 -9.09 -4.60 19.26
C PHE A 19 -8.71 -3.69 18.09
N GLN A 20 -8.27 -2.48 18.40
CA GLN A 20 -7.88 -1.50 17.39
C GLN A 20 -6.40 -1.60 17.11
N GLY A 21 -5.74 -2.55 17.74
CA GLY A 21 -4.31 -2.70 17.58
C GLY A 21 -3.87 -4.12 17.77
N HIS A 22 -4.57 -5.04 17.12
CA HIS A 22 -4.22 -6.46 17.20
C HIS A 22 -2.89 -6.69 16.48
N MET A 23 -2.62 -5.78 15.54
CA MET A 23 -1.33 -5.69 14.86
C MET A 23 -1.14 -6.85 13.89
N CYS A 24 -1.88 -6.79 12.79
CA CYS A 24 -1.71 -7.74 11.71
C CYS A 24 -0.48 -7.39 10.90
N ILE A 25 0.32 -8.38 10.56
CA ILE A 25 1.59 -8.16 9.85
C ILE A 25 1.35 -7.42 8.53
N GLN A 26 0.27 -7.77 7.84
CA GLN A 26 -0.10 -7.12 6.60
C GLN A 26 -0.35 -5.63 6.83
N LYS A 27 -1.07 -5.33 7.91
CA LYS A 27 -1.44 -3.94 8.23
C LYS A 27 -0.22 -3.15 8.69
N VAL A 28 0.77 -3.86 9.26
CA VAL A 28 2.01 -3.23 9.66
C VAL A 28 2.72 -2.63 8.46
N ILE A 29 2.94 -3.45 7.44
CA ILE A 29 3.57 -3.01 6.20
C ILE A 29 2.74 -1.92 5.54
N GLU A 30 1.43 -2.13 5.51
CA GLU A 30 0.50 -1.15 4.94
C GLU A 30 0.70 0.23 5.55
N ASP A 31 0.69 0.30 6.88
CA ASP A 31 0.81 1.58 7.57
C ASP A 31 2.21 2.14 7.42
N LYS A 32 3.18 1.25 7.29
CA LYS A 32 4.57 1.61 7.21
C LYS A 32 4.88 2.33 5.90
N LEU A 33 4.54 1.71 4.77
CA LEU A 33 4.73 2.36 3.47
C LEU A 33 3.72 3.49 3.27
N SER A 34 2.56 3.38 3.91
CA SER A 34 1.55 4.44 3.86
C SER A 34 2.10 5.72 4.45
N SER A 35 2.79 5.61 5.58
CA SER A 35 3.35 6.76 6.24
C SER A 35 4.44 7.42 5.37
N ALA A 36 5.08 6.62 4.51
CA ALA A 36 6.15 7.11 3.67
C ALA A 36 5.64 7.84 2.44
N LEU A 37 4.77 7.18 1.66
CA LEU A 37 4.31 7.72 0.39
C LEU A 37 2.96 8.41 0.53
N LYS A 38 2.12 7.85 1.39
CA LYS A 38 0.76 8.33 1.63
C LYS A 38 -0.09 8.35 0.37
N PRO A 39 -0.74 7.23 0.07
CA PRO A 39 -1.72 7.15 -1.01
C PRO A 39 -3.09 7.64 -0.55
N THR A 40 -3.76 8.41 -1.39
CA THR A 40 -5.08 8.90 -1.06
C THR A 40 -6.11 7.79 -1.27
N PHE A 41 -5.75 6.84 -2.12
CA PHE A 41 -6.52 5.64 -2.33
C PHE A 41 -5.58 4.43 -2.38
N LEU A 42 -5.83 3.46 -1.51
CA LEU A 42 -4.96 2.28 -1.43
C LEU A 42 -5.81 1.02 -1.36
N GLU A 43 -5.74 0.19 -2.39
CA GLU A 43 -6.48 -1.06 -2.42
C GLU A 43 -5.54 -2.25 -2.55
N LEU A 44 -5.66 -3.18 -1.63
CA LEU A 44 -4.89 -4.41 -1.70
C LEU A 44 -5.62 -5.44 -2.56
N VAL A 45 -4.94 -5.89 -3.60
CA VAL A 45 -5.45 -6.93 -4.46
C VAL A 45 -4.68 -8.22 -4.20
N ASP A 46 -5.35 -9.18 -3.61
CA ASP A 46 -4.73 -10.45 -3.26
C ASP A 46 -4.38 -11.24 -4.52
N LYS A 47 -3.12 -11.20 -4.90
CA LYS A 47 -2.65 -11.87 -6.11
C LYS A 47 -2.54 -13.37 -5.92
N SER A 48 -2.39 -14.09 -7.02
CA SER A 48 -2.20 -15.53 -6.97
C SER A 48 -0.90 -15.87 -6.24
N CYS A 49 -0.98 -16.77 -5.28
CA CYS A 49 0.17 -17.15 -4.48
C CYS A 49 1.26 -17.78 -5.34
N GLY A 50 0.99 -18.97 -5.89
CA GLY A 50 1.96 -19.64 -6.74
C GLY A 50 3.17 -20.12 -5.96
N CYS A 51 4.11 -19.22 -5.74
CA CYS A 51 5.34 -19.55 -5.02
C CYS A 51 5.21 -19.22 -3.53
N GLY A 52 4.25 -18.36 -3.20
CA GLY A 52 4.03 -17.98 -1.82
C GLY A 52 3.10 -16.81 -1.70
N THR A 53 2.90 -16.34 -0.47
CA THR A 53 2.01 -15.22 -0.20
C THR A 53 2.45 -13.97 -0.96
N SER A 54 1.61 -13.52 -1.88
CA SER A 54 1.93 -12.38 -2.73
C SER A 54 0.82 -11.34 -2.67
N PHE A 55 1.18 -10.13 -2.25
CA PHE A 55 0.23 -9.04 -2.15
C PHE A 55 0.53 -7.97 -3.19
N ASP A 56 -0.51 -7.45 -3.81
CA ASP A 56 -0.37 -6.36 -4.77
C ASP A 56 -1.09 -5.13 -4.24
N ALA A 57 -0.36 -4.03 -4.10
CA ALA A 57 -0.94 -2.82 -3.55
C ALA A 57 -1.19 -1.79 -4.63
N VAL A 58 -2.46 -1.46 -4.84
CA VAL A 58 -2.81 -0.39 -5.75
C VAL A 58 -2.65 0.93 -5.03
N ILE A 59 -1.67 1.71 -5.43
CA ILE A 59 -1.33 2.92 -4.75
C ILE A 59 -1.67 4.14 -5.62
N VAL A 60 -2.71 4.83 -5.22
CA VAL A 60 -3.12 6.07 -5.86
C VAL A 60 -2.71 7.23 -4.97
N SER A 61 -1.68 7.96 -5.36
CA SER A 61 -1.10 8.95 -4.46
C SER A 61 -0.64 10.20 -5.19
N ASN A 62 -0.74 11.32 -4.49
CA ASN A 62 -0.23 12.60 -4.95
C ASN A 62 1.29 12.56 -5.09
N ASN A 63 1.91 11.63 -4.36
CA ASN A 63 3.37 11.52 -4.36
C ASN A 63 3.88 11.16 -5.74
N PHE A 64 3.12 10.35 -6.46
CA PHE A 64 3.51 9.96 -7.80
C PHE A 64 2.75 10.78 -8.84
N GLU A 65 2.10 11.85 -8.38
CA GLU A 65 1.41 12.74 -9.25
C GLU A 65 2.44 13.71 -9.84
N ASP A 66 3.49 13.95 -9.06
CA ASP A 66 4.69 14.60 -9.58
C ASP A 66 5.22 13.78 -10.75
N LYS A 67 5.16 12.45 -10.56
CA LYS A 67 5.22 11.50 -11.67
C LYS A 67 6.63 11.32 -12.24
N LYS A 68 7.65 11.60 -11.44
CA LYS A 68 9.02 11.26 -11.82
C LYS A 68 9.24 9.75 -11.68
N LEU A 69 9.63 9.10 -12.76
CA LEU A 69 9.76 7.65 -12.75
C LEU A 69 11.01 7.22 -11.97
N LEU A 70 12.05 8.05 -12.02
CA LEU A 70 13.27 7.76 -11.27
C LEU A 70 13.01 7.86 -9.77
N ASP A 71 12.08 8.74 -9.40
CA ASP A 71 11.72 8.94 -8.00
C ASP A 71 10.91 7.75 -7.50
N ARG A 72 10.07 7.21 -8.39
CA ARG A 72 9.35 5.97 -8.12
C ARG A 72 10.35 4.85 -7.85
N HIS A 73 11.36 4.78 -8.69
CA HIS A 73 12.41 3.76 -8.59
C HIS A 73 13.10 3.83 -7.23
N ARG A 74 13.60 5.00 -6.88
CA ARG A 74 14.43 5.15 -5.69
C ARG A 74 13.61 5.01 -4.40
N LEU A 75 12.46 5.67 -4.33
CA LEU A 75 11.64 5.66 -3.11
C LEU A 75 11.15 4.25 -2.78
N VAL A 76 10.64 3.55 -3.80
CA VAL A 76 10.16 2.19 -3.60
C VAL A 76 11.27 1.31 -3.05
N ASN A 77 12.45 1.36 -3.67
CA ASN A 77 13.56 0.54 -3.23
C ASN A 77 14.06 0.97 -1.85
N THR A 78 13.94 2.25 -1.52
CA THR A 78 14.41 2.76 -0.23
C THR A 78 13.66 2.11 0.94
N ILE A 79 12.35 2.31 0.99
CA ILE A 79 11.57 1.79 2.12
C ILE A 79 11.37 0.29 1.99
N LEU A 80 11.05 -0.16 0.78
CA LEU A 80 10.66 -1.53 0.58
C LEU A 80 11.85 -2.48 0.57
N LYS A 81 13.07 -1.94 0.58
CA LYS A 81 14.27 -2.76 0.75
C LYS A 81 14.10 -3.68 1.95
N GLU A 82 13.95 -3.07 3.12
CA GLU A 82 13.73 -3.80 4.36
C GLU A 82 12.29 -4.30 4.42
N GLU A 83 11.38 -3.54 3.86
CA GLU A 83 9.95 -3.85 3.91
C GLU A 83 9.66 -5.24 3.35
N LEU A 84 10.12 -5.46 2.13
CA LEU A 84 9.95 -6.73 1.42
C LEU A 84 10.37 -7.93 2.25
N GLN A 85 11.34 -7.76 3.15
CA GLN A 85 11.83 -8.87 3.98
C GLN A 85 10.67 -9.56 4.71
N ASN A 86 9.62 -8.80 4.97
CA ASN A 86 8.49 -9.28 5.74
C ASN A 86 7.46 -9.99 4.86
N ILE A 87 7.67 -9.94 3.55
CA ILE A 87 6.73 -10.52 2.60
C ILE A 87 7.45 -11.51 1.68
N HIS A 88 6.71 -12.40 1.04
CA HIS A 88 7.31 -13.31 0.06
C HIS A 88 7.49 -12.56 -1.26
N ALA A 89 6.41 -12.00 -1.75
CA ALA A 89 6.44 -11.22 -2.98
C ALA A 89 5.46 -10.07 -2.91
N PHE A 90 5.97 -8.86 -2.94
CA PHE A 90 5.12 -7.68 -2.91
C PHE A 90 5.12 -6.99 -4.27
N SER A 91 3.94 -6.72 -4.78
CA SER A 91 3.75 -6.04 -6.04
C SER A 91 3.08 -4.70 -5.78
N MET A 92 3.41 -3.70 -6.58
CA MET A 92 2.82 -2.38 -6.43
C MET A 92 2.29 -1.88 -7.76
N LYS A 93 1.06 -1.41 -7.75
CA LYS A 93 0.45 -0.83 -8.95
C LYS A 93 0.21 0.65 -8.71
N CYS A 94 0.99 1.49 -9.37
CA CYS A 94 0.94 2.93 -9.10
C CYS A 94 -0.05 3.63 -10.01
N HIS A 95 -0.78 4.59 -9.45
CA HIS A 95 -1.71 5.38 -10.22
C HIS A 95 -1.90 6.75 -9.57
N THR A 96 -2.27 7.73 -10.36
CA THR A 96 -2.42 9.09 -9.86
C THR A 96 -3.87 9.41 -9.51
N PRO A 97 -4.06 10.29 -8.51
CA PRO A 97 -5.39 10.64 -7.98
C PRO A 97 -6.23 11.43 -8.98
N LEU A 98 -5.58 12.28 -9.77
CA LEU A 98 -6.29 13.07 -10.77
C LEU A 98 -6.99 12.15 -11.76
N GLU A 99 -6.26 11.17 -12.25
CA GLU A 99 -6.79 10.18 -13.16
C GLU A 99 -7.85 9.32 -12.47
N TYR A 100 -7.65 9.06 -11.18
CA TYR A 100 -8.58 8.26 -10.40
C TYR A 100 -9.90 9.00 -10.17
N ASP A 101 -9.83 10.32 -10.03
CA ASP A 101 -11.01 11.14 -9.78
C ASP A 101 -12.05 10.96 -10.89
N LYS A 102 -11.57 10.79 -12.12
CA LYS A 102 -12.46 10.58 -13.26
C LYS A 102 -13.04 9.17 -13.23
N LEU A 103 -12.27 8.23 -12.66
CA LEU A 103 -12.69 6.85 -12.55
C LEU A 103 -13.85 6.71 -11.57
N LYS A 104 -13.72 7.34 -10.41
CA LYS A 104 -14.76 7.30 -9.40
C LYS A 104 -15.96 8.17 -9.80
N SER A 105 -15.75 9.04 -10.78
CA SER A 105 -16.83 9.85 -11.31
C SER A 105 -17.67 9.06 -12.29
N LYS A 106 -16.99 8.24 -13.11
CA LYS A 106 -17.65 7.39 -14.10
C LYS A 106 -16.67 6.37 -14.67
N GLY A 107 -15.47 6.84 -14.95
CA GLY A 107 -14.44 5.99 -15.51
C GLY A 107 -14.03 6.46 -16.89
N SER A 108 -14.16 7.75 -17.13
CA SER A 108 -13.83 8.34 -18.42
C SER A 108 -13.12 9.67 -18.20
N MET A 1 15.15 -28.33 39.59
CA MET A 1 15.74 -28.71 38.29
C MET A 1 15.55 -27.58 37.29
N GLY A 2 15.98 -27.80 36.05
CA GLY A 2 15.79 -26.79 35.02
C GLY A 2 17.10 -26.16 34.58
N SER A 3 18.18 -26.89 34.75
CA SER A 3 19.49 -26.41 34.33
C SER A 3 19.89 -27.05 33.01
N SER A 4 19.05 -27.97 32.55
CA SER A 4 19.31 -28.71 31.34
C SER A 4 18.34 -28.28 30.24
N HIS A 5 18.79 -28.31 28.99
CA HIS A 5 17.94 -27.88 27.89
C HIS A 5 17.18 -29.06 27.27
N HIS A 6 16.03 -29.38 27.84
CA HIS A 6 15.16 -30.42 27.29
C HIS A 6 13.91 -29.80 26.70
N HIS A 7 13.94 -28.49 26.51
CA HIS A 7 12.79 -27.76 25.98
C HIS A 7 13.22 -26.38 25.48
N HIS A 8 12.62 -25.94 24.39
CA HIS A 8 12.92 -24.63 23.82
C HIS A 8 11.95 -23.59 24.38
N HIS A 9 12.42 -22.35 24.51
CA HIS A 9 11.57 -21.27 25.01
C HIS A 9 10.72 -20.68 23.88
N HIS A 10 10.00 -19.61 24.19
CA HIS A 10 9.10 -18.99 23.24
C HIS A 10 9.76 -17.80 22.55
N SER A 11 9.70 -17.80 21.23
CA SER A 11 10.19 -16.69 20.43
C SER A 11 9.09 -15.64 20.25
N SER A 12 9.08 -14.97 19.09
CA SER A 12 8.05 -13.99 18.80
C SER A 12 6.68 -14.66 18.78
N GLY A 13 5.73 -14.09 19.51
CA GLY A 13 4.42 -14.68 19.64
C GLY A 13 3.99 -14.81 21.08
N ARG A 14 4.88 -14.39 21.98
CA ARG A 14 4.61 -14.43 23.40
C ARG A 14 4.03 -13.10 23.87
N GLU A 15 4.36 -12.05 23.14
CA GLU A 15 3.96 -10.70 23.48
C GLU A 15 2.59 -10.36 22.87
N ASN A 16 1.86 -11.41 22.47
CA ASN A 16 0.53 -11.22 21.89
C ASN A 16 -0.46 -10.75 22.97
N LEU A 17 0.00 -10.78 24.21
CA LEU A 17 -0.79 -10.32 25.34
C LEU A 17 -0.98 -8.80 25.27
N TYR A 18 -0.10 -8.14 24.53
CA TYR A 18 -0.16 -6.71 24.36
C TYR A 18 -0.70 -6.37 22.98
N PHE A 19 -1.50 -5.32 22.88
CA PHE A 19 -2.14 -4.94 21.62
C PHE A 19 -1.10 -4.66 20.53
N GLN A 20 0.00 -4.01 20.91
CA GLN A 20 1.05 -3.67 19.96
C GLN A 20 2.08 -4.79 19.84
N GLY A 21 1.78 -5.92 20.48
CA GLY A 21 2.71 -7.04 20.48
C GLY A 21 2.41 -8.02 19.37
N HIS A 22 1.27 -7.85 18.71
CA HIS A 22 0.88 -8.72 17.62
C HIS A 22 0.06 -7.95 16.59
N MET A 23 0.63 -7.80 15.40
CA MET A 23 -0.05 -7.08 14.34
C MET A 23 -0.02 -7.90 13.06
N CYS A 24 -1.09 -7.81 12.29
CA CYS A 24 -1.20 -8.53 11.03
C CYS A 24 -0.16 -8.05 10.02
N ILE A 25 0.33 -8.97 9.21
CA ILE A 25 1.34 -8.65 8.20
C ILE A 25 0.84 -7.55 7.25
N GLN A 26 -0.46 -7.55 6.99
CA GLN A 26 -1.07 -6.55 6.13
C GLN A 26 -0.98 -5.16 6.77
N LYS A 27 -1.17 -5.11 8.08
CA LYS A 27 -1.21 -3.85 8.81
C LYS A 27 0.16 -3.19 8.83
N VAL A 28 1.20 -3.95 9.13
CA VAL A 28 2.54 -3.40 9.23
C VAL A 28 3.02 -2.87 7.87
N ILE A 29 2.82 -3.67 6.81
CA ILE A 29 3.23 -3.26 5.46
C ILE A 29 2.47 -2.00 5.03
N GLU A 30 1.16 -1.99 5.25
CA GLU A 30 0.33 -0.85 4.86
C GLU A 30 0.78 0.41 5.57
N ASP A 31 1.10 0.28 6.85
CA ASP A 31 1.45 1.43 7.67
C ASP A 31 2.78 2.03 7.24
N LYS A 32 3.71 1.17 6.82
CA LYS A 32 5.04 1.63 6.41
C LYS A 32 4.96 2.50 5.16
N LEU A 33 4.35 1.96 4.11
CA LEU A 33 4.32 2.65 2.83
C LEU A 33 3.37 3.86 2.84
N SER A 34 2.34 3.81 3.68
CA SER A 34 1.40 4.92 3.77
C SER A 34 2.06 6.13 4.41
N SER A 35 2.82 5.90 5.48
CA SER A 35 3.47 6.98 6.20
C SER A 35 4.62 7.58 5.38
N ALA A 36 5.21 6.76 4.51
CA ALA A 36 6.34 7.19 3.69
C ALA A 36 5.89 7.85 2.39
N LEU A 37 5.07 7.15 1.61
CA LEU A 37 4.70 7.62 0.29
C LEU A 37 3.56 8.63 0.34
N LYS A 38 2.68 8.47 1.32
CA LYS A 38 1.48 9.31 1.46
C LYS A 38 0.53 9.11 0.29
N PRO A 39 -0.19 7.98 0.26
CA PRO A 39 -1.18 7.70 -0.76
C PRO A 39 -2.56 8.23 -0.39
N THR A 40 -3.21 8.89 -1.35
CA THR A 40 -4.56 9.37 -1.16
C THR A 40 -5.53 8.18 -1.08
N PHE A 41 -5.17 7.11 -1.78
CA PHE A 41 -5.91 5.86 -1.72
C PHE A 41 -4.94 4.69 -1.75
N LEU A 42 -5.14 3.72 -0.89
CA LEU A 42 -4.25 2.56 -0.81
C LEU A 42 -5.07 1.31 -0.53
N GLU A 43 -4.91 0.30 -1.37
CA GLU A 43 -5.62 -0.96 -1.18
C GLU A 43 -4.69 -2.15 -1.44
N LEU A 44 -4.64 -3.06 -0.47
CA LEU A 44 -3.86 -4.27 -0.62
C LEU A 44 -4.70 -5.37 -1.24
N VAL A 45 -4.33 -5.81 -2.42
CA VAL A 45 -5.09 -6.83 -3.13
C VAL A 45 -4.31 -8.15 -3.16
N ASP A 46 -4.89 -9.18 -2.55
CA ASP A 46 -4.32 -10.51 -2.62
C ASP A 46 -4.91 -11.25 -3.81
N LYS A 47 -4.06 -11.73 -4.70
CA LYS A 47 -4.52 -12.44 -5.87
C LYS A 47 -3.68 -13.68 -6.12
N SER A 48 -4.10 -14.79 -5.52
CA SER A 48 -3.48 -16.10 -5.74
C SER A 48 -1.98 -16.08 -5.48
N CYS A 49 -1.61 -15.78 -4.24
CA CYS A 49 -0.22 -15.80 -3.85
C CYS A 49 0.26 -17.24 -3.68
N GLY A 50 1.15 -17.66 -4.58
CA GLY A 50 1.58 -19.04 -4.59
C GLY A 50 2.62 -19.35 -3.53
N CYS A 51 3.62 -18.49 -3.41
CA CYS A 51 4.71 -18.73 -2.47
C CYS A 51 4.63 -17.79 -1.28
N GLY A 52 4.16 -18.32 -0.16
CA GLY A 52 4.08 -17.54 1.07
C GLY A 52 3.01 -16.46 0.99
N THR A 53 3.44 -15.27 0.62
CA THR A 53 2.52 -14.15 0.52
C THR A 53 3.02 -13.14 -0.51
N SER A 54 2.11 -12.67 -1.34
CA SER A 54 2.42 -11.70 -2.37
C SER A 54 1.21 -10.79 -2.58
N PHE A 55 1.40 -9.50 -2.35
CA PHE A 55 0.30 -8.55 -2.44
C PHE A 55 0.48 -7.62 -3.63
N ASP A 56 -0.60 -7.37 -4.35
CA ASP A 56 -0.61 -6.32 -5.35
C ASP A 56 -1.34 -5.12 -4.76
N ALA A 57 -0.61 -4.07 -4.47
CA ALA A 57 -1.17 -2.94 -3.76
C ALA A 57 -1.42 -1.76 -4.68
N VAL A 58 -2.68 -1.39 -4.79
CA VAL A 58 -3.05 -0.22 -5.58
C VAL A 58 -2.64 1.03 -4.83
N ILE A 59 -1.66 1.72 -5.37
CA ILE A 59 -1.14 2.92 -4.75
C ILE A 59 -1.59 4.14 -5.54
N VAL A 60 -2.50 4.88 -4.95
CA VAL A 60 -3.00 6.10 -5.55
C VAL A 60 -2.46 7.28 -4.75
N SER A 61 -1.47 7.96 -5.29
CA SER A 61 -0.81 9.04 -4.56
C SER A 61 -0.40 10.16 -5.51
N ASN A 62 -0.31 11.36 -4.96
CA ASN A 62 0.18 12.52 -5.69
C ASN A 62 1.67 12.36 -6.00
N ASN A 63 2.33 11.48 -5.26
CA ASN A 63 3.74 11.21 -5.48
C ASN A 63 3.96 10.61 -6.86
N PHE A 64 2.89 10.08 -7.45
CA PHE A 64 2.99 9.44 -8.75
C PHE A 64 2.66 10.42 -9.89
N GLU A 65 1.98 11.52 -9.56
CA GLU A 65 1.56 12.47 -10.61
C GLU A 65 2.77 13.22 -11.15
N ASP A 66 3.85 13.23 -10.37
CA ASP A 66 5.11 13.84 -10.81
C ASP A 66 5.73 13.01 -11.92
N LYS A 67 5.32 11.75 -12.00
CA LYS A 67 5.77 10.83 -13.05
C LYS A 67 7.28 10.57 -12.93
N LYS A 68 7.82 10.85 -11.75
CA LYS A 68 9.24 10.67 -11.48
C LYS A 68 9.56 9.21 -11.22
N LEU A 69 10.11 8.53 -12.22
CA LEU A 69 10.41 7.11 -12.10
C LEU A 69 11.52 6.87 -11.09
N LEU A 70 12.56 7.69 -11.14
CA LEU A 70 13.69 7.55 -10.23
C LEU A 70 13.29 7.89 -8.78
N ASP A 71 12.34 8.80 -8.63
CA ASP A 71 11.90 9.20 -7.29
C ASP A 71 11.06 8.12 -6.63
N ARG A 72 10.12 7.54 -7.37
CA ARG A 72 9.33 6.45 -6.81
C ARG A 72 10.21 5.22 -6.59
N HIS A 73 11.22 5.07 -7.45
CA HIS A 73 12.19 3.99 -7.31
C HIS A 73 12.99 4.14 -6.03
N ARG A 74 13.55 5.33 -5.81
CA ARG A 74 14.39 5.58 -4.64
C ARG A 74 13.58 5.44 -3.35
N LEU A 75 12.34 5.92 -3.37
CA LEU A 75 11.46 5.83 -2.20
C LEU A 75 11.11 4.38 -1.88
N VAL A 76 10.63 3.66 -2.89
CA VAL A 76 10.24 2.28 -2.71
C VAL A 76 11.41 1.44 -2.20
N ASN A 77 12.58 1.61 -2.79
CA ASN A 77 13.74 0.83 -2.36
C ASN A 77 14.09 1.13 -0.90
N THR A 78 14.05 2.40 -0.51
CA THR A 78 14.47 2.81 0.83
C THR A 78 13.65 2.10 1.92
N ILE A 79 12.34 2.21 1.85
CA ILE A 79 11.47 1.65 2.90
C ILE A 79 11.13 0.20 2.61
N LEU A 80 10.70 -0.05 1.38
CA LEU A 80 10.20 -1.36 1.02
C LEU A 80 11.33 -2.37 0.89
N LYS A 81 12.58 -1.94 1.03
CA LYS A 81 13.70 -2.87 1.17
C LYS A 81 13.42 -3.80 2.34
N GLU A 82 13.28 -3.22 3.52
CA GLU A 82 13.00 -3.98 4.73
C GLU A 82 11.61 -4.59 4.66
N GLU A 83 10.69 -3.88 4.01
CA GLU A 83 9.34 -4.37 3.79
C GLU A 83 9.36 -5.74 3.10
N LEU A 84 10.04 -5.80 1.95
CA LEU A 84 10.15 -7.00 1.13
C LEU A 84 10.61 -8.21 1.94
N GLN A 85 11.41 -7.98 2.98
CA GLN A 85 11.96 -9.08 3.77
C GLN A 85 10.87 -10.01 4.29
N ASN A 86 9.65 -9.48 4.43
CA ASN A 86 8.54 -10.26 4.98
C ASN A 86 7.54 -10.65 3.88
N ILE A 87 7.90 -10.38 2.63
CA ILE A 87 7.03 -10.67 1.50
C ILE A 87 7.80 -11.46 0.45
N HIS A 88 7.10 -12.21 -0.39
CA HIS A 88 7.76 -12.92 -1.47
C HIS A 88 7.85 -12.01 -2.69
N ALA A 89 6.70 -11.58 -3.21
CA ALA A 89 6.68 -10.69 -4.34
C ALA A 89 5.62 -9.61 -4.16
N PHE A 90 6.06 -8.46 -3.66
CA PHE A 90 5.17 -7.32 -3.50
C PHE A 90 5.07 -6.54 -4.80
N SER A 91 3.87 -6.45 -5.35
CA SER A 91 3.63 -5.68 -6.55
C SER A 91 2.76 -4.47 -6.22
N MET A 92 2.83 -3.44 -7.06
CA MET A 92 2.05 -2.24 -6.82
C MET A 92 1.38 -1.78 -8.11
N LYS A 93 0.13 -1.37 -8.00
CA LYS A 93 -0.60 -0.82 -9.12
C LYS A 93 -0.65 0.69 -8.97
N CYS A 94 0.08 1.40 -9.81
CA CYS A 94 0.28 2.84 -9.63
C CYS A 94 -0.82 3.65 -10.30
N HIS A 95 -1.43 4.55 -9.53
CA HIS A 95 -2.41 5.48 -10.07
C HIS A 95 -2.37 6.81 -9.31
N THR A 96 -2.91 7.83 -9.92
CA THR A 96 -3.02 9.15 -9.30
C THR A 96 -4.47 9.45 -8.94
N PRO A 97 -4.69 10.39 -7.99
CA PRO A 97 -6.04 10.82 -7.61
C PRO A 97 -6.81 11.39 -8.80
N LEU A 98 -6.08 11.91 -9.78
CA LEU A 98 -6.68 12.44 -10.99
C LEU A 98 -7.38 11.31 -11.75
N GLU A 99 -6.67 10.21 -11.94
CA GLU A 99 -7.24 9.03 -12.59
C GLU A 99 -8.43 8.51 -11.79
N TYR A 100 -8.23 8.39 -10.49
CA TYR A 100 -9.26 7.86 -9.60
C TYR A 100 -10.52 8.72 -9.64
N ASP A 101 -10.34 10.03 -9.70
CA ASP A 101 -11.48 10.97 -9.75
C ASP A 101 -12.33 10.71 -10.98
N LYS A 102 -11.68 10.39 -12.09
CA LYS A 102 -12.39 10.09 -13.33
C LYS A 102 -13.09 8.74 -13.22
N LEU A 103 -12.49 7.82 -12.47
CA LEU A 103 -13.08 6.50 -12.26
C LEU A 103 -14.39 6.62 -11.48
N LYS A 104 -14.42 7.48 -10.47
CA LYS A 104 -15.64 7.73 -9.71
C LYS A 104 -16.70 8.34 -10.61
N SER A 105 -16.26 9.28 -11.43
CA SER A 105 -17.14 10.06 -12.27
C SER A 105 -17.74 9.22 -13.39
N LYS A 106 -16.92 8.85 -14.37
CA LYS A 106 -17.41 8.11 -15.53
C LYS A 106 -17.12 6.62 -15.39
N GLY A 107 -15.98 6.30 -14.82
CA GLY A 107 -15.59 4.92 -14.67
C GLY A 107 -14.44 4.55 -15.58
N SER A 108 -13.81 5.56 -16.15
CA SER A 108 -12.67 5.38 -17.03
C SER A 108 -11.84 6.65 -17.05
N MET A 1 -13.82 2.07 55.35
CA MET A 1 -13.25 1.43 56.56
C MET A 1 -11.81 1.04 56.30
N GLY A 2 -11.63 -0.10 55.65
CA GLY A 2 -10.31 -0.50 55.19
C GLY A 2 -10.17 -0.25 53.71
N SER A 3 -9.35 0.73 53.36
CA SER A 3 -9.15 1.12 51.98
C SER A 3 -8.80 -0.10 51.11
N SER A 4 -9.72 -0.49 50.25
CA SER A 4 -9.53 -1.65 49.41
C SER A 4 -8.63 -1.31 48.22
N HIS A 5 -7.47 -1.94 48.18
CA HIS A 5 -6.50 -1.69 47.12
C HIS A 5 -6.47 -2.84 46.13
N HIS A 6 -5.71 -2.67 45.05
CA HIS A 6 -5.69 -3.66 43.99
C HIS A 6 -4.45 -4.53 44.10
N HIS A 7 -4.58 -5.80 43.75
CA HIS A 7 -3.44 -6.70 43.74
C HIS A 7 -2.86 -6.77 42.34
N HIS A 8 -1.56 -7.03 42.26
CA HIS A 8 -0.87 -7.00 40.98
C HIS A 8 -1.28 -8.18 40.11
N HIS A 9 -1.73 -7.89 38.91
CA HIS A 9 -2.16 -8.92 37.97
C HIS A 9 -1.20 -8.97 36.79
N HIS A 10 -1.36 -9.97 35.93
CA HIS A 10 -0.53 -10.07 34.75
C HIS A 10 -1.17 -9.33 33.57
N SER A 11 -0.47 -8.34 33.06
CA SER A 11 -0.94 -7.57 31.94
C SER A 11 -0.42 -8.19 30.63
N SER A 12 -1.05 -7.85 29.52
CA SER A 12 -0.67 -8.43 28.23
C SER A 12 0.44 -7.63 27.57
N GLY A 13 1.00 -6.70 28.33
CA GLY A 13 2.11 -5.91 27.86
C GLY A 13 3.43 -6.61 28.09
N ARG A 14 3.34 -7.89 28.44
CA ARG A 14 4.50 -8.71 28.74
C ARG A 14 5.27 -9.08 27.47
N GLU A 15 4.53 -9.29 26.38
CA GLU A 15 5.13 -9.74 25.14
C GLU A 15 4.90 -8.74 24.02
N ASN A 16 5.42 -7.55 24.23
CA ASN A 16 5.35 -6.47 23.24
C ASN A 16 6.54 -6.54 22.29
N LEU A 17 7.36 -7.57 22.46
CA LEU A 17 8.58 -7.72 21.69
C LEU A 17 8.30 -8.18 20.26
N TYR A 18 7.24 -8.96 20.08
CA TYR A 18 6.93 -9.51 18.77
C TYR A 18 6.19 -8.48 17.93
N PHE A 19 6.94 -7.66 17.22
CA PHE A 19 6.34 -6.61 16.38
C PHE A 19 5.94 -7.18 15.03
N GLN A 20 6.41 -8.39 14.73
CA GLN A 20 6.01 -9.09 13.52
C GLN A 20 5.61 -10.52 13.87
N GLY A 21 5.44 -10.75 15.16
CA GLY A 21 5.24 -12.12 15.64
C GLY A 21 3.79 -12.51 15.78
N HIS A 22 2.97 -11.66 16.38
CA HIS A 22 1.59 -12.03 16.66
C HIS A 22 0.62 -10.97 16.17
N MET A 23 1.08 -10.10 15.28
CA MET A 23 0.23 -9.06 14.71
C MET A 23 0.13 -9.27 13.20
N CYS A 24 -0.93 -8.73 12.61
CA CYS A 24 -1.17 -8.87 11.17
C CYS A 24 -0.02 -8.25 10.37
N ILE A 25 0.80 -9.10 9.76
CA ILE A 25 1.96 -8.64 8.99
C ILE A 25 1.52 -7.73 7.85
N GLN A 26 0.31 -7.96 7.33
CA GLN A 26 -0.24 -7.13 6.27
C GLN A 26 -0.36 -5.68 6.73
N LYS A 27 -0.83 -5.50 7.94
CA LYS A 27 -1.00 -4.17 8.51
C LYS A 27 0.36 -3.50 8.75
N VAL A 28 1.34 -4.29 9.17
CA VAL A 28 2.69 -3.77 9.39
C VAL A 28 3.24 -3.13 8.12
N ILE A 29 3.19 -3.87 7.03
CA ILE A 29 3.66 -3.37 5.74
C ILE A 29 2.81 -2.19 5.27
N GLU A 30 1.49 -2.36 5.35
CA GLU A 30 0.55 -1.32 4.92
C GLU A 30 0.84 0.00 5.62
N ASP A 31 0.92 -0.05 6.94
CA ASP A 31 1.08 1.16 7.74
C ASP A 31 2.44 1.81 7.47
N LYS A 32 3.43 0.99 7.16
CA LYS A 32 4.77 1.50 6.91
C LYS A 32 4.84 2.29 5.60
N LEU A 33 4.44 1.66 4.50
CA LEU A 33 4.50 2.33 3.20
C LEU A 33 3.43 3.43 3.09
N SER A 34 2.35 3.28 3.85
CA SER A 34 1.29 4.29 3.86
C SER A 34 1.80 5.58 4.48
N SER A 35 2.56 5.45 5.57
CA SER A 35 3.11 6.62 6.24
C SER A 35 4.23 7.25 5.41
N ALA A 36 4.89 6.44 4.59
CA ALA A 36 6.00 6.90 3.78
C ALA A 36 5.51 7.60 2.51
N LEU A 37 4.64 6.95 1.77
CA LEU A 37 4.17 7.48 0.50
C LEU A 37 3.01 8.46 0.70
N LYS A 38 2.10 8.09 1.61
CA LYS A 38 0.88 8.85 1.87
C LYS A 38 0.05 9.02 0.59
N PRO A 39 -0.76 8.02 0.27
CA PRO A 39 -1.62 8.02 -0.91
C PRO A 39 -3.01 8.56 -0.63
N THR A 40 -3.63 9.14 -1.64
CA THR A 40 -5.00 9.62 -1.54
C THR A 40 -5.97 8.43 -1.63
N PHE A 41 -5.52 7.38 -2.31
CA PHE A 41 -6.25 6.14 -2.38
C PHE A 41 -5.26 4.98 -2.33
N LEU A 42 -5.53 3.99 -1.50
CA LEU A 42 -4.66 2.83 -1.37
C LEU A 42 -5.47 1.57 -1.18
N GLU A 43 -5.31 0.61 -2.07
CA GLU A 43 -6.01 -0.66 -1.97
C GLU A 43 -5.03 -1.83 -1.97
N LEU A 44 -4.98 -2.55 -0.86
CA LEU A 44 -4.19 -3.76 -0.76
C LEU A 44 -5.00 -4.93 -1.29
N VAL A 45 -4.55 -5.52 -2.37
CA VAL A 45 -5.27 -6.62 -2.99
C VAL A 45 -4.57 -7.95 -2.72
N ASP A 46 -5.23 -8.81 -1.96
CA ASP A 46 -4.71 -10.14 -1.71
C ASP A 46 -4.86 -11.00 -2.95
N LYS A 47 -3.75 -11.25 -3.62
CA LYS A 47 -3.73 -12.10 -4.80
C LYS A 47 -2.59 -13.10 -4.69
N SER A 48 -2.92 -14.30 -4.26
CA SER A 48 -1.92 -15.36 -4.12
C SER A 48 -1.34 -15.73 -5.49
N CYS A 49 -0.08 -15.39 -5.67
CA CYS A 49 0.62 -15.67 -6.91
C CYS A 49 1.08 -17.13 -6.94
N GLY A 50 0.97 -17.79 -5.79
CA GLY A 50 1.36 -19.19 -5.69
C GLY A 50 1.71 -19.59 -4.28
N CYS A 51 2.70 -18.91 -3.70
CA CYS A 51 3.19 -19.22 -2.37
C CYS A 51 2.17 -18.81 -1.30
N GLY A 52 1.43 -17.75 -1.57
CA GLY A 52 0.47 -17.26 -0.62
C GLY A 52 0.83 -15.89 -0.10
N THR A 53 2.10 -15.71 0.24
CA THR A 53 2.59 -14.44 0.75
C THR A 53 2.89 -13.47 -0.40
N SER A 54 1.85 -13.11 -1.13
CA SER A 54 1.97 -12.21 -2.26
C SER A 54 0.85 -11.18 -2.25
N PHE A 55 1.22 -9.91 -2.12
CA PHE A 55 0.26 -8.83 -2.04
C PHE A 55 0.53 -7.79 -3.10
N ASP A 56 -0.53 -7.32 -3.74
CA ASP A 56 -0.41 -6.29 -4.76
C ASP A 56 -1.10 -5.02 -4.28
N ALA A 57 -0.35 -3.93 -4.24
CA ALA A 57 -0.86 -2.69 -3.68
C ALA A 57 -1.14 -1.65 -4.76
N VAL A 58 -2.40 -1.29 -4.90
CA VAL A 58 -2.79 -0.22 -5.80
C VAL A 58 -2.61 1.12 -5.09
N ILE A 59 -1.64 1.90 -5.55
CA ILE A 59 -1.29 3.14 -4.90
C ILE A 59 -1.66 4.33 -5.78
N VAL A 60 -2.60 5.12 -5.28
CA VAL A 60 -3.03 6.34 -5.95
C VAL A 60 -2.66 7.54 -5.09
N SER A 61 -1.66 8.30 -5.50
CA SER A 61 -1.17 9.38 -4.66
C SER A 61 -0.67 10.58 -5.47
N ASN A 62 -0.73 11.76 -4.84
CA ASN A 62 -0.15 12.98 -5.39
C ASN A 62 1.36 12.89 -5.42
N ASN A 63 1.91 12.01 -4.59
CA ASN A 63 3.35 11.82 -4.52
C ASN A 63 3.87 11.23 -5.83
N PHE A 64 2.97 10.55 -6.55
CA PHE A 64 3.30 9.97 -7.84
C PHE A 64 2.75 10.82 -8.97
N GLU A 65 2.04 11.88 -8.63
CA GLU A 65 1.38 12.70 -9.62
C GLU A 65 2.42 13.51 -10.38
N ASP A 66 3.49 13.90 -9.69
CA ASP A 66 4.59 14.62 -10.31
C ASP A 66 5.25 13.74 -11.37
N LYS A 67 4.93 12.45 -11.31
CA LYS A 67 5.36 11.47 -12.31
C LYS A 67 6.89 11.33 -12.34
N LYS A 68 7.44 11.14 -11.15
CA LYS A 68 8.88 10.96 -11.00
C LYS A 68 9.26 9.49 -11.12
N LEU A 69 9.67 9.08 -12.31
CA LEU A 69 10.04 7.70 -12.59
C LEU A 69 11.14 7.21 -11.64
N LEU A 70 12.30 7.82 -11.74
CA LEU A 70 13.45 7.38 -10.96
C LEU A 70 13.25 7.59 -9.46
N ASP A 71 12.47 8.62 -9.10
CA ASP A 71 12.28 8.95 -7.70
C ASP A 71 11.35 7.96 -7.01
N ARG A 72 10.33 7.47 -7.72
CA ARG A 72 9.47 6.45 -7.13
C ARG A 72 10.25 5.14 -7.02
N HIS A 73 11.15 4.92 -7.97
CA HIS A 73 11.98 3.73 -7.98
C HIS A 73 12.90 3.70 -6.76
N ARG A 74 13.59 4.81 -6.53
CA ARG A 74 14.53 4.93 -5.43
C ARG A 74 13.81 4.94 -4.07
N LEU A 75 12.68 5.64 -4.00
CA LEU A 75 11.93 5.77 -2.76
C LEU A 75 11.39 4.41 -2.32
N VAL A 76 10.77 3.70 -3.25
CA VAL A 76 10.25 2.36 -2.98
C VAL A 76 11.36 1.45 -2.46
N ASN A 77 12.49 1.43 -3.15
CA ASN A 77 13.61 0.58 -2.77
C ASN A 77 14.12 0.94 -1.37
N THR A 78 14.05 2.22 -1.02
CA THR A 78 14.55 2.68 0.28
C THR A 78 13.76 2.06 1.44
N ILE A 79 12.43 2.24 1.44
CA ILE A 79 11.61 1.71 2.54
C ILE A 79 11.40 0.20 2.38
N LEU A 80 11.06 -0.22 1.17
CA LEU A 80 10.75 -1.60 0.91
C LEU A 80 11.98 -2.48 0.92
N LYS A 81 13.17 -1.88 1.09
CA LYS A 81 14.37 -2.67 1.32
C LYS A 81 14.13 -3.66 2.46
N GLU A 82 13.87 -3.14 3.65
CA GLU A 82 13.57 -3.99 4.80
C GLU A 82 12.14 -4.53 4.70
N GLU A 83 11.23 -3.72 4.18
CA GLU A 83 9.82 -4.09 4.10
C GLU A 83 9.63 -5.40 3.32
N LEU A 84 10.29 -5.51 2.17
CA LEU A 84 10.17 -6.67 1.28
C LEU A 84 10.49 -7.97 1.99
N GLN A 85 11.39 -7.92 2.97
CA GLN A 85 11.87 -9.15 3.63
C GLN A 85 10.70 -9.96 4.20
N ASN A 86 9.59 -9.29 4.47
CA ASN A 86 8.44 -9.93 5.09
C ASN A 86 7.47 -10.49 4.05
N ILE A 87 7.76 -10.22 2.79
CA ILE A 87 6.88 -10.63 1.70
C ILE A 87 7.64 -11.47 0.69
N HIS A 88 7.03 -12.55 0.22
CA HIS A 88 7.66 -13.39 -0.79
C HIS A 88 7.58 -12.70 -2.14
N ALA A 89 6.40 -12.22 -2.48
CA ALA A 89 6.20 -11.54 -3.75
C ALA A 89 5.26 -10.34 -3.60
N PHE A 90 5.85 -9.16 -3.45
CA PHE A 90 5.06 -7.94 -3.39
C PHE A 90 4.95 -7.33 -4.79
N SER A 91 3.81 -6.73 -5.07
CA SER A 91 3.58 -6.03 -6.32
C SER A 91 2.91 -4.69 -6.06
N MET A 92 2.96 -3.79 -7.03
CA MET A 92 2.37 -2.47 -6.86
C MET A 92 1.79 -1.97 -8.18
N LYS A 93 0.73 -1.18 -8.07
CA LYS A 93 0.15 -0.52 -9.23
C LYS A 93 0.08 0.97 -8.96
N CYS A 94 0.92 1.74 -9.66
CA CYS A 94 1.05 3.16 -9.39
C CYS A 94 0.13 4.00 -10.29
N HIS A 95 -0.70 4.82 -9.67
CA HIS A 95 -1.58 5.73 -10.41
C HIS A 95 -1.82 7.01 -9.63
N THR A 96 -2.52 7.94 -10.26
CA THR A 96 -2.77 9.25 -9.65
C THR A 96 -4.26 9.47 -9.42
N PRO A 97 -4.59 10.46 -8.57
CA PRO A 97 -5.98 10.82 -8.28
C PRO A 97 -6.75 11.20 -9.55
N LEU A 98 -6.02 11.57 -10.61
CA LEU A 98 -6.66 11.90 -11.87
C LEU A 98 -7.38 10.69 -12.42
N GLU A 99 -6.69 9.56 -12.50
CA GLU A 99 -7.31 8.33 -12.96
C GLU A 99 -8.46 7.93 -12.05
N TYR A 100 -8.22 7.98 -10.73
CA TYR A 100 -9.25 7.56 -9.79
C TYR A 100 -10.46 8.49 -9.79
N ASP A 101 -10.20 9.80 -9.85
CA ASP A 101 -11.28 10.78 -9.84
C ASP A 101 -12.14 10.65 -11.08
N LYS A 102 -11.51 10.27 -12.20
CA LYS A 102 -12.25 10.06 -13.43
C LYS A 102 -13.06 8.77 -13.38
N LEU A 103 -12.69 7.86 -12.48
CA LEU A 103 -13.46 6.65 -12.27
C LEU A 103 -14.79 6.99 -11.59
N LYS A 104 -14.70 7.75 -10.50
CA LYS A 104 -15.89 8.23 -9.81
C LYS A 104 -16.63 9.26 -10.68
N SER A 105 -15.91 9.89 -11.60
CA SER A 105 -16.50 10.85 -12.52
C SER A 105 -17.30 10.11 -13.61
N LYS A 106 -16.61 9.51 -14.57
CA LYS A 106 -17.26 8.78 -15.64
C LYS A 106 -17.30 7.28 -15.34
N GLY A 107 -16.14 6.71 -15.04
CA GLY A 107 -16.08 5.28 -14.74
C GLY A 107 -15.40 4.48 -15.84
N SER A 108 -15.02 5.15 -16.91
CA SER A 108 -14.35 4.49 -18.02
C SER A 108 -12.97 5.10 -18.22
N MET A 1 47.78 13.88 -7.18
CA MET A 1 48.59 12.75 -6.65
C MET A 1 48.86 12.96 -5.17
N GLY A 2 48.23 12.14 -4.35
CA GLY A 2 48.27 12.37 -2.92
C GLY A 2 47.13 13.26 -2.49
N SER A 3 46.24 13.53 -3.44
CA SER A 3 45.11 14.42 -3.21
C SER A 3 43.87 13.61 -2.87
N SER A 4 43.71 13.31 -1.60
CA SER A 4 42.57 12.53 -1.14
C SER A 4 41.30 13.37 -1.14
N HIS A 5 40.22 12.80 -1.64
CA HIS A 5 38.94 13.50 -1.72
C HIS A 5 37.94 12.85 -0.77
N HIS A 6 37.47 13.59 0.21
CA HIS A 6 36.57 13.03 1.20
C HIS A 6 35.25 13.78 1.27
N HIS A 7 34.24 13.23 0.62
CA HIS A 7 32.89 13.74 0.77
C HIS A 7 32.30 13.25 2.08
N HIS A 8 31.64 14.14 2.79
CA HIS A 8 31.02 13.79 4.05
C HIS A 8 29.73 13.02 3.81
N HIS A 9 29.71 11.77 4.22
CA HIS A 9 28.50 10.97 4.09
C HIS A 9 27.70 11.04 5.38
N HIS A 10 26.40 11.15 5.26
CA HIS A 10 25.54 11.23 6.42
C HIS A 10 25.04 9.85 6.80
N SER A 11 25.69 9.24 7.77
CA SER A 11 25.30 7.92 8.24
C SER A 11 23.95 8.03 8.95
N SER A 12 23.01 7.20 8.55
CA SER A 12 21.66 7.27 9.07
C SER A 12 21.33 6.02 9.87
N GLY A 13 20.42 6.16 10.82
CA GLY A 13 20.03 5.04 11.66
C GLY A 13 19.41 5.51 12.95
N ARG A 14 18.26 6.15 12.85
CA ARG A 14 17.58 6.69 14.02
C ARG A 14 16.56 5.68 14.54
N GLU A 15 15.70 5.23 13.63
CA GLU A 15 14.68 4.25 13.97
C GLU A 15 15.20 2.84 13.73
N ASN A 16 16.52 2.72 13.73
CA ASN A 16 17.19 1.43 13.42
C ASN A 16 16.98 0.38 14.52
N LEU A 17 16.20 0.73 15.54
CA LEU A 17 15.88 -0.21 16.61
C LEU A 17 14.39 -0.53 16.61
N TYR A 18 13.62 0.23 15.84
CA TYR A 18 12.18 0.21 15.95
C TYR A 18 11.54 -0.27 14.64
N PHE A 19 11.06 -1.50 14.66
CA PHE A 19 10.39 -2.07 13.50
C PHE A 19 8.87 -2.01 13.64
N GLN A 20 8.41 -1.69 14.86
CA GLN A 20 6.97 -1.54 15.14
C GLN A 20 6.19 -2.82 14.83
N GLY A 21 6.76 -3.96 15.18
CA GLY A 21 6.13 -5.24 14.87
C GLY A 21 5.04 -5.62 15.86
N HIS A 22 4.36 -4.62 16.40
CA HIS A 22 3.26 -4.86 17.33
C HIS A 22 1.91 -4.74 16.60
N MET A 23 1.99 -4.66 15.28
CA MET A 23 0.80 -4.62 14.45
C MET A 23 0.69 -5.92 13.66
N CYS A 24 -0.46 -6.17 13.06
CA CYS A 24 -0.64 -7.33 12.19
C CYS A 24 0.28 -7.22 10.98
N ILE A 25 0.76 -8.36 10.48
CA ILE A 25 1.74 -8.40 9.40
C ILE A 25 1.34 -7.50 8.22
N GLN A 26 0.08 -7.62 7.78
CA GLN A 26 -0.42 -6.84 6.66
C GLN A 26 -0.39 -5.35 7.01
N LYS A 27 -0.84 -5.02 8.21
CA LYS A 27 -0.91 -3.64 8.66
C LYS A 27 0.48 -3.03 8.76
N VAL A 28 1.46 -3.83 9.18
CA VAL A 28 2.84 -3.35 9.30
C VAL A 28 3.34 -2.85 7.95
N ILE A 29 3.26 -3.71 6.94
CA ILE A 29 3.73 -3.33 5.60
C ILE A 29 2.84 -2.22 5.02
N GLU A 30 1.54 -2.37 5.21
CA GLU A 30 0.56 -1.42 4.67
C GLU A 30 0.81 -0.01 5.18
N ASP A 31 0.92 0.14 6.50
CA ASP A 31 1.01 1.46 7.12
C ASP A 31 2.37 2.08 6.88
N LYS A 32 3.39 1.24 6.79
CA LYS A 32 4.76 1.69 6.56
C LYS A 32 4.88 2.43 5.22
N LEU A 33 4.47 1.78 4.14
CA LEU A 33 4.56 2.40 2.83
C LEU A 33 3.54 3.54 2.69
N SER A 34 2.45 3.44 3.44
CA SER A 34 1.46 4.50 3.47
C SER A 34 2.02 5.74 4.15
N SER A 35 2.85 5.54 5.16
CA SER A 35 3.54 6.65 5.81
C SER A 35 4.61 7.25 4.90
N ALA A 36 5.25 6.39 4.10
CA ALA A 36 6.33 6.81 3.23
C ALA A 36 5.82 7.61 2.04
N LEU A 37 4.89 7.05 1.28
CA LEU A 37 4.38 7.70 0.07
C LEU A 37 3.19 8.60 0.39
N LYS A 38 2.45 8.22 1.43
CA LYS A 38 1.32 9.00 1.92
C LYS A 38 0.23 9.14 0.85
N PRO A 39 -0.58 8.09 0.66
CA PRO A 39 -1.61 8.05 -0.36
C PRO A 39 -2.98 8.47 0.16
N THR A 40 -3.86 8.84 -0.78
CA THR A 40 -5.24 9.13 -0.46
C THR A 40 -6.04 7.84 -0.45
N PHE A 41 -5.72 6.99 -1.43
CA PHE A 41 -6.34 5.68 -1.53
C PHE A 41 -5.24 4.62 -1.53
N LEU A 42 -5.38 3.63 -0.67
CA LEU A 42 -4.39 2.57 -0.54
C LEU A 42 -5.10 1.25 -0.33
N GLU A 43 -4.95 0.34 -1.26
CA GLU A 43 -5.63 -0.95 -1.19
C GLU A 43 -4.67 -2.10 -1.43
N LEU A 44 -4.74 -3.11 -0.57
CA LEU A 44 -3.99 -4.33 -0.76
C LEU A 44 -4.93 -5.47 -1.14
N VAL A 45 -4.77 -5.98 -2.34
CA VAL A 45 -5.58 -7.11 -2.79
C VAL A 45 -4.77 -8.39 -2.81
N ASP A 46 -5.45 -9.50 -2.57
CA ASP A 46 -4.80 -10.81 -2.63
C ASP A 46 -4.33 -11.10 -4.05
N LYS A 47 -3.04 -11.30 -4.19
CA LYS A 47 -2.46 -11.63 -5.48
C LYS A 47 -1.77 -12.98 -5.39
N SER A 48 -2.52 -14.03 -5.65
CA SER A 48 -2.01 -15.39 -5.49
C SER A 48 -0.81 -15.65 -6.41
N CYS A 49 0.38 -15.61 -5.83
CA CYS A 49 1.58 -15.97 -6.55
C CYS A 49 2.06 -17.35 -6.08
N GLY A 50 2.49 -17.44 -4.83
CA GLY A 50 2.88 -18.74 -4.29
C GLY A 50 3.83 -18.63 -3.11
N CYS A 51 3.67 -19.55 -2.17
CA CYS A 51 4.56 -19.69 -1.02
C CYS A 51 4.66 -18.42 -0.19
N GLY A 52 3.72 -18.23 0.73
CA GLY A 52 3.77 -17.10 1.62
C GLY A 52 2.87 -15.97 1.18
N THR A 53 3.13 -14.77 1.69
CA THR A 53 2.30 -13.62 1.39
C THR A 53 2.59 -13.06 -0.01
N SER A 54 1.53 -12.77 -0.73
CA SER A 54 1.64 -12.15 -2.04
C SER A 54 0.49 -11.16 -2.24
N PHE A 55 0.82 -9.88 -2.34
CA PHE A 55 -0.19 -8.84 -2.37
C PHE A 55 0.03 -7.86 -3.51
N ASP A 56 -1.06 -7.35 -4.04
CA ASP A 56 -1.01 -6.30 -5.05
C ASP A 56 -1.53 -5.01 -4.42
N ALA A 57 -0.69 -3.98 -4.37
CA ALA A 57 -1.07 -2.75 -3.71
C ALA A 57 -1.34 -1.64 -4.70
N VAL A 58 -2.54 -1.09 -4.62
CA VAL A 58 -2.90 0.06 -5.43
C VAL A 58 -2.66 1.34 -4.63
N ILE A 59 -1.66 2.12 -5.05
CA ILE A 59 -1.31 3.33 -4.35
C ILE A 59 -1.71 4.56 -5.16
N VAL A 60 -2.63 5.32 -4.60
CA VAL A 60 -3.09 6.56 -5.20
C VAL A 60 -2.63 7.73 -4.31
N SER A 61 -1.63 8.47 -4.76
CA SER A 61 -1.02 9.49 -3.92
C SER A 61 -0.58 10.71 -4.73
N ASN A 62 -0.51 11.85 -4.04
CA ASN A 62 0.06 13.07 -4.61
C ASN A 62 1.56 12.90 -4.84
N ASN A 63 2.17 11.93 -4.18
CA ASN A 63 3.60 11.71 -4.29
C ASN A 63 3.97 11.17 -5.67
N PHE A 64 2.97 11.04 -6.54
CA PHE A 64 3.20 10.54 -7.90
C PHE A 64 2.68 11.53 -8.95
N GLU A 65 2.20 12.69 -8.50
CA GLU A 65 1.62 13.67 -9.44
C GLU A 65 2.70 14.38 -10.24
N ASP A 66 3.95 14.19 -9.86
CA ASP A 66 5.07 14.81 -10.55
C ASP A 66 5.51 13.93 -11.70
N LYS A 67 4.98 12.71 -11.75
CA LYS A 67 5.18 11.78 -12.85
C LYS A 67 6.65 11.35 -12.96
N LYS A 68 7.37 11.42 -11.85
CA LYS A 68 8.76 10.98 -11.83
C LYS A 68 8.81 9.53 -11.35
N LEU A 69 8.73 8.60 -12.29
CA LEU A 69 8.65 7.18 -11.97
C LEU A 69 9.97 6.68 -11.40
N LEU A 70 11.07 7.29 -11.82
CA LEU A 70 12.37 6.93 -11.29
C LEU A 70 12.49 7.32 -9.82
N ASP A 71 11.85 8.43 -9.45
CA ASP A 71 11.85 8.88 -8.07
C ASP A 71 10.94 8.00 -7.24
N ARG A 72 9.79 7.64 -7.81
CA ARG A 72 8.88 6.69 -7.18
C ARG A 72 9.61 5.36 -6.94
N HIS A 73 10.34 4.92 -7.96
CA HIS A 73 11.12 3.69 -7.89
C HIS A 73 12.13 3.74 -6.74
N ARG A 74 12.97 4.76 -6.73
CA ARG A 74 14.04 4.87 -5.73
C ARG A 74 13.49 4.93 -4.31
N LEU A 75 12.41 5.69 -4.10
CA LEU A 75 11.81 5.83 -2.78
C LEU A 75 11.27 4.49 -2.29
N VAL A 76 10.46 3.85 -3.14
CA VAL A 76 9.88 2.56 -2.82
C VAL A 76 10.96 1.54 -2.45
N ASN A 77 12.01 1.49 -3.26
CA ASN A 77 13.09 0.53 -3.02
C ASN A 77 13.81 0.81 -1.70
N THR A 78 13.86 2.08 -1.31
CA THR A 78 14.55 2.47 -0.09
C THR A 78 13.86 1.91 1.16
N ILE A 79 12.54 2.09 1.25
CA ILE A 79 11.79 1.60 2.40
C ILE A 79 11.53 0.09 2.26
N LEU A 80 11.08 -0.32 1.08
CA LEU A 80 10.70 -1.70 0.86
C LEU A 80 11.92 -2.61 0.78
N LYS A 81 13.12 -2.04 0.82
CA LYS A 81 14.34 -2.82 0.93
C LYS A 81 14.21 -3.82 2.09
N GLU A 82 14.09 -3.32 3.30
CA GLU A 82 13.87 -4.19 4.45
C GLU A 82 12.43 -4.70 4.47
N GLU A 83 11.51 -3.83 4.08
CA GLU A 83 10.08 -4.11 4.14
C GLU A 83 9.70 -5.43 3.44
N LEU A 84 10.10 -5.52 2.18
CA LEU A 84 9.78 -6.66 1.31
C LEU A 84 10.12 -8.01 1.95
N GLN A 85 11.14 -8.06 2.81
CA GLN A 85 11.58 -9.34 3.40
C GLN A 85 10.41 -10.11 4.02
N ASN A 86 9.37 -9.38 4.44
CA ASN A 86 8.22 -9.99 5.08
C ASN A 86 7.29 -10.64 4.05
N ILE A 87 7.35 -10.14 2.82
CA ILE A 87 6.48 -10.60 1.75
C ILE A 87 7.25 -11.52 0.83
N HIS A 88 6.55 -12.38 0.10
CA HIS A 88 7.21 -13.26 -0.86
C HIS A 88 7.09 -12.67 -2.26
N ALA A 89 5.95 -12.07 -2.54
CA ALA A 89 5.73 -11.45 -3.84
C ALA A 89 4.83 -10.23 -3.71
N PHE A 90 5.45 -9.06 -3.64
CA PHE A 90 4.71 -7.81 -3.54
C PHE A 90 4.64 -7.12 -4.90
N SER A 91 3.47 -6.62 -5.25
CA SER A 91 3.28 -5.88 -6.49
C SER A 91 2.65 -4.53 -6.16
N MET A 92 2.89 -3.52 -7.00
CA MET A 92 2.36 -2.19 -6.73
C MET A 92 1.95 -1.49 -8.01
N LYS A 93 0.77 -0.87 -7.98
CA LYS A 93 0.29 -0.05 -9.09
C LYS A 93 0.13 1.38 -8.63
N CYS A 94 0.99 2.25 -9.10
CA CYS A 94 0.98 3.64 -8.68
C CYS A 94 0.13 4.51 -9.60
N HIS A 95 -0.76 5.29 -9.01
CA HIS A 95 -1.61 6.20 -9.76
C HIS A 95 -1.82 7.49 -8.96
N THR A 96 -2.36 8.50 -9.62
CA THR A 96 -2.67 9.75 -8.96
C THR A 96 -4.16 9.82 -8.68
N PRO A 97 -4.58 10.68 -7.73
CA PRO A 97 -6.01 10.90 -7.45
C PRO A 97 -6.73 11.41 -8.69
N LEU A 98 -5.99 12.13 -9.54
CA LEU A 98 -6.52 12.62 -10.80
C LEU A 98 -6.79 11.46 -11.74
N GLU A 99 -5.83 10.54 -11.84
CA GLU A 99 -5.99 9.36 -12.67
C GLU A 99 -7.15 8.50 -12.18
N TYR A 100 -7.25 8.36 -10.86
CA TYR A 100 -8.33 7.62 -10.24
C TYR A 100 -9.67 8.31 -10.49
N ASP A 101 -9.64 9.64 -10.58
CA ASP A 101 -10.83 10.45 -10.80
C ASP A 101 -11.52 10.07 -12.11
N LYS A 102 -10.73 9.75 -13.13
CA LYS A 102 -11.29 9.30 -14.40
C LYS A 102 -12.05 7.99 -14.23
N LEU A 103 -11.45 7.06 -13.49
CA LEU A 103 -12.02 5.74 -13.30
C LEU A 103 -13.36 5.82 -12.57
N LYS A 104 -13.35 6.52 -11.44
CA LYS A 104 -14.55 6.64 -10.60
C LYS A 104 -15.63 7.49 -11.28
N SER A 105 -15.24 8.26 -12.28
CA SER A 105 -16.17 9.11 -13.02
C SER A 105 -17.24 8.27 -13.72
N LYS A 106 -16.89 7.03 -14.03
CA LYS A 106 -17.85 6.11 -14.64
C LYS A 106 -18.09 4.92 -13.73
N GLY A 107 -17.03 4.44 -13.11
CA GLY A 107 -17.14 3.33 -12.20
C GLY A 107 -16.61 2.05 -12.81
N SER A 108 -15.44 2.14 -13.39
CA SER A 108 -14.81 1.00 -14.04
C SER A 108 -13.91 0.27 -13.04
N MET A 1 12.46 -6.45 -15.71
CA MET A 1 11.94 -5.64 -16.85
C MET A 1 10.84 -6.40 -17.58
N GLY A 2 9.75 -5.71 -17.86
CA GLY A 2 8.65 -6.29 -18.59
C GLY A 2 7.41 -5.43 -18.50
N SER A 3 6.41 -5.73 -19.31
CA SER A 3 5.17 -4.97 -19.29
C SER A 3 4.35 -5.34 -18.06
N SER A 4 4.58 -4.62 -16.97
CA SER A 4 3.93 -4.91 -15.71
C SER A 4 2.55 -4.27 -15.63
N HIS A 5 1.53 -5.01 -16.05
CA HIS A 5 0.16 -4.52 -16.03
C HIS A 5 -0.54 -4.97 -14.75
N HIS A 6 -1.84 -4.71 -14.67
CA HIS A 6 -2.62 -5.14 -13.53
C HIS A 6 -3.79 -5.99 -13.99
N HIS A 7 -4.48 -5.49 -15.02
CA HIS A 7 -5.63 -6.16 -15.65
C HIS A 7 -6.84 -6.21 -14.72
N HIS A 8 -6.64 -6.70 -13.51
CA HIS A 8 -7.71 -6.74 -12.52
C HIS A 8 -8.11 -5.32 -12.17
N HIS A 9 -9.41 -5.08 -12.10
CA HIS A 9 -9.93 -3.72 -12.02
C HIS A 9 -9.94 -3.19 -10.59
N HIS A 10 -10.94 -3.59 -9.83
CA HIS A 10 -11.17 -3.04 -8.50
C HIS A 10 -11.66 -4.12 -7.55
N SER A 11 -11.07 -4.19 -6.37
CA SER A 11 -11.41 -5.19 -5.39
C SER A 11 -12.26 -4.59 -4.28
N SER A 12 -12.37 -5.28 -3.16
CA SER A 12 -13.08 -4.76 -2.01
C SER A 12 -12.11 -4.14 -1.01
N GLY A 13 -11.53 -3.00 -1.39
CA GLY A 13 -10.62 -2.29 -0.52
C GLY A 13 -11.16 -0.92 -0.17
N ARG A 14 -12.47 -0.82 -0.27
CA ARG A 14 -13.18 0.43 -0.08
C ARG A 14 -13.12 0.91 1.37
N GLU A 15 -13.06 -0.03 2.30
CA GLU A 15 -13.14 0.29 3.72
C GLU A 15 -12.01 -0.39 4.49
N ASN A 16 -11.03 -0.90 3.73
CA ASN A 16 -9.95 -1.68 4.33
C ASN A 16 -8.98 -0.79 5.10
N LEU A 17 -9.17 0.52 5.00
CA LEU A 17 -8.25 1.50 5.59
C LEU A 17 -8.36 1.52 7.13
N TYR A 18 -9.25 0.72 7.67
CA TYR A 18 -9.41 0.61 9.12
C TYR A 18 -8.62 -0.57 9.65
N PHE A 19 -7.86 -0.34 10.71
CA PHE A 19 -6.98 -1.36 11.26
C PHE A 19 -7.71 -2.16 12.33
N GLN A 20 -8.63 -1.50 13.01
CA GLN A 20 -9.47 -2.13 14.03
C GLN A 20 -8.64 -2.55 15.24
N GLY A 21 -7.46 -1.96 15.38
CA GLY A 21 -6.60 -2.26 16.50
C GLY A 21 -5.77 -3.51 16.28
N HIS A 22 -5.98 -4.17 15.15
CA HIS A 22 -5.26 -5.40 14.85
C HIS A 22 -4.05 -5.11 13.97
N MET A 23 -2.86 -5.22 14.56
CA MET A 23 -1.63 -4.95 13.82
C MET A 23 -1.25 -6.16 12.97
N CYS A 24 -2.07 -6.44 11.98
CA CYS A 24 -1.84 -7.55 11.06
C CYS A 24 -0.63 -7.25 10.17
N ILE A 25 0.01 -8.29 9.65
CA ILE A 25 1.19 -8.13 8.81
C ILE A 25 0.88 -7.21 7.62
N GLN A 26 -0.33 -7.31 7.09
CA GLN A 26 -0.79 -6.44 6.02
C GLN A 26 -0.60 -4.97 6.39
N LYS A 27 -1.07 -4.61 7.58
CA LYS A 27 -1.06 -3.22 8.02
C LYS A 27 0.34 -2.73 8.35
N VAL A 28 1.24 -3.64 8.67
CA VAL A 28 2.63 -3.28 8.90
C VAL A 28 3.28 -2.80 7.61
N ILE A 29 3.15 -3.62 6.57
CA ILE A 29 3.63 -3.27 5.23
C ILE A 29 2.92 -2.00 4.75
N GLU A 30 1.59 -2.02 4.87
CA GLU A 30 0.74 -0.93 4.43
C GLU A 30 1.16 0.39 5.07
N ASP A 31 1.31 0.38 6.39
CA ASP A 31 1.66 1.58 7.15
C ASP A 31 2.95 2.21 6.63
N LYS A 32 4.00 1.41 6.50
CA LYS A 32 5.30 1.94 6.11
C LYS A 32 5.28 2.55 4.72
N LEU A 33 4.71 1.86 3.75
CA LEU A 33 4.66 2.39 2.39
C LEU A 33 3.69 3.56 2.29
N SER A 34 2.67 3.55 3.13
CA SER A 34 1.70 4.64 3.19
C SER A 34 2.36 5.89 3.75
N SER A 35 3.24 5.70 4.72
CA SER A 35 3.95 6.83 5.33
C SER A 35 4.99 7.41 4.36
N ALA A 36 5.50 6.57 3.47
CA ALA A 36 6.55 6.98 2.55
C ALA A 36 6.01 7.77 1.36
N LEU A 37 5.06 7.19 0.65
CA LEU A 37 4.51 7.83 -0.55
C LEU A 37 3.33 8.73 -0.18
N LYS A 38 2.68 8.40 0.93
CA LYS A 38 1.56 9.18 1.47
C LYS A 38 0.41 9.26 0.47
N PRO A 39 -0.38 8.18 0.37
CA PRO A 39 -1.48 8.09 -0.56
C PRO A 39 -2.82 8.52 0.04
N THR A 40 -3.75 8.90 -0.82
CA THR A 40 -5.09 9.23 -0.40
C THR A 40 -5.96 7.98 -0.40
N PHE A 41 -5.61 7.04 -1.27
CA PHE A 41 -6.34 5.78 -1.36
C PHE A 41 -5.35 4.62 -1.53
N LEU A 42 -5.62 3.52 -0.85
CA LEU A 42 -4.79 2.34 -0.92
C LEU A 42 -5.67 1.09 -0.91
N GLU A 43 -5.65 0.33 -1.99
CA GLU A 43 -6.42 -0.90 -2.06
C GLU A 43 -5.49 -2.10 -2.15
N LEU A 44 -5.70 -3.06 -1.27
CA LEU A 44 -4.89 -4.27 -1.24
C LEU A 44 -5.61 -5.40 -1.94
N VAL A 45 -5.01 -5.85 -3.03
CA VAL A 45 -5.56 -6.95 -3.81
C VAL A 45 -4.77 -8.22 -3.53
N ASP A 46 -5.44 -9.35 -3.55
CA ASP A 46 -4.79 -10.63 -3.33
C ASP A 46 -3.89 -10.97 -4.51
N LYS A 47 -2.64 -11.32 -4.22
CA LYS A 47 -1.68 -11.66 -5.27
C LYS A 47 -2.03 -13.01 -5.87
N SER A 48 -2.59 -13.87 -5.04
CA SER A 48 -2.94 -15.23 -5.44
C SER A 48 -3.72 -15.89 -4.32
N CYS A 49 -5.04 -15.90 -4.46
CA CYS A 49 -5.92 -16.51 -3.46
C CYS A 49 -5.52 -17.95 -3.20
N GLY A 50 -5.01 -18.18 -2.01
CA GLY A 50 -4.53 -19.49 -1.65
C GLY A 50 -3.29 -19.40 -0.77
N CYS A 51 -2.49 -18.36 -0.99
CA CYS A 51 -1.29 -18.15 -0.21
C CYS A 51 -1.23 -16.70 0.27
N GLY A 52 -1.51 -16.49 1.56
CA GLY A 52 -1.52 -15.16 2.12
C GLY A 52 -0.13 -14.69 2.52
N THR A 53 0.79 -14.74 1.57
CA THR A 53 2.17 -14.34 1.82
C THR A 53 2.62 -13.30 0.79
N SER A 54 1.74 -12.97 -0.13
CA SER A 54 2.06 -11.99 -1.16
C SER A 54 0.87 -11.05 -1.38
N PHE A 55 1.15 -9.76 -1.54
CA PHE A 55 0.09 -8.77 -1.65
C PHE A 55 0.28 -7.89 -2.89
N ASP A 56 -0.83 -7.38 -3.39
CA ASP A 56 -0.82 -6.42 -4.48
C ASP A 56 -1.35 -5.10 -3.95
N ALA A 57 -0.69 -4.00 -4.27
CA ALA A 57 -1.08 -2.72 -3.71
C ALA A 57 -1.35 -1.67 -4.77
N VAL A 58 -2.57 -1.15 -4.75
CA VAL A 58 -2.92 -0.01 -5.58
C VAL A 58 -2.70 1.27 -4.79
N ILE A 59 -1.70 2.04 -5.18
CA ILE A 59 -1.36 3.25 -4.47
C ILE A 59 -1.82 4.48 -5.24
N VAL A 60 -2.66 5.27 -4.61
CA VAL A 60 -3.18 6.49 -5.21
C VAL A 60 -2.72 7.71 -4.43
N SER A 61 -1.78 8.46 -4.99
CA SER A 61 -1.24 9.65 -4.32
C SER A 61 -0.72 10.66 -5.33
N ASN A 62 -0.73 11.93 -4.95
CA ASN A 62 -0.17 13.00 -5.77
C ASN A 62 1.34 12.89 -5.91
N ASN A 63 1.98 12.15 -5.00
CA ASN A 63 3.44 12.03 -5.03
C ASN A 63 3.95 11.58 -6.41
N PHE A 64 3.09 10.89 -7.17
CA PHE A 64 3.49 10.33 -8.45
C PHE A 64 3.05 11.18 -9.64
N GLU A 65 2.34 12.29 -9.41
CA GLU A 65 1.87 13.13 -10.52
C GLU A 65 3.02 13.91 -11.17
N ASP A 66 4.15 13.97 -10.47
CA ASP A 66 5.30 14.72 -10.97
C ASP A 66 6.07 13.88 -11.99
N LYS A 67 5.51 12.72 -12.32
CA LYS A 67 6.07 11.80 -13.32
C LYS A 67 7.43 11.31 -12.87
N LYS A 68 7.64 11.27 -11.57
CA LYS A 68 8.93 10.87 -11.01
C LYS A 68 9.05 9.37 -10.90
N LEU A 69 9.70 8.78 -11.88
CA LEU A 69 9.98 7.35 -11.86
C LEU A 69 11.08 7.08 -10.85
N LEU A 70 12.11 7.91 -10.87
CA LEU A 70 13.25 7.74 -9.98
C LEU A 70 12.87 7.99 -8.52
N ASP A 71 11.93 8.90 -8.28
CA ASP A 71 11.46 9.16 -6.92
C ASP A 71 10.72 7.95 -6.40
N ARG A 72 9.78 7.46 -7.19
CA ARG A 72 9.02 6.25 -6.86
C ARG A 72 10.00 5.09 -6.66
N HIS A 73 10.96 4.99 -7.54
CA HIS A 73 11.97 3.94 -7.50
C HIS A 73 12.79 3.99 -6.21
N ARG A 74 13.33 5.15 -5.89
CA ARG A 74 14.23 5.28 -4.75
C ARG A 74 13.47 5.18 -3.43
N LEU A 75 12.25 5.72 -3.38
CA LEU A 75 11.42 5.64 -2.19
C LEU A 75 11.05 4.20 -1.88
N VAL A 76 10.56 3.49 -2.89
CA VAL A 76 10.16 2.10 -2.73
C VAL A 76 11.35 1.25 -2.27
N ASN A 77 12.49 1.41 -2.91
CA ASN A 77 13.67 0.62 -2.56
C ASN A 77 14.13 0.89 -1.13
N THR A 78 14.05 2.14 -0.69
CA THR A 78 14.50 2.52 0.64
C THR A 78 13.72 1.79 1.74
N ILE A 79 12.41 1.97 1.75
CA ILE A 79 11.57 1.40 2.81
C ILE A 79 11.28 -0.07 2.55
N LEU A 80 10.90 -0.38 1.31
CA LEU A 80 10.51 -1.73 0.96
C LEU A 80 11.70 -2.66 0.88
N LYS A 81 12.91 -2.13 1.01
CA LYS A 81 14.10 -2.96 1.17
C LYS A 81 13.85 -3.99 2.27
N GLU A 82 13.66 -3.51 3.48
CA GLU A 82 13.41 -4.37 4.61
C GLU A 82 11.97 -4.91 4.57
N GLU A 83 11.08 -4.10 4.00
CA GLU A 83 9.67 -4.46 3.88
C GLU A 83 9.47 -5.79 3.15
N LEU A 84 10.02 -5.85 1.94
CA LEU A 84 9.90 -7.02 1.07
C LEU A 84 10.28 -8.32 1.77
N GLN A 85 11.20 -8.24 2.74
CA GLN A 85 11.68 -9.43 3.43
C GLN A 85 10.51 -10.26 3.99
N ASN A 86 9.43 -9.58 4.35
CA ASN A 86 8.29 -10.23 4.97
C ASN A 86 7.20 -10.57 3.94
N ILE A 87 7.51 -10.33 2.67
CA ILE A 87 6.55 -10.58 1.59
C ILE A 87 7.15 -11.54 0.58
N HIS A 88 6.36 -12.51 0.13
CA HIS A 88 6.81 -13.47 -0.87
C HIS A 88 6.92 -12.81 -2.23
N ALA A 89 5.96 -11.95 -2.54
CA ALA A 89 5.93 -11.22 -3.80
C ALA A 89 5.00 -10.02 -3.70
N PHE A 90 5.59 -8.84 -3.54
CA PHE A 90 4.81 -7.63 -3.48
C PHE A 90 4.73 -6.98 -4.86
N SER A 91 3.58 -6.45 -5.19
CA SER A 91 3.39 -5.74 -6.45
C SER A 91 2.76 -4.38 -6.17
N MET A 92 3.20 -3.35 -6.88
CA MET A 92 2.66 -2.01 -6.68
C MET A 92 2.25 -1.38 -8.00
N LYS A 93 1.06 -0.81 -8.03
CA LYS A 93 0.61 -0.07 -9.19
C LYS A 93 0.22 1.35 -8.79
N CYS A 94 0.94 2.32 -9.34
CA CYS A 94 0.77 3.71 -8.95
C CYS A 94 -0.29 4.40 -9.80
N HIS A 95 -1.16 5.14 -9.13
CA HIS A 95 -2.17 5.96 -9.77
C HIS A 95 -2.24 7.31 -9.08
N THR A 96 -2.67 8.32 -9.80
CA THR A 96 -2.90 9.62 -9.24
C THR A 96 -4.35 9.77 -8.80
N PRO A 97 -4.63 10.59 -7.78
CA PRO A 97 -6.00 10.79 -7.27
C PRO A 97 -6.94 11.29 -8.35
N LEU A 98 -6.39 12.05 -9.29
CA LEU A 98 -7.14 12.54 -10.43
C LEU A 98 -7.52 11.37 -11.34
N GLU A 99 -6.53 10.56 -11.71
CA GLU A 99 -6.75 9.44 -12.61
C GLU A 99 -7.62 8.37 -11.97
N TYR A 100 -7.58 8.28 -10.64
CA TYR A 100 -8.47 7.37 -9.93
C TYR A 100 -9.88 7.94 -9.93
N ASP A 101 -9.97 9.26 -9.90
CA ASP A 101 -11.26 9.94 -9.94
C ASP A 101 -12.00 9.58 -11.22
N LYS A 102 -11.27 9.54 -12.33
CA LYS A 102 -11.83 9.14 -13.62
C LYS A 102 -12.45 7.74 -13.54
N LEU A 103 -11.85 6.89 -12.70
CA LEU A 103 -12.28 5.50 -12.57
C LEU A 103 -13.53 5.36 -11.71
N LYS A 104 -13.60 6.11 -10.62
CA LYS A 104 -14.71 5.96 -9.69
C LYS A 104 -15.89 6.89 -10.02
N SER A 105 -15.61 8.04 -10.64
CA SER A 105 -16.66 9.00 -10.94
C SER A 105 -17.55 8.52 -12.09
N LYS A 106 -16.93 7.89 -13.08
CA LYS A 106 -17.66 7.41 -14.24
C LYS A 106 -16.91 6.29 -14.95
N GLY A 107 -17.42 5.90 -16.10
CA GLY A 107 -16.77 4.90 -16.91
C GLY A 107 -16.60 5.36 -18.34
N SER A 108 -16.95 6.61 -18.58
CA SER A 108 -16.83 7.20 -19.90
C SER A 108 -16.27 8.62 -19.76
N MET A 1 -18.77 3.40 16.80
CA MET A 1 -18.72 3.47 18.28
C MET A 1 -18.82 2.08 18.89
N GLY A 2 -18.57 1.99 20.19
CA GLY A 2 -18.60 0.70 20.86
C GLY A 2 -17.35 -0.10 20.60
N SER A 3 -17.52 -1.32 20.11
CA SER A 3 -16.40 -2.15 19.75
C SER A 3 -16.73 -2.95 18.50
N SER A 4 -15.87 -2.86 17.50
CA SER A 4 -16.12 -3.50 16.21
C SER A 4 -15.70 -4.97 16.24
N HIS A 5 -16.58 -5.83 16.72
CA HIS A 5 -16.31 -7.26 16.74
C HIS A 5 -17.33 -8.03 15.91
N HIS A 6 -17.10 -8.03 14.60
CA HIS A 6 -17.90 -8.81 13.65
C HIS A 6 -17.07 -9.03 12.40
N HIS A 7 -16.42 -10.19 12.34
CA HIS A 7 -15.43 -10.45 11.30
C HIS A 7 -16.04 -11.19 10.11
N HIS A 8 -15.76 -10.68 8.93
CA HIS A 8 -16.11 -11.34 7.68
C HIS A 8 -14.97 -11.19 6.68
N HIS A 9 -14.49 -12.30 6.14
CA HIS A 9 -13.46 -12.25 5.13
C HIS A 9 -14.10 -11.95 3.78
N HIS A 10 -14.56 -10.74 3.63
CA HIS A 10 -15.24 -10.30 2.42
C HIS A 10 -14.24 -9.88 1.36
N SER A 11 -14.75 -9.57 0.17
CA SER A 11 -13.92 -9.22 -0.98
C SER A 11 -12.98 -8.06 -0.66
N SER A 12 -11.69 -8.28 -0.92
CA SER A 12 -10.69 -7.27 -0.68
C SER A 12 -10.72 -6.23 -1.79
N GLY A 13 -11.54 -5.22 -1.60
CA GLY A 13 -11.66 -4.15 -2.56
C GLY A 13 -12.81 -3.24 -2.23
N ARG A 14 -14.02 -3.69 -2.57
CA ARG A 14 -15.24 -2.90 -2.41
C ARG A 14 -15.45 -2.49 -0.95
N GLU A 15 -14.94 -3.30 -0.03
CA GLU A 15 -15.19 -3.09 1.39
C GLU A 15 -13.97 -3.48 2.23
N ASN A 16 -12.77 -3.23 1.71
CA ASN A 16 -11.55 -3.61 2.43
C ASN A 16 -10.99 -2.43 3.22
N LEU A 17 -11.41 -1.22 2.87
CA LEU A 17 -10.89 -0.01 3.51
C LEU A 17 -11.57 0.27 4.84
N TYR A 18 -12.43 -0.63 5.27
CA TYR A 18 -13.20 -0.42 6.48
C TYR A 18 -12.40 -0.76 7.74
N PHE A 19 -13.05 -0.60 8.89
CA PHE A 19 -12.40 -0.69 10.19
C PHE A 19 -11.92 -2.11 10.53
N GLN A 20 -12.30 -3.09 9.73
CA GLN A 20 -11.93 -4.48 10.01
C GLN A 20 -10.44 -4.70 9.71
N GLY A 21 -9.86 -3.76 8.98
CA GLY A 21 -8.46 -3.85 8.63
C GLY A 21 -7.57 -3.16 9.64
N HIS A 22 -7.42 -3.79 10.80
CA HIS A 22 -6.57 -3.24 11.84
C HIS A 22 -5.23 -3.96 11.89
N MET A 23 -4.58 -3.94 13.06
CA MET A 23 -3.24 -4.50 13.20
C MET A 23 -3.17 -5.94 12.67
N CYS A 24 -2.17 -6.17 11.81
CA CYS A 24 -1.99 -7.43 11.11
C CYS A 24 -0.69 -7.34 10.32
N ILE A 25 -0.16 -8.47 9.86
CA ILE A 25 1.04 -8.46 9.04
C ILE A 25 0.82 -7.63 7.77
N GLN A 26 -0.38 -7.73 7.21
CA GLN A 26 -0.76 -6.95 6.04
C GLN A 26 -0.76 -5.46 6.39
N LYS A 27 -1.25 -5.15 7.59
CA LYS A 27 -1.31 -3.77 8.06
C LYS A 27 0.07 -3.22 8.32
N VAL A 28 0.99 -4.07 8.77
CA VAL A 28 2.36 -3.65 8.98
C VAL A 28 2.96 -3.11 7.69
N ILE A 29 2.86 -3.90 6.62
CA ILE A 29 3.40 -3.49 5.32
C ILE A 29 2.58 -2.32 4.74
N GLU A 30 1.26 -2.43 4.80
CA GLU A 30 0.38 -1.42 4.21
C GLU A 30 0.60 -0.05 4.86
N ASP A 31 0.54 -0.01 6.18
CA ASP A 31 0.65 1.24 6.92
C ASP A 31 2.06 1.81 6.82
N LYS A 32 3.03 0.92 6.65
CA LYS A 32 4.42 1.32 6.52
C LYS A 32 4.62 2.18 5.27
N LEU A 33 4.24 1.66 4.11
CA LEU A 33 4.37 2.40 2.87
C LEU A 33 3.33 3.52 2.77
N SER A 34 2.17 3.30 3.40
CA SER A 34 1.09 4.28 3.38
C SER A 34 1.51 5.56 4.10
N SER A 35 2.01 5.42 5.32
CA SER A 35 2.41 6.57 6.12
C SER A 35 3.67 7.23 5.57
N ALA A 36 4.51 6.44 4.89
CA ALA A 36 5.75 6.95 4.34
C ALA A 36 5.51 7.76 3.06
N LEU A 37 4.81 7.17 2.10
CA LEU A 37 4.58 7.81 0.81
C LEU A 37 3.39 8.76 0.87
N LYS A 38 2.38 8.37 1.66
CA LYS A 38 1.14 9.13 1.81
C LYS A 38 0.37 9.23 0.49
N PRO A 39 -0.45 8.21 0.20
CA PRO A 39 -1.31 8.20 -0.97
C PRO A 39 -2.71 8.70 -0.65
N THR A 40 -3.44 9.16 -1.67
CA THR A 40 -4.81 9.58 -1.49
C THR A 40 -5.72 8.36 -1.43
N PHE A 41 -5.28 7.31 -2.11
CA PHE A 41 -5.98 6.03 -2.09
C PHE A 41 -4.97 4.89 -2.08
N LEU A 42 -5.20 3.91 -1.22
CA LEU A 42 -4.33 2.76 -1.11
C LEU A 42 -5.18 1.51 -0.90
N GLU A 43 -5.20 0.63 -1.88
CA GLU A 43 -5.93 -0.62 -1.76
C GLU A 43 -4.95 -1.79 -1.74
N LEU A 44 -5.01 -2.57 -0.69
CA LEU A 44 -4.14 -3.73 -0.56
C LEU A 44 -4.87 -4.98 -1.00
N VAL A 45 -4.41 -5.60 -2.07
CA VAL A 45 -5.07 -6.78 -2.62
C VAL A 45 -4.19 -8.02 -2.45
N ASP A 46 -4.81 -9.11 -2.02
CA ASP A 46 -4.14 -10.40 -2.00
C ASP A 46 -3.87 -10.86 -3.42
N LYS A 47 -2.61 -10.90 -3.79
CA LYS A 47 -2.22 -11.19 -5.16
C LYS A 47 -2.21 -12.70 -5.43
N SER A 48 -1.98 -13.48 -4.36
CA SER A 48 -1.90 -14.93 -4.46
C SER A 48 -0.84 -15.38 -5.46
N CYS A 49 0.18 -14.56 -5.65
CA CYS A 49 1.26 -14.88 -6.57
C CYS A 49 2.32 -15.69 -5.85
N GLY A 50 2.40 -16.97 -6.19
CA GLY A 50 3.32 -17.84 -5.52
C GLY A 50 2.69 -18.48 -4.30
N CYS A 51 3.23 -18.17 -3.12
CA CYS A 51 2.70 -18.66 -1.87
C CYS A 51 3.01 -17.69 -0.74
N GLY A 52 2.21 -17.74 0.32
CA GLY A 52 2.46 -16.91 1.48
C GLY A 52 1.99 -15.49 1.31
N THR A 53 2.78 -14.54 1.79
CA THR A 53 2.44 -13.14 1.70
C THR A 53 2.67 -12.62 0.28
N SER A 54 1.58 -12.47 -0.45
CA SER A 54 1.64 -11.91 -1.79
C SER A 54 0.68 -10.75 -1.88
N PHE A 55 1.22 -9.56 -2.06
CA PHE A 55 0.42 -8.35 -2.01
C PHE A 55 0.57 -7.53 -3.28
N ASP A 56 -0.55 -7.10 -3.81
CA ASP A 56 -0.58 -6.15 -4.91
C ASP A 56 -1.23 -4.88 -4.41
N ALA A 57 -0.46 -3.81 -4.34
CA ALA A 57 -0.93 -2.59 -3.72
C ALA A 57 -1.26 -1.53 -4.75
N VAL A 58 -2.52 -1.13 -4.78
CA VAL A 58 -2.94 -0.03 -5.62
C VAL A 58 -2.60 1.28 -4.93
N ILE A 59 -1.63 1.99 -5.49
CA ILE A 59 -1.16 3.22 -4.89
C ILE A 59 -1.53 4.42 -5.76
N VAL A 60 -2.41 5.24 -5.24
CA VAL A 60 -2.80 6.47 -5.89
C VAL A 60 -2.25 7.65 -5.10
N SER A 61 -1.26 8.33 -5.65
CA SER A 61 -0.58 9.37 -4.89
C SER A 61 -0.04 10.49 -5.78
N ASN A 62 0.10 11.66 -5.17
CA ASN A 62 0.60 12.86 -5.86
C ASN A 62 2.08 12.69 -6.25
N ASN A 63 2.78 11.76 -5.62
CA ASN A 63 4.19 11.53 -5.94
C ASN A 63 4.35 10.94 -7.35
N PHE A 64 3.31 10.26 -7.82
CA PHE A 64 3.32 9.71 -9.18
C PHE A 64 2.85 10.78 -10.16
N GLU A 65 2.29 11.84 -9.62
CA GLU A 65 1.78 12.95 -10.40
C GLU A 65 2.96 13.88 -10.76
N ASP A 66 4.00 13.82 -9.92
CA ASP A 66 5.25 14.54 -10.19
C ASP A 66 5.93 13.92 -11.41
N LYS A 67 5.56 12.66 -11.69
CA LYS A 67 6.06 11.90 -12.83
C LYS A 67 7.56 11.63 -12.68
N LYS A 68 8.03 11.65 -11.44
CA LYS A 68 9.42 11.36 -11.16
C LYS A 68 9.62 9.87 -10.90
N LEU A 69 9.87 9.14 -11.97
CA LEU A 69 9.98 7.68 -11.90
C LEU A 69 11.13 7.27 -10.98
N LEU A 70 12.30 7.86 -11.19
CA LEU A 70 13.47 7.51 -10.40
C LEU A 70 13.28 7.88 -8.93
N ASP A 71 12.51 8.93 -8.65
CA ASP A 71 12.29 9.37 -7.27
C ASP A 71 11.34 8.43 -6.55
N ARG A 72 10.24 8.06 -7.17
CA ARG A 72 9.32 7.11 -6.57
C ARG A 72 9.98 5.73 -6.48
N HIS A 73 10.92 5.48 -7.39
CA HIS A 73 11.69 4.23 -7.40
C HIS A 73 12.65 4.19 -6.22
N ARG A 74 13.39 5.28 -6.03
CA ARG A 74 14.38 5.36 -4.96
C ARG A 74 13.71 5.26 -3.59
N LEU A 75 12.51 5.83 -3.49
CA LEU A 75 11.74 5.75 -2.25
C LEU A 75 11.29 4.34 -1.99
N VAL A 76 10.69 3.71 -3.01
CA VAL A 76 10.25 2.32 -2.91
C VAL A 76 11.42 1.41 -2.56
N ASN A 77 12.57 1.64 -3.15
CA ASN A 77 13.75 0.83 -2.87
C ASN A 77 14.17 0.97 -1.40
N THR A 78 14.19 2.19 -0.90
CA THR A 78 14.66 2.47 0.45
C THR A 78 13.75 1.83 1.49
N ILE A 79 12.45 2.01 1.31
CA ILE A 79 11.46 1.52 2.26
C ILE A 79 11.24 0.02 2.11
N LEU A 80 11.00 -0.40 0.89
CA LEU A 80 10.65 -1.79 0.62
C LEU A 80 11.87 -2.70 0.67
N LYS A 81 13.06 -2.14 0.86
CA LYS A 81 14.25 -2.95 1.07
C LYS A 81 13.99 -3.94 2.21
N GLU A 82 13.77 -3.42 3.41
CA GLU A 82 13.40 -4.27 4.54
C GLU A 82 11.95 -4.72 4.44
N GLU A 83 11.10 -3.89 3.84
CA GLU A 83 9.68 -4.20 3.70
C GLU A 83 9.46 -5.56 3.03
N LEU A 84 10.06 -5.72 1.86
CA LEU A 84 9.96 -6.95 1.07
C LEU A 84 10.28 -8.20 1.89
N GLN A 85 11.16 -8.07 2.88
CA GLN A 85 11.57 -9.22 3.69
C GLN A 85 10.36 -9.96 4.27
N ASN A 86 9.27 -9.22 4.49
CA ASN A 86 8.07 -9.79 5.09
C ASN A 86 7.12 -10.32 4.01
N ILE A 87 7.47 -10.06 2.75
CA ILE A 87 6.61 -10.43 1.64
C ILE A 87 7.29 -11.48 0.78
N HIS A 88 6.51 -12.38 0.21
CA HIS A 88 7.07 -13.37 -0.69
C HIS A 88 6.96 -12.89 -2.14
N ALA A 89 5.95 -12.08 -2.41
CA ALA A 89 5.76 -11.52 -3.74
C ALA A 89 4.90 -10.26 -3.69
N PHE A 90 5.56 -9.11 -3.65
CA PHE A 90 4.87 -7.83 -3.68
C PHE A 90 4.90 -7.23 -5.09
N SER A 91 3.81 -6.56 -5.45
CA SER A 91 3.74 -5.83 -6.70
C SER A 91 2.95 -4.54 -6.49
N MET A 92 3.30 -3.49 -7.21
CA MET A 92 2.65 -2.20 -7.03
C MET A 92 1.89 -1.79 -8.29
N LYS A 93 0.69 -1.27 -8.07
CA LYS A 93 -0.12 -0.75 -9.15
C LYS A 93 -0.21 0.77 -8.97
N CYS A 94 0.44 1.53 -9.83
CA CYS A 94 0.60 2.96 -9.59
C CYS A 94 -0.39 3.80 -10.39
N HIS A 95 -1.09 4.69 -9.70
CA HIS A 95 -2.07 5.57 -10.33
C HIS A 95 -2.04 6.97 -9.73
N THR A 96 -2.56 7.92 -10.50
CA THR A 96 -2.67 9.29 -10.06
C THR A 96 -4.10 9.62 -9.65
N PRO A 97 -4.28 10.55 -8.69
CA PRO A 97 -5.61 10.93 -8.18
C PRO A 97 -6.50 11.53 -9.26
N LEU A 98 -5.89 12.09 -10.30
CA LEU A 98 -6.64 12.68 -11.40
C LEU A 98 -7.47 11.61 -12.09
N GLU A 99 -6.82 10.51 -12.45
CA GLU A 99 -7.51 9.39 -13.08
C GLU A 99 -8.37 8.64 -12.07
N TYR A 100 -7.90 8.59 -10.82
CA TYR A 100 -8.63 7.90 -9.75
C TYR A 100 -10.02 8.49 -9.57
N ASP A 101 -10.13 9.81 -9.67
CA ASP A 101 -11.41 10.50 -9.55
C ASP A 101 -12.41 9.97 -10.57
N LYS A 102 -11.91 9.65 -11.75
CA LYS A 102 -12.75 9.14 -12.83
C LYS A 102 -13.23 7.73 -12.50
N LEU A 103 -12.36 6.96 -11.85
CA LEU A 103 -12.67 5.57 -11.49
C LEU A 103 -13.80 5.51 -10.49
N LYS A 104 -13.75 6.38 -9.49
CA LYS A 104 -14.80 6.44 -8.47
C LYS A 104 -16.06 7.11 -9.02
N SER A 105 -15.87 8.05 -9.94
CA SER A 105 -16.99 8.77 -10.54
C SER A 105 -17.79 7.84 -11.46
N LYS A 106 -17.08 7.04 -12.25
CA LYS A 106 -17.75 6.08 -13.12
C LYS A 106 -18.35 4.95 -12.29
N GLY A 107 -17.57 4.44 -11.37
CA GLY A 107 -18.05 3.40 -10.49
C GLY A 107 -17.56 2.03 -10.92
N SER A 108 -16.31 1.98 -11.33
CA SER A 108 -15.68 0.73 -11.75
C SER A 108 -14.17 0.86 -11.60
N MET A 1 2.10 6.54 43.50
CA MET A 1 1.88 5.18 42.97
C MET A 1 3.17 4.37 43.07
N GLY A 2 3.08 3.18 43.64
CA GLY A 2 4.24 2.34 43.78
C GLY A 2 3.87 0.87 43.84
N SER A 3 3.14 0.41 42.84
CA SER A 3 2.70 -0.98 42.79
C SER A 3 3.33 -1.70 41.60
N SER A 4 4.24 -2.62 41.89
CA SER A 4 4.91 -3.38 40.86
C SER A 4 4.79 -4.87 41.14
N HIS A 5 4.00 -5.56 40.33
CA HIS A 5 3.78 -6.99 40.51
C HIS A 5 3.75 -7.71 39.16
N HIS A 6 4.67 -8.63 38.98
CA HIS A 6 4.69 -9.45 37.78
C HIS A 6 4.37 -10.90 38.12
N HIS A 7 3.16 -11.32 37.79
CA HIS A 7 2.73 -12.69 38.05
C HIS A 7 3.36 -13.65 37.05
N HIS A 8 4.27 -14.49 37.53
CA HIS A 8 4.98 -15.42 36.66
C HIS A 8 4.22 -16.73 36.53
N HIS A 9 3.30 -16.74 35.56
CA HIS A 9 2.53 -17.92 35.21
C HIS A 9 1.62 -17.56 34.05
N HIS A 10 2.18 -17.59 32.85
CA HIS A 10 1.46 -17.17 31.66
C HIS A 10 0.76 -18.37 31.02
N SER A 11 -0.55 -18.27 30.89
CA SER A 11 -1.32 -19.27 30.18
C SER A 11 -1.11 -19.10 28.67
N SER A 12 -1.16 -20.20 27.94
CA SER A 12 -0.86 -20.17 26.52
C SER A 12 -2.11 -20.02 25.68
N GLY A 13 -2.31 -18.82 25.13
CA GLY A 13 -3.44 -18.57 24.27
C GLY A 13 -4.63 -18.00 25.01
N ARG A 14 -4.36 -17.10 25.95
CA ARG A 14 -5.41 -16.48 26.75
C ARG A 14 -6.33 -15.63 25.89
N GLU A 15 -5.72 -14.92 24.93
CA GLU A 15 -6.46 -14.01 24.08
C GLU A 15 -7.06 -14.72 22.87
N ASN A 16 -7.41 -15.99 23.05
CA ASN A 16 -8.02 -16.77 21.97
C ASN A 16 -9.40 -16.23 21.63
N LEU A 17 -9.93 -15.36 22.48
CA LEU A 17 -11.18 -14.68 22.22
C LEU A 17 -11.00 -13.67 21.11
N TYR A 18 -9.79 -13.15 21.00
CA TYR A 18 -9.45 -12.18 19.98
C TYR A 18 -8.80 -12.90 18.80
N PHE A 19 -8.67 -12.19 17.69
CA PHE A 19 -8.13 -12.78 16.47
C PHE A 19 -6.65 -12.48 16.32
N GLN A 20 -6.03 -12.06 17.42
CA GLN A 20 -4.59 -11.75 17.45
C GLN A 20 -4.28 -10.57 16.54
N GLY A 21 -5.22 -9.64 16.46
CA GLY A 21 -5.04 -8.48 15.61
C GLY A 21 -4.66 -7.25 16.40
N HIS A 22 -3.47 -7.27 16.98
CA HIS A 22 -2.96 -6.11 17.70
C HIS A 22 -2.39 -5.15 16.68
N MET A 23 -1.30 -5.57 16.05
CA MET A 23 -0.73 -4.87 14.91
C MET A 23 -0.55 -5.86 13.78
N CYS A 24 -1.56 -5.99 12.94
CA CYS A 24 -1.54 -6.93 11.84
C CYS A 24 -0.38 -6.62 10.91
N ILE A 25 0.52 -7.59 10.75
CA ILE A 25 1.72 -7.42 9.93
C ILE A 25 1.38 -6.93 8.52
N GLN A 26 0.22 -7.33 8.02
CA GLN A 26 -0.24 -6.89 6.72
C GLN A 26 -0.40 -5.37 6.72
N LYS A 27 -1.17 -4.86 7.67
CA LYS A 27 -1.43 -3.43 7.75
C LYS A 27 -0.20 -2.67 8.23
N VAL A 28 0.72 -3.36 8.90
CA VAL A 28 1.98 -2.74 9.30
C VAL A 28 2.73 -2.27 8.06
N ILE A 29 2.77 -3.12 7.04
CA ILE A 29 3.37 -2.76 5.77
C ILE A 29 2.55 -1.66 5.09
N GLU A 30 1.22 -1.78 5.17
CA GLU A 30 0.31 -0.78 4.60
C GLU A 30 0.64 0.61 5.12
N ASP A 31 0.71 0.73 6.45
CA ASP A 31 0.91 2.02 7.09
C ASP A 31 2.35 2.49 6.95
N LYS A 32 3.27 1.55 6.90
CA LYS A 32 4.69 1.86 6.77
C LYS A 32 4.96 2.62 5.48
N LEU A 33 4.50 2.07 4.36
CA LEU A 33 4.68 2.75 3.07
C LEU A 33 3.72 3.93 2.95
N SER A 34 2.60 3.87 3.67
CA SER A 34 1.62 4.94 3.64
C SER A 34 2.18 6.20 4.31
N SER A 35 2.93 6.01 5.39
CA SER A 35 3.53 7.13 6.09
C SER A 35 4.68 7.73 5.28
N ALA A 36 5.30 6.91 4.44
CA ALA A 36 6.47 7.33 3.68
C ALA A 36 6.09 8.00 2.36
N LEU A 37 5.15 7.40 1.63
CA LEU A 37 4.77 7.91 0.32
C LEU A 37 3.53 8.82 0.41
N LYS A 38 2.77 8.63 1.48
CA LYS A 38 1.54 9.39 1.72
C LYS A 38 0.55 9.26 0.56
N PRO A 39 -0.20 8.15 0.52
CA PRO A 39 -1.28 7.97 -0.41
C PRO A 39 -2.62 8.39 0.20
N THR A 40 -3.44 9.05 -0.60
CA THR A 40 -4.76 9.47 -0.15
C THR A 40 -5.70 8.26 -0.13
N PHE A 41 -5.40 7.30 -0.99
CA PHE A 41 -6.15 6.05 -1.05
C PHE A 41 -5.19 4.88 -1.28
N LEU A 42 -5.42 3.80 -0.55
CA LEU A 42 -4.58 2.61 -0.69
C LEU A 42 -5.46 1.35 -0.73
N GLU A 43 -5.42 0.65 -1.84
CA GLU A 43 -6.23 -0.54 -2.02
C GLU A 43 -5.35 -1.79 -2.08
N LEU A 44 -5.51 -2.67 -1.10
CA LEU A 44 -4.75 -3.91 -1.05
C LEU A 44 -5.56 -5.04 -1.69
N VAL A 45 -5.04 -5.59 -2.77
CA VAL A 45 -5.72 -6.65 -3.48
C VAL A 45 -4.87 -7.91 -3.54
N ASP A 46 -5.44 -9.04 -3.12
CA ASP A 46 -4.78 -10.32 -3.27
C ASP A 46 -4.85 -10.77 -4.72
N LYS A 47 -3.75 -10.58 -5.43
CA LYS A 47 -3.71 -10.88 -6.85
C LYS A 47 -3.00 -12.22 -7.07
N SER A 48 -2.98 -13.03 -6.04
CA SER A 48 -2.43 -14.37 -6.14
C SER A 48 -3.56 -15.35 -6.42
N CYS A 49 -3.32 -16.25 -7.36
CA CYS A 49 -4.33 -17.24 -7.74
C CYS A 49 -4.06 -18.59 -7.10
N GLY A 50 -3.09 -18.61 -6.18
CA GLY A 50 -2.72 -19.85 -5.53
C GLY A 50 -2.84 -19.78 -4.03
N CYS A 51 -1.70 -19.75 -3.35
CA CYS A 51 -1.68 -19.80 -1.89
C CYS A 51 -1.76 -18.41 -1.26
N GLY A 52 -1.89 -17.39 -2.10
CA GLY A 52 -1.85 -16.02 -1.60
C GLY A 52 -0.43 -15.58 -1.36
N THR A 53 0.41 -15.88 -2.33
CA THR A 53 1.85 -15.68 -2.21
C THR A 53 2.26 -14.26 -2.63
N SER A 54 1.30 -13.50 -3.15
CA SER A 54 1.61 -12.19 -3.68
C SER A 54 0.54 -11.17 -3.30
N PHE A 55 0.98 -9.98 -2.92
CA PHE A 55 0.08 -8.88 -2.63
C PHE A 55 0.25 -7.80 -3.69
N ASP A 56 -0.86 -7.27 -4.17
CA ASP A 56 -0.84 -6.22 -5.17
C ASP A 56 -1.51 -4.97 -4.61
N ALA A 57 -0.76 -3.88 -4.51
CA ALA A 57 -1.26 -2.67 -3.90
C ALA A 57 -1.47 -1.58 -4.92
N VAL A 58 -2.70 -1.07 -4.99
CA VAL A 58 -3.01 0.07 -5.83
C VAL A 58 -2.86 1.34 -5.02
N ILE A 59 -1.86 2.14 -5.36
CA ILE A 59 -1.58 3.35 -4.60
C ILE A 59 -2.16 4.56 -5.31
N VAL A 60 -2.75 5.45 -4.53
CA VAL A 60 -3.25 6.71 -5.03
C VAL A 60 -2.63 7.84 -4.24
N SER A 61 -1.59 8.47 -4.80
CA SER A 61 -0.85 9.49 -4.08
C SER A 61 -0.49 10.68 -4.98
N ASN A 62 -0.44 11.85 -4.37
CA ASN A 62 0.01 13.07 -5.06
C ASN A 62 1.50 12.98 -5.40
N ASN A 63 2.21 12.10 -4.73
CA ASN A 63 3.66 11.98 -4.88
C ASN A 63 4.05 11.74 -6.34
N PHE A 64 3.29 10.90 -7.03
CA PHE A 64 3.68 10.46 -8.37
C PHE A 64 3.05 11.34 -9.46
N GLU A 65 2.36 12.41 -9.09
CA GLU A 65 1.72 13.27 -10.09
C GLU A 65 2.75 14.12 -10.82
N ASP A 66 3.96 14.17 -10.24
CA ASP A 66 5.08 14.84 -10.87
C ASP A 66 5.72 13.93 -11.92
N LYS A 67 5.32 12.65 -11.87
CA LYS A 67 5.82 11.62 -12.78
C LYS A 67 7.30 11.34 -12.51
N LYS A 68 7.68 11.40 -11.24
CA LYS A 68 9.05 11.10 -10.83
C LYS A 68 9.35 9.61 -10.92
N LEU A 69 9.94 9.20 -12.04
CA LEU A 69 10.28 7.80 -12.24
C LEU A 69 11.48 7.42 -11.38
N LEU A 70 12.51 8.26 -11.41
CA LEU A 70 13.73 7.99 -10.66
C LEU A 70 13.48 8.06 -9.15
N ASP A 71 12.56 8.92 -8.73
CA ASP A 71 12.24 9.05 -7.31
C ASP A 71 11.42 7.85 -6.83
N ARG A 72 10.44 7.41 -7.62
CA ARG A 72 9.65 6.25 -7.22
C ARG A 72 10.54 5.02 -7.16
N HIS A 73 11.60 5.02 -7.96
CA HIS A 73 12.58 3.94 -7.95
C HIS A 73 13.32 3.91 -6.62
N ARG A 74 13.96 5.02 -6.29
CA ARG A 74 14.79 5.10 -5.09
C ARG A 74 13.96 4.94 -3.82
N LEU A 75 12.79 5.55 -3.77
CA LEU A 75 11.93 5.50 -2.60
C LEU A 75 11.42 4.09 -2.35
N VAL A 76 10.85 3.49 -3.40
CA VAL A 76 10.30 2.15 -3.29
C VAL A 76 11.37 1.15 -2.87
N ASN A 77 12.55 1.23 -3.47
CA ASN A 77 13.61 0.27 -3.16
C ASN A 77 14.05 0.40 -1.70
N THR A 78 14.20 1.63 -1.23
CA THR A 78 14.74 1.87 0.11
C THR A 78 13.78 1.40 1.21
N ILE A 79 12.50 1.64 1.02
CA ILE A 79 11.50 1.32 2.04
C ILE A 79 10.96 -0.09 1.86
N LEU A 80 10.51 -0.39 0.64
CA LEU A 80 9.97 -1.70 0.35
C LEU A 80 11.05 -2.76 0.42
N LYS A 81 12.32 -2.32 0.53
CA LYS A 81 13.40 -3.21 0.91
C LYS A 81 12.98 -4.03 2.12
N GLU A 82 12.60 -3.35 3.19
CA GLU A 82 12.21 -4.02 4.41
C GLU A 82 10.81 -4.64 4.28
N GLU A 83 9.96 -4.01 3.46
CA GLU A 83 8.64 -4.60 3.16
C GLU A 83 8.78 -6.02 2.68
N LEU A 84 9.57 -6.13 1.63
CA LEU A 84 9.87 -7.40 0.97
C LEU A 84 10.33 -8.49 1.95
N GLN A 85 10.98 -8.11 3.04
CA GLN A 85 11.45 -9.09 4.02
C GLN A 85 10.27 -9.90 4.57
N ASN A 86 9.08 -9.31 4.50
CA ASN A 86 7.88 -9.95 5.02
C ASN A 86 7.04 -10.54 3.89
N ILE A 87 7.21 -10.02 2.68
CA ILE A 87 6.38 -10.44 1.55
C ILE A 87 7.19 -11.24 0.55
N HIS A 88 6.64 -12.35 0.10
CA HIS A 88 7.32 -13.17 -0.89
C HIS A 88 7.29 -12.48 -2.25
N ALA A 89 6.14 -11.92 -2.61
CA ALA A 89 6.00 -11.21 -3.87
C ALA A 89 5.05 -10.02 -3.72
N PHE A 90 5.62 -8.83 -3.68
CA PHE A 90 4.81 -7.62 -3.62
C PHE A 90 4.81 -6.90 -4.97
N SER A 91 3.63 -6.52 -5.41
CA SER A 91 3.48 -5.77 -6.64
C SER A 91 2.74 -4.47 -6.37
N MET A 92 3.09 -3.41 -7.09
CA MET A 92 2.50 -2.11 -6.83
C MET A 92 2.02 -1.44 -8.12
N LYS A 93 0.86 -0.82 -8.04
CA LYS A 93 0.34 -0.01 -9.12
C LYS A 93 0.39 1.45 -8.72
N CYS A 94 1.29 2.19 -9.33
CA CYS A 94 1.49 3.59 -8.99
C CYS A 94 0.48 4.46 -9.71
N HIS A 95 -0.58 4.85 -9.00
CA HIS A 95 -1.64 5.65 -9.58
C HIS A 95 -1.77 6.99 -8.89
N THR A 96 -2.45 7.91 -9.55
CA THR A 96 -2.67 9.24 -9.03
C THR A 96 -4.18 9.50 -8.86
N PRO A 97 -4.54 10.43 -7.96
CA PRO A 97 -5.95 10.74 -7.65
C PRO A 97 -6.74 11.17 -8.87
N LEU A 98 -6.04 11.77 -9.84
CA LEU A 98 -6.68 12.21 -11.08
C LEU A 98 -7.29 11.02 -11.81
N GLU A 99 -6.49 9.98 -11.99
CA GLU A 99 -6.96 8.75 -12.63
C GLU A 99 -8.01 8.07 -11.78
N TYR A 100 -7.75 8.00 -10.48
CA TYR A 100 -8.67 7.36 -9.55
C TYR A 100 -10.05 8.02 -9.58
N ASP A 101 -10.05 9.34 -9.73
CA ASP A 101 -11.29 10.12 -9.81
C ASP A 101 -12.16 9.62 -10.98
N LYS A 102 -11.49 9.21 -12.05
CA LYS A 102 -12.17 8.65 -13.21
C LYS A 102 -12.56 7.20 -12.94
N LEU A 103 -11.62 6.43 -12.38
CA LEU A 103 -11.80 5.00 -12.15
C LEU A 103 -12.99 4.72 -11.22
N LYS A 104 -13.08 5.50 -10.15
CA LYS A 104 -14.16 5.33 -9.16
C LYS A 104 -15.52 5.60 -9.80
N SER A 105 -15.54 6.48 -10.79
CA SER A 105 -16.78 6.85 -11.45
C SER A 105 -17.14 5.83 -12.51
N LYS A 106 -16.17 5.49 -13.35
CA LYS A 106 -16.37 4.52 -14.41
C LYS A 106 -15.05 3.83 -14.78
N GLY A 107 -14.00 4.62 -14.91
CA GLY A 107 -12.73 4.10 -15.34
C GLY A 107 -12.54 4.23 -16.84
N SER A 108 -13.20 5.24 -17.40
CA SER A 108 -13.19 5.45 -18.83
C SER A 108 -13.37 6.94 -19.11
N MET A 1 19.95 15.58 1.44
CA MET A 1 19.36 16.65 0.60
C MET A 1 17.85 16.46 0.47
N GLY A 2 17.16 17.55 0.22
CA GLY A 2 15.72 17.49 0.07
C GLY A 2 15.01 18.66 0.73
N SER A 3 13.69 18.59 0.79
CA SER A 3 12.91 19.64 1.41
C SER A 3 12.77 19.40 2.91
N SER A 4 12.52 20.45 3.66
CA SER A 4 12.40 20.34 5.10
C SER A 4 11.00 19.87 5.48
N HIS A 5 10.74 18.59 5.22
CA HIS A 5 9.45 17.98 5.53
C HIS A 5 9.66 16.69 6.31
N HIS A 6 10.77 16.60 7.03
CA HIS A 6 11.09 15.41 7.82
C HIS A 6 10.36 15.42 9.17
N HIS A 7 9.18 16.03 9.20
CA HIS A 7 8.40 16.13 10.41
C HIS A 7 7.56 14.86 10.62
N HIS A 8 8.13 13.89 11.31
CA HIS A 8 7.43 12.66 11.61
C HIS A 8 7.54 12.33 13.09
N HIS A 9 6.45 11.86 13.66
CA HIS A 9 6.36 11.65 15.10
C HIS A 9 6.36 10.14 15.43
N HIS A 10 7.34 9.72 16.22
CA HIS A 10 7.41 8.34 16.66
C HIS A 10 6.80 8.22 18.06
N SER A 11 5.53 7.87 18.11
CA SER A 11 4.79 7.83 19.37
C SER A 11 5.02 6.54 20.14
N SER A 12 4.67 5.41 19.54
CA SER A 12 4.79 4.13 20.22
C SER A 12 6.22 3.60 20.14
N GLY A 13 6.90 3.61 21.28
CA GLY A 13 8.24 3.07 21.35
C GLY A 13 8.59 2.55 22.73
N ARG A 14 7.58 2.48 23.59
CA ARG A 14 7.79 2.04 24.97
C ARG A 14 7.43 0.57 25.15
N GLU A 15 6.55 0.07 24.29
CA GLU A 15 5.98 -1.25 24.47
C GLU A 15 6.26 -2.16 23.28
N ASN A 16 7.32 -1.84 22.54
CA ASN A 16 7.70 -2.63 21.37
C ASN A 16 8.37 -3.94 21.80
N LEU A 17 8.52 -4.12 23.10
CA LEU A 17 9.14 -5.30 23.66
C LEU A 17 8.13 -6.45 23.75
N TYR A 18 6.85 -6.10 23.69
CA TYR A 18 5.79 -7.08 23.80
C TYR A 18 5.23 -7.40 22.42
N PHE A 19 5.50 -8.61 21.95
CA PHE A 19 5.07 -9.04 20.62
C PHE A 19 3.55 -9.16 20.55
N GLN A 20 2.94 -9.37 21.71
CA GLN A 20 1.51 -9.59 21.81
C GLN A 20 0.70 -8.41 21.29
N GLY A 21 1.32 -7.23 21.28
CA GLY A 21 0.62 -6.03 20.87
C GLY A 21 0.85 -5.65 19.43
N HIS A 22 1.30 -6.61 18.62
CA HIS A 22 1.50 -6.36 17.20
C HIS A 22 1.52 -7.67 16.41
N MET A 23 0.39 -8.35 16.39
CA MET A 23 0.30 -9.64 15.73
C MET A 23 -0.10 -9.46 14.27
N CYS A 24 -0.50 -8.24 13.91
CA CYS A 24 -0.92 -7.95 12.55
C CYS A 24 0.25 -7.51 11.68
N ILE A 25 0.91 -8.48 11.07
CA ILE A 25 2.08 -8.20 10.25
C ILE A 25 1.70 -7.40 8.99
N GLN A 26 0.53 -7.68 8.42
CA GLN A 26 0.10 -6.96 7.22
C GLN A 26 -0.05 -5.49 7.52
N LYS A 27 -0.52 -5.17 8.72
CA LYS A 27 -0.68 -3.79 9.13
C LYS A 27 0.68 -3.09 9.24
N VAL A 28 1.65 -3.77 9.84
CA VAL A 28 3.00 -3.22 9.97
C VAL A 28 3.56 -2.82 8.60
N ILE A 29 3.55 -3.76 7.67
CA ILE A 29 4.03 -3.51 6.32
C ILE A 29 3.19 -2.42 5.63
N GLU A 30 1.88 -2.63 5.60
CA GLU A 30 0.96 -1.76 4.88
C GLU A 30 1.09 -0.31 5.34
N ASP A 31 1.00 -0.10 6.65
CA ASP A 31 0.91 1.26 7.17
C ASP A 31 2.25 1.96 7.12
N LYS A 32 3.34 1.21 7.19
CA LYS A 32 4.66 1.81 7.15
C LYS A 32 4.94 2.40 5.76
N LEU A 33 4.68 1.63 4.72
CA LEU A 33 4.90 2.10 3.36
C LEU A 33 3.86 3.14 2.96
N SER A 34 2.65 3.02 3.52
CA SER A 34 1.59 3.96 3.23
C SER A 34 1.88 5.32 3.86
N SER A 35 2.51 5.33 5.02
CA SER A 35 2.87 6.58 5.68
C SER A 35 4.02 7.27 4.94
N ALA A 36 4.85 6.49 4.26
CA ALA A 36 6.01 7.02 3.56
C ALA A 36 5.60 7.69 2.24
N LEU A 37 4.81 6.99 1.44
CA LEU A 37 4.37 7.54 0.16
C LEU A 37 3.14 8.42 0.35
N LYS A 38 2.34 8.07 1.33
CA LYS A 38 1.08 8.75 1.64
C LYS A 38 0.15 8.77 0.44
N PRO A 39 -0.67 7.72 0.29
CA PRO A 39 -1.62 7.63 -0.81
C PRO A 39 -2.97 8.26 -0.46
N THR A 40 -3.54 8.98 -1.42
CA THR A 40 -4.88 9.51 -1.27
C THR A 40 -5.90 8.37 -1.32
N PHE A 41 -5.54 7.33 -2.06
CA PHE A 41 -6.34 6.11 -2.16
C PHE A 41 -5.42 4.91 -2.18
N LEU A 42 -5.67 3.96 -1.30
CA LEU A 42 -4.84 2.76 -1.19
C LEU A 42 -5.73 1.53 -1.06
N GLU A 43 -5.52 0.55 -1.93
CA GLU A 43 -6.31 -0.67 -1.93
C GLU A 43 -5.38 -1.88 -1.94
N LEU A 44 -5.57 -2.80 -1.00
CA LEU A 44 -4.75 -4.01 -0.95
C LEU A 44 -5.46 -5.14 -1.67
N VAL A 45 -4.86 -5.60 -2.75
CA VAL A 45 -5.46 -6.63 -3.57
C VAL A 45 -4.78 -7.97 -3.30
N ASP A 46 -5.58 -8.95 -2.89
CA ASP A 46 -5.08 -10.29 -2.66
C ASP A 46 -4.70 -10.93 -3.99
N LYS A 47 -3.40 -11.14 -4.18
CA LYS A 47 -2.92 -11.74 -5.40
C LYS A 47 -3.08 -13.25 -5.30
N SER A 48 -3.90 -13.81 -6.19
CA SER A 48 -4.34 -15.19 -6.09
C SER A 48 -3.15 -16.16 -6.13
N CYS A 49 -2.94 -16.86 -5.02
CA CYS A 49 -1.96 -17.92 -4.93
C CYS A 49 -2.26 -18.79 -3.71
N GLY A 50 -1.83 -20.04 -3.75
CA GLY A 50 -2.16 -20.98 -2.68
C GLY A 50 -1.37 -20.73 -1.41
N CYS A 51 -0.07 -20.94 -1.48
CA CYS A 51 0.79 -20.79 -0.31
C CYS A 51 1.86 -19.74 -0.54
N GLY A 52 1.66 -18.95 -1.59
CA GLY A 52 2.62 -17.92 -1.93
C GLY A 52 2.52 -16.71 -1.01
N THR A 53 1.29 -16.31 -0.71
CA THR A 53 1.03 -15.12 0.09
C THR A 53 1.59 -13.88 -0.61
N SER A 54 0.82 -13.35 -1.55
CA SER A 54 1.25 -12.21 -2.33
C SER A 54 0.19 -11.11 -2.33
N PHE A 55 0.63 -9.87 -2.25
CA PHE A 55 -0.28 -8.74 -2.22
C PHE A 55 0.08 -7.72 -3.28
N ASP A 56 -0.93 -7.26 -4.00
CA ASP A 56 -0.76 -6.24 -5.02
C ASP A 56 -1.47 -4.98 -4.57
N ALA A 57 -0.71 -3.92 -4.35
CA ALA A 57 -1.25 -2.71 -3.74
C ALA A 57 -1.42 -1.60 -4.75
N VAL A 58 -2.66 -1.16 -4.92
CA VAL A 58 -2.97 -0.05 -5.79
C VAL A 58 -2.75 1.25 -5.05
N ILE A 59 -1.74 2.00 -5.46
CA ILE A 59 -1.38 3.23 -4.78
C ILE A 59 -1.76 4.44 -5.64
N VAL A 60 -2.78 5.14 -5.19
CA VAL A 60 -3.21 6.37 -5.83
C VAL A 60 -2.80 7.55 -4.96
N SER A 61 -1.83 8.32 -5.41
CA SER A 61 -1.25 9.37 -4.60
C SER A 61 -0.66 10.50 -5.44
N ASN A 62 -0.59 11.68 -4.85
CA ASN A 62 0.09 12.82 -5.47
C ASN A 62 1.58 12.52 -5.65
N ASN A 63 2.07 11.53 -4.91
CA ASN A 63 3.45 11.07 -5.02
C ASN A 63 3.83 10.80 -6.47
N PHE A 64 2.95 10.10 -7.18
CA PHE A 64 3.23 9.67 -8.53
C PHE A 64 2.65 10.69 -9.54
N GLU A 65 2.08 11.76 -9.03
CA GLU A 65 1.44 12.75 -9.85
C GLU A 65 2.48 13.75 -10.34
N ASP A 66 3.57 13.87 -9.58
CA ASP A 66 4.64 14.81 -9.92
C ASP A 66 5.50 14.25 -11.07
N LYS A 67 5.11 13.07 -11.54
CA LYS A 67 5.74 12.40 -12.70
C LYS A 67 7.16 11.92 -12.40
N LYS A 68 7.56 11.94 -11.14
CA LYS A 68 8.91 11.54 -10.80
C LYS A 68 8.97 10.02 -10.64
N LEU A 69 9.25 9.33 -11.74
CA LEU A 69 9.35 7.88 -11.72
C LEU A 69 10.64 7.44 -11.05
N LEU A 70 11.70 8.21 -11.22
CA LEU A 70 12.97 7.88 -10.60
C LEU A 70 12.90 8.03 -9.09
N ASP A 71 12.11 9.00 -8.61
CA ASP A 71 11.99 9.25 -7.19
C ASP A 71 11.16 8.18 -6.50
N ARG A 72 10.02 7.83 -7.09
CA ARG A 72 9.21 6.75 -6.54
C ARG A 72 10.01 5.44 -6.52
N HIS A 73 10.85 5.27 -7.54
CA HIS A 73 11.68 4.07 -7.65
C HIS A 73 12.68 4.02 -6.49
N ARG A 74 13.39 5.12 -6.28
CA ARG A 74 14.41 5.20 -5.24
C ARG A 74 13.78 5.10 -3.85
N LEU A 75 12.60 5.69 -3.69
CA LEU A 75 11.88 5.63 -2.41
C LEU A 75 11.44 4.21 -2.11
N VAL A 76 10.74 3.60 -3.05
CA VAL A 76 10.25 2.24 -2.90
C VAL A 76 11.40 1.27 -2.64
N ASN A 77 12.48 1.42 -3.40
CA ASN A 77 13.62 0.52 -3.26
C ASN A 77 14.23 0.63 -1.87
N THR A 78 14.37 1.84 -1.35
CA THR A 78 15.05 2.05 -0.07
C THR A 78 14.24 1.49 1.09
N ILE A 79 12.96 1.83 1.13
CA ILE A 79 12.08 1.41 2.23
C ILE A 79 11.70 -0.07 2.08
N LEU A 80 11.24 -0.43 0.89
CA LEU A 80 10.78 -1.77 0.66
C LEU A 80 11.93 -2.75 0.49
N LYS A 81 13.16 -2.25 0.47
CA LYS A 81 14.32 -3.13 0.49
C LYS A 81 14.21 -4.11 1.64
N GLU A 82 14.22 -3.57 2.85
CA GLU A 82 14.08 -4.39 4.04
C GLU A 82 12.63 -4.84 4.24
N GLU A 83 11.69 -4.02 3.78
CA GLU A 83 10.26 -4.34 3.88
C GLU A 83 9.95 -5.68 3.21
N LEU A 84 10.35 -5.80 1.94
CA LEU A 84 10.11 -7.00 1.14
C LEU A 84 10.55 -8.27 1.84
N GLN A 85 11.58 -8.20 2.68
CA GLN A 85 12.12 -9.38 3.35
C GLN A 85 11.02 -10.14 4.10
N ASN A 86 9.98 -9.44 4.55
CA ASN A 86 8.89 -10.05 5.30
C ASN A 86 7.76 -10.49 4.37
N ILE A 87 7.95 -10.26 3.08
CA ILE A 87 6.94 -10.57 2.09
C ILE A 87 7.50 -11.55 1.06
N HIS A 88 6.67 -12.47 0.59
CA HIS A 88 7.10 -13.39 -0.43
C HIS A 88 7.08 -12.70 -1.78
N ALA A 89 6.00 -11.99 -2.06
CA ALA A 89 5.87 -11.25 -3.31
C ALA A 89 4.92 -10.07 -3.15
N PHE A 90 5.50 -8.87 -3.04
CA PHE A 90 4.71 -7.66 -2.98
C PHE A 90 4.72 -6.94 -4.33
N SER A 91 3.55 -6.55 -4.78
CA SER A 91 3.41 -5.82 -6.04
C SER A 91 2.72 -4.49 -5.77
N MET A 92 2.91 -3.54 -6.67
CA MET A 92 2.30 -2.22 -6.51
C MET A 92 1.90 -1.64 -7.87
N LYS A 93 0.74 -1.01 -7.89
CA LYS A 93 0.24 -0.36 -9.10
C LYS A 93 0.01 1.13 -8.81
N CYS A 94 0.84 1.98 -9.38
CA CYS A 94 0.82 3.40 -9.04
C CYS A 94 0.05 4.21 -10.08
N HIS A 95 -0.86 5.05 -9.59
CA HIS A 95 -1.59 5.98 -10.42
C HIS A 95 -1.92 7.25 -9.63
N THR A 96 -2.50 8.22 -10.30
CA THR A 96 -2.79 9.50 -9.68
C THR A 96 -4.27 9.62 -9.33
N PRO A 97 -4.60 10.54 -8.40
CA PRO A 97 -6.00 10.81 -8.02
C PRO A 97 -6.80 11.33 -9.20
N LEU A 98 -6.12 11.96 -10.15
CA LEU A 98 -6.76 12.49 -11.35
C LEU A 98 -7.33 11.33 -12.16
N GLU A 99 -6.50 10.31 -12.37
CA GLU A 99 -6.93 9.11 -13.09
C GLU A 99 -8.07 8.43 -12.37
N TYR A 100 -7.90 8.21 -11.07
CA TYR A 100 -8.90 7.54 -10.25
C TYR A 100 -10.21 8.31 -10.27
N ASP A 101 -10.13 9.63 -10.16
CA ASP A 101 -11.32 10.49 -10.16
C ASP A 101 -12.09 10.35 -11.46
N LYS A 102 -11.37 10.21 -12.57
CA LYS A 102 -12.00 10.02 -13.88
C LYS A 102 -12.74 8.68 -13.93
N LEU A 103 -12.14 7.67 -13.31
CA LEU A 103 -12.73 6.33 -13.30
C LEU A 103 -14.05 6.33 -12.50
N LYS A 104 -14.00 6.88 -11.29
CA LYS A 104 -15.16 6.93 -10.42
C LYS A 104 -16.22 7.91 -10.93
N SER A 105 -15.77 8.94 -11.63
CA SER A 105 -16.67 9.98 -12.13
C SER A 105 -17.71 9.41 -13.08
N LYS A 106 -17.25 8.73 -14.12
CA LYS A 106 -18.14 8.20 -15.13
C LYS A 106 -18.01 6.68 -15.27
N GLY A 107 -16.80 6.22 -15.55
CA GLY A 107 -16.58 4.80 -15.78
C GLY A 107 -15.81 4.54 -17.05
N SER A 108 -14.67 5.20 -17.18
CA SER A 108 -13.80 5.00 -18.32
C SER A 108 -13.00 3.71 -18.16
N MET A 1 -4.58 2.25 3.29
CA MET A 1 -5.86 2.74 3.86
C MET A 1 -5.60 3.88 4.82
N GLY A 2 -6.45 4.90 4.78
CA GLY A 2 -6.27 6.06 5.62
C GLY A 2 -5.47 7.14 4.91
N SER A 3 -5.67 8.38 5.33
CA SER A 3 -4.94 9.50 4.75
C SER A 3 -3.62 9.69 5.50
N SER A 4 -2.52 9.38 4.83
CA SER A 4 -1.19 9.40 5.44
C SER A 4 -0.86 10.75 6.07
N HIS A 5 -0.72 10.74 7.39
CA HIS A 5 -0.29 11.92 8.13
C HIS A 5 0.68 11.48 9.22
N HIS A 6 1.97 11.49 8.89
CA HIS A 6 2.95 10.87 9.75
C HIS A 6 3.84 11.90 10.45
N HIS A 7 3.49 12.20 11.69
CA HIS A 7 4.36 12.95 12.59
C HIS A 7 4.56 12.14 13.86
N HIS A 8 5.45 11.15 13.77
CA HIS A 8 5.65 10.13 14.81
C HIS A 8 4.44 9.20 14.90
N HIS A 9 3.26 9.78 14.92
CA HIS A 9 2.00 9.02 14.95
C HIS A 9 1.84 8.24 13.65
N HIS A 10 1.27 7.05 13.74
CA HIS A 10 1.00 6.23 12.57
C HIS A 10 -0.29 6.68 11.89
N SER A 11 -0.66 6.02 10.80
CA SER A 11 -1.89 6.35 10.10
C SER A 11 -3.00 5.41 10.55
N SER A 12 -2.80 4.82 11.72
CA SER A 12 -3.72 3.86 12.27
C SER A 12 -4.36 4.40 13.55
N GLY A 13 -5.51 3.85 13.91
CA GLY A 13 -6.21 4.30 15.09
C GLY A 13 -7.71 4.32 14.90
N ARG A 14 -8.23 3.31 14.21
CA ARG A 14 -9.67 3.24 13.94
C ARG A 14 -10.26 2.06 14.70
N GLU A 15 -9.48 1.00 14.79
CA GLU A 15 -9.91 -0.24 15.42
C GLU A 15 -9.68 -0.21 16.93
N ASN A 16 -9.48 0.98 17.47
CA ASN A 16 -9.26 1.14 18.91
C ASN A 16 -10.59 1.10 19.64
N LEU A 17 -11.67 1.20 18.88
CA LEU A 17 -13.01 1.17 19.43
C LEU A 17 -13.40 -0.25 19.84
N TYR A 18 -12.80 -1.22 19.18
CA TYR A 18 -13.12 -2.62 19.42
C TYR A 18 -11.91 -3.35 20.00
N PHE A 19 -12.10 -4.63 20.30
CA PHE A 19 -11.04 -5.47 20.86
C PHE A 19 -10.09 -5.95 19.75
N GLN A 20 -10.17 -5.28 18.60
CA GLN A 20 -9.39 -5.67 17.42
C GLN A 20 -7.90 -5.70 17.72
N GLY A 21 -7.26 -4.53 17.75
CA GLY A 21 -5.83 -4.45 17.94
C GLY A 21 -5.08 -5.32 16.94
N HIS A 22 -5.64 -5.43 15.73
CA HIS A 22 -5.10 -6.33 14.72
C HIS A 22 -3.87 -5.75 14.04
N MET A 23 -2.72 -5.91 14.68
CA MET A 23 -1.45 -5.49 14.11
C MET A 23 -0.87 -6.61 13.27
N CYS A 24 -1.64 -7.10 12.31
CA CYS A 24 -1.21 -8.15 11.43
C CYS A 24 -0.11 -7.64 10.50
N ILE A 25 0.76 -8.55 10.07
CA ILE A 25 1.88 -8.22 9.20
C ILE A 25 1.42 -7.46 7.95
N GLN A 26 0.21 -7.77 7.50
CA GLN A 26 -0.39 -7.10 6.35
C GLN A 26 -0.50 -5.60 6.60
N LYS A 27 -1.11 -5.26 7.73
CA LYS A 27 -1.33 -3.86 8.08
C LYS A 27 -0.02 -3.18 8.47
N VAL A 28 0.92 -3.94 9.02
CA VAL A 28 2.23 -3.41 9.38
C VAL A 28 2.90 -2.79 8.15
N ILE A 29 2.93 -3.54 7.07
CA ILE A 29 3.51 -3.06 5.82
C ILE A 29 2.66 -1.92 5.24
N GLU A 30 1.35 -2.07 5.35
CA GLU A 30 0.41 -1.10 4.79
C GLU A 30 0.62 0.28 5.41
N ASP A 31 0.64 0.35 6.74
CA ASP A 31 0.84 1.62 7.45
C ASP A 31 2.26 2.14 7.22
N LYS A 32 3.20 1.22 7.15
CA LYS A 32 4.61 1.57 7.00
C LYS A 32 4.88 2.26 5.66
N LEU A 33 4.45 1.65 4.57
CA LEU A 33 4.68 2.24 3.25
C LEU A 33 3.79 3.47 3.05
N SER A 34 2.64 3.48 3.71
CA SER A 34 1.72 4.62 3.63
C SER A 34 2.39 5.86 4.23
N SER A 35 3.03 5.67 5.38
CA SER A 35 3.68 6.77 6.08
C SER A 35 4.82 7.39 5.25
N ALA A 36 5.41 6.58 4.37
CA ALA A 36 6.54 7.04 3.57
C ALA A 36 6.09 7.58 2.22
N LEU A 37 5.35 6.77 1.47
CA LEU A 37 4.94 7.11 0.12
C LEU A 37 3.87 8.19 0.12
N LYS A 38 3.05 8.19 1.16
CA LYS A 38 1.95 9.14 1.31
C LYS A 38 0.94 9.01 0.17
N PRO A 39 0.21 7.88 0.12
CA PRO A 39 -0.87 7.69 -0.82
C PRO A 39 -2.21 8.16 -0.26
N THR A 40 -2.89 9.02 -1.00
CA THR A 40 -4.20 9.50 -0.58
C THR A 40 -5.20 8.36 -0.54
N PHE A 41 -4.93 7.35 -1.35
CA PHE A 41 -5.71 6.12 -1.35
C PHE A 41 -4.78 4.93 -1.55
N LEU A 42 -5.03 3.85 -0.84
CA LEU A 42 -4.22 2.64 -0.96
C LEU A 42 -5.14 1.43 -0.84
N GLU A 43 -5.34 0.74 -1.95
CA GLU A 43 -6.22 -0.42 -1.98
C GLU A 43 -5.41 -1.70 -1.92
N LEU A 44 -5.89 -2.68 -1.17
CA LEU A 44 -5.18 -3.94 -1.04
C LEU A 44 -5.89 -5.05 -1.80
N VAL A 45 -5.19 -5.64 -2.75
CA VAL A 45 -5.67 -6.81 -3.46
C VAL A 45 -4.85 -8.01 -3.03
N ASP A 46 -5.52 -9.06 -2.58
CA ASP A 46 -4.82 -10.27 -2.17
C ASP A 46 -4.24 -10.97 -3.38
N LYS A 47 -2.91 -11.01 -3.44
CA LYS A 47 -2.24 -11.57 -4.59
C LYS A 47 -1.95 -13.05 -4.36
N SER A 48 -2.97 -13.88 -4.53
CA SER A 48 -2.79 -15.32 -4.45
C SER A 48 -1.97 -15.79 -5.65
N CYS A 49 -0.66 -15.82 -5.48
CA CYS A 49 0.24 -16.18 -6.56
C CYS A 49 0.67 -17.65 -6.43
N GLY A 50 0.12 -18.33 -5.43
CA GLY A 50 0.38 -19.74 -5.27
C GLY A 50 1.72 -20.03 -4.60
N CYS A 51 2.78 -19.44 -5.13
CA CYS A 51 4.12 -19.63 -4.62
C CYS A 51 4.19 -19.32 -3.13
N GLY A 52 3.82 -18.10 -2.77
CA GLY A 52 3.86 -17.69 -1.38
C GLY A 52 3.07 -16.42 -1.15
N THR A 53 3.09 -15.91 0.08
CA THR A 53 2.34 -14.71 0.43
C THR A 53 2.75 -13.54 -0.45
N SER A 54 1.76 -12.98 -1.14
CA SER A 54 1.99 -11.87 -2.05
C SER A 54 0.83 -10.88 -1.96
N PHE A 55 1.11 -9.61 -2.24
CA PHE A 55 0.08 -8.59 -2.18
C PHE A 55 0.17 -7.68 -3.40
N ASP A 56 -0.99 -7.27 -3.91
CA ASP A 56 -1.06 -6.32 -5.00
C ASP A 56 -1.68 -5.03 -4.47
N ALA A 57 -0.89 -3.99 -4.32
CA ALA A 57 -1.35 -2.76 -3.70
C ALA A 57 -1.59 -1.67 -4.73
N VAL A 58 -2.83 -1.21 -4.83
CA VAL A 58 -3.18 -0.13 -5.73
C VAL A 58 -2.88 1.21 -5.07
N ILE A 59 -1.91 1.93 -5.59
CA ILE A 59 -1.51 3.18 -5.00
C ILE A 59 -2.17 4.35 -5.71
N VAL A 60 -2.49 5.37 -4.94
CA VAL A 60 -3.03 6.60 -5.46
C VAL A 60 -2.36 7.75 -4.74
N SER A 61 -1.33 8.34 -5.34
CA SER A 61 -0.52 9.31 -4.63
C SER A 61 -0.02 10.44 -5.51
N ASN A 62 0.17 11.61 -4.88
CA ASN A 62 0.78 12.77 -5.52
C ASN A 62 2.25 12.51 -5.83
N ASN A 63 2.83 11.52 -5.17
CA ASN A 63 4.26 11.26 -5.25
C ASN A 63 4.73 11.05 -6.69
N PHE A 64 3.88 10.48 -7.53
CA PHE A 64 4.30 10.12 -8.88
C PHE A 64 3.75 11.09 -9.93
N GLU A 65 2.95 12.07 -9.52
CA GLU A 65 2.35 13.00 -10.48
C GLU A 65 3.37 14.03 -10.95
N ASP A 66 4.59 13.93 -10.45
CA ASP A 66 5.66 14.82 -10.87
C ASP A 66 6.39 14.24 -12.09
N LYS A 67 6.04 12.98 -12.41
CA LYS A 67 6.53 12.27 -13.60
C LYS A 67 7.97 11.77 -13.45
N LYS A 68 8.69 12.24 -12.42
CA LYS A 68 10.05 11.75 -12.17
C LYS A 68 10.01 10.33 -11.62
N LEU A 69 10.51 9.39 -12.41
CA LEU A 69 10.46 7.98 -12.05
C LEU A 69 11.50 7.65 -10.97
N LEU A 70 12.62 8.36 -10.97
CA LEU A 70 13.71 8.04 -10.04
C LEU A 70 13.29 8.29 -8.60
N ASP A 71 12.42 9.25 -8.38
CA ASP A 71 11.99 9.59 -7.03
C ASP A 71 11.04 8.52 -6.50
N ARG A 72 10.20 8.01 -7.39
CA ARG A 72 9.33 6.90 -7.06
C ARG A 72 10.17 5.69 -6.72
N HIS A 73 11.19 5.45 -7.55
CA HIS A 73 12.08 4.32 -7.40
C HIS A 73 12.82 4.37 -6.06
N ARG A 74 13.42 5.51 -5.77
CA ARG A 74 14.22 5.67 -4.55
C ARG A 74 13.36 5.47 -3.30
N LEU A 75 12.12 5.97 -3.33
CA LEU A 75 11.20 5.81 -2.21
C LEU A 75 10.82 4.36 -2.03
N VAL A 76 10.32 3.75 -3.10
CA VAL A 76 9.86 2.36 -3.05
C VAL A 76 10.99 1.43 -2.63
N ASN A 77 12.15 1.56 -3.25
CA ASN A 77 13.27 0.69 -2.97
C ASN A 77 13.68 0.76 -1.51
N THR A 78 13.84 1.97 -0.99
CA THR A 78 14.36 2.17 0.36
C THR A 78 13.47 1.55 1.44
N ILE A 79 12.19 1.92 1.47
CA ILE A 79 11.30 1.48 2.54
C ILE A 79 10.71 0.09 2.23
N LEU A 80 10.20 -0.06 1.01
CA LEU A 80 9.55 -1.30 0.62
C LEU A 80 10.58 -2.43 0.52
N LYS A 81 11.87 -2.08 0.58
CA LYS A 81 12.91 -3.07 0.80
C LYS A 81 12.57 -3.89 2.03
N GLU A 82 12.42 -3.21 3.16
CA GLU A 82 12.08 -3.85 4.41
C GLU A 82 10.74 -4.55 4.32
N GLU A 83 9.81 -3.95 3.59
CA GLU A 83 8.52 -4.61 3.30
C GLU A 83 8.74 -5.98 2.72
N LEU A 84 9.51 -5.98 1.65
CA LEU A 84 9.88 -7.19 0.91
C LEU A 84 10.42 -8.29 1.82
N GLN A 85 11.08 -7.92 2.92
CA GLN A 85 11.64 -8.91 3.84
C GLN A 85 10.54 -9.78 4.43
N ASN A 86 9.33 -9.24 4.48
CA ASN A 86 8.19 -9.92 5.08
C ASN A 86 7.33 -10.59 4.02
N ILE A 87 7.31 -10.01 2.83
CA ILE A 87 6.50 -10.54 1.73
C ILE A 87 7.35 -11.44 0.85
N HIS A 88 6.73 -12.14 -0.08
CA HIS A 88 7.50 -12.85 -1.10
C HIS A 88 7.62 -11.98 -2.34
N ALA A 89 6.48 -11.61 -2.91
CA ALA A 89 6.44 -10.75 -4.07
C ALA A 89 5.41 -9.65 -3.88
N PHE A 90 5.88 -8.42 -3.75
CA PHE A 90 4.98 -7.28 -3.61
C PHE A 90 4.74 -6.63 -4.96
N SER A 91 3.49 -6.56 -5.35
CA SER A 91 3.10 -5.92 -6.60
C SER A 91 2.35 -4.63 -6.29
N MET A 92 2.43 -3.68 -7.20
CA MET A 92 1.80 -2.39 -6.98
C MET A 92 1.16 -1.89 -8.28
N LYS A 93 0.04 -1.20 -8.13
CA LYS A 93 -0.60 -0.53 -9.25
C LYS A 93 -0.36 0.97 -9.11
N CYS A 94 0.39 1.56 -10.02
CA CYS A 94 0.71 2.98 -9.91
C CYS A 94 -0.41 3.84 -10.48
N HIS A 95 -1.10 4.55 -9.59
CA HIS A 95 -2.17 5.45 -10.01
C HIS A 95 -2.10 6.78 -9.28
N THR A 96 -2.74 7.78 -9.85
CA THR A 96 -2.76 9.13 -9.29
C THR A 96 -4.20 9.56 -8.98
N PRO A 97 -4.36 10.52 -8.05
CA PRO A 97 -5.68 10.89 -7.51
C PRO A 97 -6.70 11.33 -8.57
N LEU A 98 -6.32 12.28 -9.42
CA LEU A 98 -7.24 12.87 -10.39
C LEU A 98 -7.78 11.81 -11.35
N GLU A 99 -6.89 11.01 -11.89
CA GLU A 99 -7.26 9.98 -12.85
C GLU A 99 -8.09 8.89 -12.18
N TYR A 100 -7.67 8.48 -10.99
CA TYR A 100 -8.33 7.38 -10.28
C TYR A 100 -9.77 7.73 -9.92
N ASP A 101 -10.02 9.00 -9.63
CA ASP A 101 -11.36 9.44 -9.27
C ASP A 101 -12.35 9.21 -10.40
N LYS A 102 -11.88 9.34 -11.63
CA LYS A 102 -12.73 9.14 -12.80
C LYS A 102 -12.99 7.66 -13.02
N LEU A 103 -12.14 6.82 -12.46
CA LEU A 103 -12.33 5.38 -12.53
C LEU A 103 -13.44 4.96 -11.57
N LYS A 104 -13.30 5.37 -10.30
CA LYS A 104 -14.29 5.06 -9.27
C LYS A 104 -15.60 5.81 -9.51
N SER A 105 -15.59 6.72 -10.48
CA SER A 105 -16.77 7.47 -10.88
C SER A 105 -17.90 6.52 -11.27
N LYS A 106 -17.54 5.38 -11.87
CA LYS A 106 -18.53 4.40 -12.26
C LYS A 106 -18.09 3.00 -11.82
N GLY A 107 -16.83 2.69 -12.08
CA GLY A 107 -16.29 1.41 -11.71
C GLY A 107 -15.13 1.01 -12.61
N SER A 108 -15.30 1.26 -13.90
CA SER A 108 -14.26 0.98 -14.87
C SER A 108 -14.40 1.95 -16.03
N MET A 1 -7.96 -18.05 2.35
CA MET A 1 -8.04 -18.72 1.03
C MET A 1 -9.24 -18.22 0.25
N GLY A 2 -9.36 -18.64 -1.00
CA GLY A 2 -10.45 -18.22 -1.86
C GLY A 2 -9.97 -17.99 -3.28
N SER A 3 -10.81 -17.40 -4.11
CA SER A 3 -10.44 -17.07 -5.47
C SER A 3 -9.45 -15.90 -5.49
N SER A 4 -9.83 -14.81 -4.81
CA SER A 4 -8.99 -13.63 -4.70
C SER A 4 -9.70 -12.60 -3.83
N HIS A 5 -9.15 -12.35 -2.65
CA HIS A 5 -9.74 -11.38 -1.74
C HIS A 5 -9.38 -9.95 -2.13
N HIS A 6 -10.27 -9.32 -2.87
CA HIS A 6 -10.10 -7.93 -3.25
C HIS A 6 -10.63 -7.05 -2.13
N HIS A 7 -9.74 -6.37 -1.43
CA HIS A 7 -10.17 -5.50 -0.34
C HIS A 7 -9.65 -4.09 -0.51
N HIS A 8 -10.47 -3.24 -1.12
CA HIS A 8 -10.11 -1.85 -1.33
C HIS A 8 -10.52 -1.03 -0.12
N HIS A 9 -9.72 -0.02 0.20
CA HIS A 9 -9.97 0.83 1.35
C HIS A 9 -9.24 2.16 1.20
N HIS A 10 -9.46 3.05 2.14
CA HIS A 10 -8.80 4.36 2.11
C HIS A 10 -7.39 4.21 2.66
N SER A 11 -6.50 5.11 2.24
CA SER A 11 -5.11 5.05 2.63
C SER A 11 -4.94 5.16 4.14
N SER A 12 -4.06 4.34 4.70
CA SER A 12 -3.79 4.37 6.13
C SER A 12 -3.03 5.63 6.51
N GLY A 13 -3.78 6.65 6.91
CA GLY A 13 -3.18 7.89 7.36
C GLY A 13 -3.88 8.42 8.58
N ARG A 14 -4.15 7.53 9.51
CA ARG A 14 -4.87 7.87 10.73
C ARG A 14 -4.14 7.39 11.97
N GLU A 15 -3.64 6.16 11.93
CA GLU A 15 -2.91 5.60 13.05
C GLU A 15 -1.41 5.61 12.74
N ASN A 16 -1.08 6.22 11.60
CA ASN A 16 0.31 6.34 11.13
C ASN A 16 1.20 7.11 12.11
N LEU A 17 0.62 7.68 13.15
CA LEU A 17 1.40 8.34 14.19
C LEU A 17 1.95 7.32 15.18
N TYR A 18 1.41 6.12 15.12
CA TYR A 18 1.75 5.07 16.07
C TYR A 18 2.25 3.84 15.33
N PHE A 19 3.58 3.70 15.25
CA PHE A 19 4.21 2.60 14.52
C PHE A 19 4.08 1.28 15.27
N GLN A 20 3.31 1.29 16.35
CA GLN A 20 3.06 0.10 17.15
C GLN A 20 1.85 -0.66 16.63
N GLY A 21 1.43 -0.35 15.41
CA GLY A 21 0.24 -0.95 14.83
C GLY A 21 0.45 -2.39 14.40
N HIS A 22 0.70 -3.27 15.36
CA HIS A 22 0.92 -4.68 15.08
C HIS A 22 -0.43 -5.41 14.98
N MET A 23 -1.44 -4.66 14.55
CA MET A 23 -2.79 -5.18 14.33
C MET A 23 -2.76 -6.35 13.36
N CYS A 24 -1.92 -6.24 12.35
CA CYS A 24 -1.74 -7.28 11.36
C CYS A 24 -0.45 -7.00 10.59
N ILE A 25 0.24 -8.07 10.18
CA ILE A 25 1.47 -7.92 9.41
C ILE A 25 1.24 -7.09 8.15
N GLN A 26 0.14 -7.36 7.46
CA GLN A 26 -0.20 -6.61 6.25
C GLN A 26 -0.51 -5.16 6.59
N LYS A 27 -1.13 -4.95 7.74
CA LYS A 27 -1.48 -3.62 8.20
C LYS A 27 -0.21 -2.78 8.41
N VAL A 28 0.83 -3.42 8.93
CA VAL A 28 2.10 -2.76 9.15
C VAL A 28 2.67 -2.26 7.81
N ILE A 29 2.70 -3.16 6.82
CA ILE A 29 3.19 -2.83 5.49
C ILE A 29 2.40 -1.65 4.91
N GLU A 30 1.07 -1.75 4.96
CA GLU A 30 0.20 -0.73 4.37
C GLU A 30 0.45 0.65 4.98
N ASP A 31 0.42 0.74 6.30
CA ASP A 31 0.52 2.03 6.98
C ASP A 31 1.93 2.60 6.83
N LYS A 32 2.92 1.71 6.83
CA LYS A 32 4.32 2.12 6.73
C LYS A 32 4.58 2.85 5.42
N LEU A 33 4.13 2.26 4.31
CA LEU A 33 4.32 2.89 3.00
C LEU A 33 3.39 4.10 2.83
N SER A 34 2.26 4.07 3.54
CA SER A 34 1.32 5.18 3.49
C SER A 34 1.87 6.40 4.23
N SER A 35 2.61 6.14 5.30
CA SER A 35 3.26 7.21 6.06
C SER A 35 4.35 7.87 5.23
N ALA A 36 4.93 7.11 4.30
CA ALA A 36 6.03 7.59 3.50
C ALA A 36 5.55 8.28 2.22
N LEU A 37 4.75 7.58 1.45
CA LEU A 37 4.30 8.09 0.15
C LEU A 37 3.08 8.99 0.32
N LYS A 38 2.29 8.71 1.35
CA LYS A 38 1.05 9.42 1.62
C LYS A 38 0.10 9.38 0.42
N PRO A 39 -0.59 8.24 0.22
CA PRO A 39 -1.54 8.08 -0.86
C PRO A 39 -2.94 8.55 -0.47
N THR A 40 -3.84 8.57 -1.45
CA THR A 40 -5.24 8.87 -1.20
C THR A 40 -6.09 7.61 -1.28
N PHE A 41 -5.62 6.65 -2.08
CA PHE A 41 -6.29 5.37 -2.20
C PHE A 41 -5.27 4.25 -2.17
N LEU A 42 -5.61 3.17 -1.47
CA LEU A 42 -4.71 2.03 -1.34
C LEU A 42 -5.51 0.73 -1.37
N GLU A 43 -5.27 -0.08 -2.37
CA GLU A 43 -5.94 -1.37 -2.49
C GLU A 43 -4.93 -2.49 -2.63
N LEU A 44 -4.80 -3.31 -1.60
CA LEU A 44 -3.98 -4.50 -1.69
C LEU A 44 -4.85 -5.69 -2.06
N VAL A 45 -4.50 -6.35 -3.14
CA VAL A 45 -5.28 -7.46 -3.63
C VAL A 45 -4.62 -8.78 -3.29
N ASP A 46 -5.42 -9.70 -2.78
CA ASP A 46 -4.97 -11.06 -2.51
C ASP A 46 -4.58 -11.73 -3.81
N LYS A 47 -3.28 -11.95 -3.97
CA LYS A 47 -2.74 -12.46 -5.21
C LYS A 47 -2.18 -13.87 -4.98
N SER A 48 -2.98 -14.71 -4.34
CA SER A 48 -2.61 -16.08 -4.09
C SER A 48 -2.52 -16.87 -5.40
N CYS A 49 -1.37 -16.78 -6.07
CA CYS A 49 -1.14 -17.50 -7.30
C CYS A 49 -0.79 -18.94 -6.98
N GLY A 50 -1.80 -19.80 -6.99
CA GLY A 50 -1.60 -21.18 -6.58
C GLY A 50 -1.36 -21.27 -5.08
N CYS A 51 -0.17 -21.69 -4.71
CA CYS A 51 0.19 -21.81 -3.30
C CYS A 51 1.28 -20.80 -2.95
N GLY A 52 0.91 -19.76 -2.21
CA GLY A 52 1.87 -18.75 -1.82
C GLY A 52 1.21 -17.45 -1.42
N THR A 53 1.68 -16.86 -0.33
CA THR A 53 1.15 -15.60 0.16
C THR A 53 1.77 -14.42 -0.58
N SER A 54 1.07 -13.91 -1.57
CA SER A 54 1.54 -12.77 -2.34
C SER A 54 0.42 -11.74 -2.53
N PHE A 55 0.81 -10.48 -2.67
CA PHE A 55 -0.18 -9.40 -2.79
C PHE A 55 0.21 -8.44 -3.92
N ASP A 56 -0.81 -7.94 -4.60
CA ASP A 56 -0.63 -6.92 -5.64
C ASP A 56 -1.34 -5.65 -5.18
N ALA A 57 -0.57 -4.59 -4.92
CA ALA A 57 -1.13 -3.40 -4.31
C ALA A 57 -1.15 -2.23 -5.27
N VAL A 58 -2.33 -1.63 -5.42
CA VAL A 58 -2.50 -0.43 -6.22
C VAL A 58 -2.37 0.80 -5.34
N ILE A 59 -1.38 1.64 -5.66
CA ILE A 59 -1.12 2.84 -4.88
C ILE A 59 -1.51 4.09 -5.67
N VAL A 60 -2.41 4.88 -5.10
CA VAL A 60 -2.85 6.13 -5.72
C VAL A 60 -2.42 7.31 -4.86
N SER A 61 -1.43 8.07 -5.34
CA SER A 61 -0.84 9.15 -4.56
C SER A 61 -0.31 10.27 -5.45
N ASN A 62 -0.24 11.48 -4.89
CA ASN A 62 0.37 12.62 -5.57
C ASN A 62 1.87 12.41 -5.72
N ASN A 63 2.42 11.50 -4.93
CA ASN A 63 3.86 11.24 -4.93
C ASN A 63 4.38 10.92 -6.33
N PHE A 64 3.50 10.45 -7.21
CA PHE A 64 3.92 10.07 -8.56
C PHE A 64 3.52 11.12 -9.61
N GLU A 65 2.74 12.13 -9.21
CA GLU A 65 2.23 13.11 -10.18
C GLU A 65 3.34 14.05 -10.64
N ASP A 66 4.45 14.05 -9.91
CA ASP A 66 5.56 14.95 -10.19
C ASP A 66 6.37 14.43 -11.38
N LYS A 67 5.93 13.30 -11.95
CA LYS A 67 6.55 12.69 -13.14
C LYS A 67 7.92 12.08 -12.81
N LYS A 68 8.31 12.15 -11.55
CA LYS A 68 9.58 11.60 -11.12
C LYS A 68 9.47 10.10 -10.93
N LEU A 69 9.75 9.37 -12.01
CA LEU A 69 9.68 7.92 -11.98
C LEU A 69 10.83 7.36 -11.14
N LEU A 70 12.03 7.84 -11.45
CA LEU A 70 13.23 7.40 -10.74
C LEU A 70 13.16 7.70 -9.24
N ASP A 71 12.51 8.81 -8.89
CA ASP A 71 12.38 9.18 -7.48
C ASP A 71 11.37 8.28 -6.78
N ARG A 72 10.21 8.11 -7.40
CA ARG A 72 9.19 7.22 -6.89
C ARG A 72 9.74 5.80 -6.76
N HIS A 73 10.58 5.44 -7.72
CA HIS A 73 11.22 4.14 -7.74
C HIS A 73 12.15 3.97 -6.53
N ARG A 74 13.08 4.89 -6.36
CA ARG A 74 14.09 4.80 -5.32
C ARG A 74 13.47 4.87 -3.91
N LEU A 75 12.48 5.75 -3.73
CA LEU A 75 11.83 5.90 -2.43
C LEU A 75 11.18 4.59 -2.01
N VAL A 76 10.35 4.04 -2.88
CA VAL A 76 9.66 2.78 -2.60
C VAL A 76 10.68 1.65 -2.40
N ASN A 77 11.69 1.61 -3.25
CA ASN A 77 12.69 0.55 -3.20
C ASN A 77 13.49 0.58 -1.91
N THR A 78 13.77 1.77 -1.39
CA THR A 78 14.60 1.91 -0.20
C THR A 78 13.87 1.44 1.05
N ILE A 79 12.61 1.85 1.18
CA ILE A 79 11.80 1.50 2.34
C ILE A 79 11.31 0.06 2.24
N LEU A 80 10.73 -0.26 1.10
CA LEU A 80 10.14 -1.58 0.90
C LEU A 80 11.22 -2.64 0.69
N LYS A 81 12.48 -2.22 0.53
CA LYS A 81 13.58 -3.16 0.51
C LYS A 81 13.55 -4.04 1.75
N GLU A 82 13.68 -3.39 2.91
CA GLU A 82 13.70 -4.11 4.17
C GLU A 82 12.32 -4.62 4.52
N GLU A 83 11.31 -3.90 4.05
CA GLU A 83 9.92 -4.30 4.21
C GLU A 83 9.68 -5.70 3.61
N LEU A 84 10.18 -5.89 2.41
CA LEU A 84 10.02 -7.13 1.65
C LEU A 84 10.39 -8.38 2.45
N GLN A 85 11.33 -8.26 3.38
CA GLN A 85 11.76 -9.40 4.18
C GLN A 85 10.60 -10.09 4.92
N ASN A 86 9.48 -9.38 5.05
CA ASN A 86 8.30 -9.95 5.72
C ASN A 86 7.43 -10.74 4.75
N ILE A 87 7.76 -10.66 3.46
CA ILE A 87 6.99 -11.33 2.41
C ILE A 87 7.93 -12.06 1.45
N HIS A 88 7.37 -12.78 0.49
CA HIS A 88 8.20 -13.40 -0.54
C HIS A 88 7.86 -12.83 -1.92
N ALA A 89 6.74 -12.11 -2.02
CA ALA A 89 6.31 -11.54 -3.28
C ALA A 89 5.28 -10.44 -3.08
N PHE A 90 5.72 -9.20 -3.26
CA PHE A 90 4.82 -8.05 -3.19
C PHE A 90 5.05 -7.14 -4.39
N SER A 91 4.00 -6.91 -5.17
CA SER A 91 4.09 -6.04 -6.34
C SER A 91 3.20 -4.80 -6.17
N MET A 92 3.65 -3.67 -6.69
CA MET A 92 2.90 -2.43 -6.57
C MET A 92 2.62 -1.83 -7.94
N LYS A 93 1.46 -1.19 -8.06
CA LYS A 93 1.04 -0.51 -9.28
C LYS A 93 0.70 0.94 -8.95
N CYS A 94 1.39 1.88 -9.56
CA CYS A 94 1.25 3.29 -9.19
C CYS A 94 0.37 4.06 -10.17
N HIS A 95 -0.53 4.86 -9.62
CA HIS A 95 -1.37 5.77 -10.40
C HIS A 95 -1.65 7.03 -9.57
N THR A 96 -2.28 8.01 -10.20
CA THR A 96 -2.55 9.26 -9.51
C THR A 96 -4.04 9.47 -9.25
N PRO A 97 -4.38 10.32 -8.26
CA PRO A 97 -5.78 10.58 -7.86
C PRO A 97 -6.60 11.16 -8.99
N LEU A 98 -5.91 11.71 -9.99
CA LEU A 98 -6.58 12.22 -11.17
C LEU A 98 -7.35 11.09 -11.86
N GLU A 99 -6.67 9.98 -12.10
CA GLU A 99 -7.31 8.78 -12.65
C GLU A 99 -8.40 8.29 -11.71
N TYR A 100 -8.07 8.25 -10.43
CA TYR A 100 -8.99 7.80 -9.39
C TYR A 100 -10.27 8.62 -9.40
N ASP A 101 -10.15 9.93 -9.57
CA ASP A 101 -11.29 10.84 -9.54
C ASP A 101 -12.31 10.48 -10.62
N LYS A 102 -11.83 10.10 -11.80
CA LYS A 102 -12.73 9.72 -12.88
C LYS A 102 -13.50 8.46 -12.53
N LEU A 103 -12.82 7.54 -11.84
CA LEU A 103 -13.41 6.27 -11.43
C LEU A 103 -14.54 6.49 -10.44
N LYS A 104 -14.27 7.27 -9.38
CA LYS A 104 -15.27 7.56 -8.37
C LYS A 104 -16.40 8.41 -8.92
N SER A 105 -16.08 9.31 -9.83
CA SER A 105 -17.08 10.20 -10.41
C SER A 105 -18.11 9.40 -11.21
N LYS A 106 -17.64 8.54 -12.10
CA LYS A 106 -18.53 7.69 -12.88
C LYS A 106 -17.82 6.40 -13.29
N GLY A 107 -16.59 6.55 -13.73
CA GLY A 107 -15.78 5.41 -14.13
C GLY A 107 -14.99 5.70 -15.37
N SER A 108 -15.58 6.47 -16.27
CA SER A 108 -14.94 6.82 -17.53
C SER A 108 -13.89 7.91 -17.30
N MET A 1 -28.22 -26.33 45.89
CA MET A 1 -27.97 -25.54 47.11
C MET A 1 -26.49 -25.60 47.48
N GLY A 2 -25.84 -24.45 47.46
CA GLY A 2 -24.44 -24.38 47.82
C GLY A 2 -23.96 -22.95 47.92
N SER A 3 -22.81 -22.67 47.34
CA SER A 3 -22.24 -21.33 47.35
C SER A 3 -22.29 -20.73 45.95
N SER A 4 -22.34 -19.41 45.87
CA SER A 4 -22.35 -18.71 44.60
C SER A 4 -21.50 -17.46 44.69
N HIS A 5 -20.24 -17.55 44.28
CA HIS A 5 -19.35 -16.40 44.29
C HIS A 5 -19.74 -15.48 43.13
N HIS A 6 -20.51 -14.44 43.44
CA HIS A 6 -21.05 -13.58 42.41
C HIS A 6 -20.01 -12.58 41.91
N HIS A 7 -19.90 -12.47 40.59
CA HIS A 7 -18.99 -11.52 39.96
C HIS A 7 -19.81 -10.49 39.20
N HIS A 8 -19.35 -9.24 39.21
CA HIS A 8 -20.00 -8.17 38.45
C HIS A 8 -19.15 -6.92 38.46
N HIS A 9 -18.72 -6.50 37.28
CA HIS A 9 -17.99 -5.24 37.14
C HIS A 9 -18.18 -4.66 35.74
N HIS A 10 -18.67 -3.44 35.68
CA HIS A 10 -18.76 -2.72 34.42
C HIS A 10 -17.45 -1.98 34.18
N SER A 11 -16.57 -2.62 33.41
CA SER A 11 -15.21 -2.10 33.24
C SER A 11 -14.87 -1.95 31.77
N SER A 12 -14.59 -0.72 31.36
CA SER A 12 -14.24 -0.45 29.98
C SER A 12 -12.84 0.18 29.90
N GLY A 13 -11.89 -0.57 29.36
CA GLY A 13 -10.54 -0.05 29.21
C GLY A 13 -9.47 -1.00 29.74
N ARG A 14 -9.22 -2.07 29.00
CA ARG A 14 -8.18 -3.04 29.36
C ARG A 14 -7.23 -3.30 28.21
N GLU A 15 -7.64 -2.94 27.00
CA GLU A 15 -6.86 -3.22 25.80
C GLU A 15 -5.87 -2.10 25.51
N ASN A 16 -5.75 -1.15 26.43
CA ASN A 16 -4.85 -0.01 26.25
C ASN A 16 -3.40 -0.43 26.42
N LEU A 17 -3.18 -1.64 26.94
CA LEU A 17 -1.84 -2.18 27.14
C LEU A 17 -1.28 -2.66 25.80
N TYR A 18 -2.13 -2.78 24.80
CA TYR A 18 -1.72 -3.29 23.50
C TYR A 18 -1.54 -2.13 22.53
N PHE A 19 -0.36 -2.04 21.93
CA PHE A 19 -0.03 -0.92 21.05
C PHE A 19 -0.25 -1.29 19.58
N GLN A 20 -0.98 -2.38 19.36
CA GLN A 20 -1.28 -2.86 18.01
C GLN A 20 0.00 -3.30 17.31
N GLY A 21 0.90 -3.89 18.08
CA GLY A 21 2.17 -4.35 17.54
C GLY A 21 1.99 -5.36 16.43
N HIS A 22 1.11 -6.33 16.65
CA HIS A 22 0.81 -7.33 15.64
C HIS A 22 -0.69 -7.60 15.60
N MET A 23 -1.36 -6.97 14.63
CA MET A 23 -2.80 -7.17 14.47
C MET A 23 -3.05 -7.95 13.19
N CYS A 24 -2.37 -7.54 12.13
CA CYS A 24 -2.48 -8.21 10.83
C CYS A 24 -1.27 -7.86 9.99
N ILE A 25 -0.67 -8.86 9.36
CA ILE A 25 0.52 -8.66 8.52
C ILE A 25 0.21 -7.72 7.36
N GLN A 26 -1.02 -7.77 6.86
CA GLN A 26 -1.45 -6.91 5.77
C GLN A 26 -1.43 -5.45 6.24
N LYS A 27 -1.82 -5.21 7.48
CA LYS A 27 -1.80 -3.88 8.05
C LYS A 27 -0.37 -3.39 8.22
N VAL A 28 0.55 -4.30 8.52
CA VAL A 28 1.95 -3.95 8.70
C VAL A 28 2.51 -3.30 7.43
N ILE A 29 2.37 -4.01 6.31
CA ILE A 29 2.84 -3.51 5.02
C ILE A 29 2.05 -2.26 4.62
N GLU A 30 0.74 -2.33 4.80
CA GLU A 30 -0.15 -1.21 4.48
C GLU A 30 0.33 0.08 5.16
N ASP A 31 0.56 -0.01 6.45
CA ASP A 31 0.90 1.15 7.27
C ASP A 31 2.30 1.65 6.97
N LYS A 32 3.22 0.73 6.74
CA LYS A 32 4.64 1.06 6.51
C LYS A 32 4.81 1.96 5.29
N LEU A 33 4.32 1.51 4.15
CA LEU A 33 4.45 2.29 2.91
C LEU A 33 3.51 3.49 2.89
N SER A 34 2.41 3.40 3.65
CA SER A 34 1.45 4.50 3.68
C SER A 34 2.04 5.70 4.40
N SER A 35 2.83 5.47 5.43
CA SER A 35 3.48 6.55 6.16
C SER A 35 4.57 7.20 5.31
N ALA A 36 5.15 6.42 4.40
CA ALA A 36 6.26 6.91 3.58
C ALA A 36 5.77 7.66 2.35
N LEU A 37 4.93 7.02 1.55
CA LEU A 37 4.47 7.63 0.30
C LEU A 37 3.28 8.53 0.55
N LYS A 38 2.44 8.13 1.51
CA LYS A 38 1.26 8.89 1.90
C LYS A 38 0.30 9.10 0.73
N PRO A 39 -0.57 8.12 0.49
CA PRO A 39 -1.56 8.18 -0.57
C PRO A 39 -2.91 8.70 -0.09
N THR A 40 -3.73 9.15 -1.02
CA THR A 40 -5.09 9.55 -0.70
C THR A 40 -6.01 8.34 -0.83
N PHE A 41 -5.54 7.35 -1.58
CA PHE A 41 -6.23 6.09 -1.71
C PHE A 41 -5.23 4.95 -1.73
N LEU A 42 -5.47 3.93 -0.94
CA LEU A 42 -4.58 2.79 -0.86
C LEU A 42 -5.38 1.49 -0.77
N GLU A 43 -5.06 0.55 -1.64
CA GLU A 43 -5.71 -0.75 -1.62
C GLU A 43 -4.71 -1.87 -1.87
N LEU A 44 -4.64 -2.81 -0.94
CA LEU A 44 -3.80 -3.98 -1.09
C LEU A 44 -4.62 -5.13 -1.65
N VAL A 45 -4.25 -5.57 -2.84
CA VAL A 45 -4.99 -6.61 -3.54
C VAL A 45 -4.26 -7.94 -3.43
N ASP A 46 -4.98 -8.98 -3.05
CA ASP A 46 -4.41 -10.31 -2.92
C ASP A 46 -4.29 -10.95 -4.29
N LYS A 47 -3.08 -10.96 -4.83
CA LYS A 47 -2.84 -11.44 -6.18
C LYS A 47 -2.46 -12.91 -6.15
N SER A 48 -3.36 -13.72 -5.61
CA SER A 48 -3.13 -15.15 -5.45
C SER A 48 -3.39 -15.93 -6.74
N CYS A 49 -3.44 -15.20 -7.86
CA CYS A 49 -3.63 -15.79 -9.17
C CYS A 49 -2.50 -16.78 -9.48
N GLY A 50 -1.28 -16.40 -9.15
CA GLY A 50 -0.14 -17.27 -9.38
C GLY A 50 0.92 -17.13 -8.32
N CYS A 51 0.53 -16.58 -7.17
CA CYS A 51 1.46 -16.36 -6.07
C CYS A 51 0.74 -16.49 -4.73
N GLY A 52 1.46 -16.87 -3.70
CA GLY A 52 0.89 -16.95 -2.38
C GLY A 52 1.61 -16.04 -1.40
N THR A 53 0.89 -15.60 -0.37
CA THR A 53 1.44 -14.70 0.66
C THR A 53 2.17 -13.50 0.04
N SER A 54 1.55 -12.93 -1.00
CA SER A 54 2.12 -11.78 -1.69
C SER A 54 1.01 -10.87 -2.17
N PHE A 55 1.19 -9.57 -2.00
CA PHE A 55 0.15 -8.61 -2.32
C PHE A 55 0.61 -7.60 -3.36
N ASP A 56 -0.34 -6.95 -3.99
CA ASP A 56 -0.07 -5.83 -4.89
C ASP A 56 -0.73 -4.59 -4.31
N ALA A 57 0.03 -3.52 -4.16
CA ALA A 57 -0.49 -2.33 -3.50
C ALA A 57 -0.77 -1.22 -4.50
N VAL A 58 -2.04 -0.87 -4.62
CA VAL A 58 -2.44 0.26 -5.44
C VAL A 58 -2.23 1.55 -4.66
N ILE A 59 -1.27 2.34 -5.09
CA ILE A 59 -0.95 3.58 -4.40
C ILE A 59 -1.43 4.77 -5.23
N VAL A 60 -2.40 5.49 -4.70
CA VAL A 60 -2.93 6.67 -5.35
C VAL A 60 -2.52 7.93 -4.59
N SER A 61 -1.54 8.65 -5.12
CA SER A 61 -1.02 9.83 -4.44
C SER A 61 -0.41 10.81 -5.44
N ASN A 62 -0.49 12.10 -5.10
CA ASN A 62 0.12 13.15 -5.91
C ASN A 62 1.64 13.06 -5.87
N ASN A 63 2.17 12.35 -4.88
CA ASN A 63 3.62 12.18 -4.70
C ASN A 63 4.32 11.78 -6.01
N PHE A 64 3.58 11.17 -6.93
CA PHE A 64 4.16 10.72 -8.21
C PHE A 64 3.51 11.41 -9.42
N GLU A 65 2.78 12.52 -9.19
CA GLU A 65 2.06 13.17 -10.29
C GLU A 65 3.03 13.83 -11.28
N ASP A 66 4.28 13.99 -10.87
CA ASP A 66 5.29 14.60 -11.73
C ASP A 66 5.91 13.54 -12.65
N LYS A 67 5.22 12.40 -12.75
CA LYS A 67 5.70 11.25 -13.52
C LYS A 67 7.05 10.81 -12.99
N LYS A 68 7.13 10.62 -11.68
CA LYS A 68 8.39 10.29 -11.05
C LYS A 68 8.73 8.82 -11.29
N LEU A 69 9.43 8.56 -12.39
CA LEU A 69 9.86 7.22 -12.71
C LEU A 69 11.01 6.81 -11.79
N LEU A 70 12.05 7.64 -11.80
CA LEU A 70 13.24 7.37 -11.00
C LEU A 70 12.92 7.47 -9.51
N ASP A 71 11.98 8.34 -9.16
CA ASP A 71 11.62 8.53 -7.77
C ASP A 71 10.82 7.35 -7.26
N ARG A 72 9.98 6.79 -8.13
CA ARG A 72 9.24 5.58 -7.79
C ARG A 72 10.21 4.43 -7.54
N HIS A 73 11.27 4.39 -8.34
CA HIS A 73 12.29 3.36 -8.20
C HIS A 73 13.03 3.50 -6.87
N ARG A 74 13.51 4.71 -6.59
CA ARG A 74 14.32 4.96 -5.40
C ARG A 74 13.49 4.80 -4.11
N LEU A 75 12.30 5.41 -4.07
CA LEU A 75 11.46 5.39 -2.87
C LEU A 75 11.06 3.95 -2.51
N VAL A 76 10.65 3.19 -3.51
CA VAL A 76 10.28 1.80 -3.30
C VAL A 76 11.46 1.01 -2.73
N ASN A 77 12.64 1.24 -3.27
CA ASN A 77 13.83 0.53 -2.81
C ASN A 77 14.17 0.92 -1.37
N THR A 78 14.10 2.21 -1.06
CA THR A 78 14.45 2.71 0.26
C THR A 78 13.55 2.12 1.35
N ILE A 79 12.24 2.29 1.22
CA ILE A 79 11.31 1.83 2.25
C ILE A 79 11.09 0.33 2.17
N LEU A 80 10.80 -0.17 0.97
CA LEU A 80 10.44 -1.56 0.80
C LEU A 80 11.64 -2.49 0.95
N LYS A 81 12.84 -1.92 1.07
CA LYS A 81 13.99 -2.70 1.49
C LYS A 81 13.65 -3.50 2.75
N GLU A 82 13.18 -2.78 3.75
CA GLU A 82 12.77 -3.39 5.01
C GLU A 82 11.42 -4.09 4.85
N GLU A 83 10.52 -3.44 4.11
CA GLU A 83 9.16 -3.95 3.89
C GLU A 83 9.15 -5.38 3.36
N LEU A 84 9.93 -5.59 2.30
CA LEU A 84 10.01 -6.88 1.60
C LEU A 84 10.26 -8.04 2.56
N GLN A 85 10.97 -7.80 3.66
CA GLN A 85 11.34 -8.87 4.59
C GLN A 85 10.11 -9.69 5.02
N ASN A 86 8.92 -9.08 4.99
CA ASN A 86 7.70 -9.75 5.43
C ASN A 86 6.90 -10.27 4.25
N ILE A 87 7.42 -10.07 3.04
CA ILE A 87 6.70 -10.44 1.82
C ILE A 87 7.61 -11.25 0.91
N HIS A 88 7.07 -11.73 -0.21
CA HIS A 88 7.88 -12.44 -1.19
C HIS A 88 7.78 -11.77 -2.55
N ALA A 89 6.63 -11.95 -3.19
CA ALA A 89 6.41 -11.44 -4.53
C ALA A 89 5.52 -10.21 -4.49
N PHE A 90 5.95 -9.19 -3.77
CA PHE A 90 5.17 -7.97 -3.61
C PHE A 90 5.23 -7.13 -4.88
N SER A 91 4.12 -6.46 -5.18
CA SER A 91 4.04 -5.59 -6.34
C SER A 91 3.25 -4.33 -5.99
N MET A 92 3.29 -3.33 -6.85
CA MET A 92 2.61 -2.07 -6.59
C MET A 92 2.15 -1.43 -7.89
N LYS A 93 1.05 -0.68 -7.82
CA LYS A 93 0.51 0.03 -8.97
C LYS A 93 0.36 1.51 -8.66
N CYS A 94 1.21 2.34 -9.27
CA CYS A 94 1.22 3.76 -9.00
C CYS A 94 0.17 4.50 -9.81
N HIS A 95 -0.66 5.28 -9.10
CA HIS A 95 -1.71 6.08 -9.73
C HIS A 95 -1.82 7.42 -9.01
N THR A 96 -2.47 8.38 -9.65
CA THR A 96 -2.70 9.67 -9.04
C THR A 96 -4.19 9.89 -8.77
N PRO A 97 -4.53 10.74 -7.79
CA PRO A 97 -5.93 11.02 -7.41
C PRO A 97 -6.74 11.58 -8.57
N LEU A 98 -6.06 12.24 -9.49
CA LEU A 98 -6.69 12.77 -10.68
C LEU A 98 -7.32 11.65 -11.51
N GLU A 99 -6.55 10.58 -11.70
CA GLU A 99 -7.02 9.42 -12.44
C GLU A 99 -8.05 8.65 -11.63
N TYR A 100 -7.80 8.51 -10.33
CA TYR A 100 -8.68 7.78 -9.45
C TYR A 100 -10.11 8.32 -9.49
N ASP A 101 -10.24 9.65 -9.52
CA ASP A 101 -11.56 10.28 -9.54
C ASP A 101 -12.38 9.82 -10.74
N LYS A 102 -11.71 9.61 -11.87
CA LYS A 102 -12.39 9.14 -13.07
C LYS A 102 -12.77 7.67 -12.93
N LEU A 103 -11.94 6.92 -12.20
CA LEU A 103 -12.19 5.50 -11.98
C LEU A 103 -13.40 5.31 -11.08
N LYS A 104 -13.38 5.99 -9.93
CA LYS A 104 -14.44 5.88 -8.94
C LYS A 104 -15.74 6.51 -9.45
N SER A 105 -15.64 7.29 -10.53
CA SER A 105 -16.79 7.93 -11.13
C SER A 105 -17.81 6.88 -11.57
N LYS A 106 -17.31 5.73 -12.00
CA LYS A 106 -18.17 4.60 -12.36
C LYS A 106 -17.96 3.44 -11.40
N GLY A 107 -16.71 3.17 -11.08
CA GLY A 107 -16.39 2.08 -10.17
C GLY A 107 -15.76 0.92 -10.91
N SER A 108 -14.92 1.23 -11.87
CA SER A 108 -14.25 0.23 -12.68
C SER A 108 -12.83 0.01 -12.18
N MET A 1 -30.26 -12.93 -27.84
CA MET A 1 -28.91 -12.97 -27.22
C MET A 1 -28.95 -12.30 -25.86
N GLY A 2 -27.97 -12.60 -25.02
CA GLY A 2 -27.92 -12.00 -23.70
C GLY A 2 -26.54 -12.11 -23.06
N SER A 3 -26.20 -11.13 -22.24
CA SER A 3 -24.96 -11.15 -21.49
C SER A 3 -25.24 -10.81 -20.03
N SER A 4 -25.32 -11.85 -19.21
CA SER A 4 -25.71 -11.70 -17.81
C SER A 4 -24.65 -10.93 -17.01
N HIS A 5 -25.14 -10.00 -16.18
CA HIS A 5 -24.34 -9.15 -15.27
C HIS A 5 -22.93 -8.82 -15.81
N HIS A 6 -22.86 -8.43 -17.06
CA HIS A 6 -21.57 -8.12 -17.69
C HIS A 6 -21.29 -6.63 -17.63
N HIS A 7 -22.18 -5.89 -16.96
CA HIS A 7 -22.01 -4.44 -16.81
C HIS A 7 -21.55 -4.10 -15.39
N HIS A 8 -20.95 -5.07 -14.72
CA HIS A 8 -20.47 -4.87 -13.36
C HIS A 8 -18.96 -5.02 -13.28
N HIS A 9 -18.30 -4.02 -12.72
CA HIS A 9 -16.85 -4.04 -12.54
C HIS A 9 -16.43 -2.79 -11.78
N HIS A 10 -15.83 -2.98 -10.61
CA HIS A 10 -15.33 -1.87 -9.81
C HIS A 10 -14.25 -2.33 -8.86
N SER A 11 -13.60 -1.37 -8.20
CA SER A 11 -12.62 -1.66 -7.19
C SER A 11 -13.31 -2.08 -5.90
N SER A 12 -12.57 -2.77 -5.03
CA SER A 12 -13.12 -3.28 -3.76
C SER A 12 -14.26 -4.27 -3.99
N GLY A 13 -13.93 -5.55 -3.99
CA GLY A 13 -14.93 -6.58 -4.25
C GLY A 13 -14.89 -7.70 -3.24
N ARG A 14 -13.76 -8.40 -3.16
CA ARG A 14 -13.66 -9.58 -2.30
C ARG A 14 -12.46 -9.47 -1.36
N GLU A 15 -11.64 -8.46 -1.60
CA GLU A 15 -10.40 -8.27 -0.85
C GLU A 15 -10.56 -7.13 0.15
N ASN A 16 -11.60 -6.33 -0.06
CA ASN A 16 -11.90 -5.17 0.79
C ASN A 16 -12.32 -5.58 2.21
N LEU A 17 -12.25 -6.87 2.51
CA LEU A 17 -12.51 -7.36 3.85
C LEU A 17 -11.40 -6.90 4.79
N TYR A 18 -10.22 -6.68 4.23
CA TYR A 18 -9.12 -6.13 4.99
C TYR A 18 -9.25 -4.62 5.03
N PHE A 19 -9.96 -4.15 6.04
CA PHE A 19 -10.34 -2.74 6.14
C PHE A 19 -9.35 -1.95 6.99
N GLN A 20 -8.15 -2.51 7.15
CA GLN A 20 -7.07 -1.85 7.90
C GLN A 20 -7.37 -1.82 9.40
N GLY A 21 -8.27 -2.69 9.84
CA GLY A 21 -8.67 -2.69 11.24
C GLY A 21 -7.84 -3.63 12.09
N HIS A 22 -8.02 -4.92 11.88
CA HIS A 22 -7.34 -5.94 12.70
C HIS A 22 -5.84 -5.94 12.42
N MET A 23 -5.04 -5.98 13.49
CA MET A 23 -3.59 -6.04 13.37
C MET A 23 -3.15 -7.25 12.55
N CYS A 24 -2.41 -6.99 11.50
CA CYS A 24 -1.96 -8.03 10.59
C CYS A 24 -0.62 -7.64 9.99
N ILE A 25 0.11 -8.62 9.46
CA ILE A 25 1.38 -8.36 8.79
C ILE A 25 1.17 -7.36 7.63
N GLN A 26 0.02 -7.47 6.97
CA GLN A 26 -0.36 -6.55 5.91
C GLN A 26 -0.40 -5.12 6.44
N LYS A 27 -1.02 -4.94 7.60
CA LYS A 27 -1.16 -3.63 8.22
C LYS A 27 0.21 -2.99 8.44
N VAL A 28 1.15 -3.80 8.92
CA VAL A 28 2.51 -3.33 9.18
C VAL A 28 3.14 -2.77 7.91
N ILE A 29 3.06 -3.55 6.84
CA ILE A 29 3.60 -3.13 5.54
C ILE A 29 2.92 -1.83 5.08
N GLU A 30 1.59 -1.80 5.21
CA GLU A 30 0.82 -0.61 4.86
C GLU A 30 1.36 0.62 5.58
N ASP A 31 1.53 0.51 6.89
CA ASP A 31 1.97 1.63 7.72
C ASP A 31 3.33 2.16 7.27
N LYS A 32 4.20 1.26 6.81
CA LYS A 32 5.54 1.66 6.41
C LYS A 32 5.51 2.46 5.12
N LEU A 33 4.92 1.89 4.07
CA LEU A 33 4.91 2.55 2.77
C LEU A 33 4.01 3.79 2.77
N SER A 34 2.98 3.79 3.61
CA SER A 34 2.07 4.93 3.68
C SER A 34 2.75 6.13 4.33
N SER A 35 3.63 5.87 5.29
CA SER A 35 4.35 6.94 5.95
C SER A 35 5.35 7.61 4.99
N ALA A 36 5.91 6.81 4.09
CA ALA A 36 6.95 7.29 3.18
C ALA A 36 6.34 7.89 1.90
N LEU A 37 5.51 7.11 1.23
CA LEU A 37 4.95 7.52 -0.05
C LEU A 37 3.74 8.43 0.16
N LYS A 38 3.13 8.31 1.33
CA LYS A 38 1.94 9.09 1.70
C LYS A 38 0.87 9.07 0.60
N PRO A 39 0.22 7.92 0.38
CA PRO A 39 -0.86 7.81 -0.59
C PRO A 39 -2.18 8.32 -0.01
N THR A 40 -2.90 9.12 -0.80
CA THR A 40 -4.19 9.62 -0.40
C THR A 40 -5.20 8.48 -0.31
N PHE A 41 -4.99 7.46 -1.15
CA PHE A 41 -5.81 6.27 -1.13
C PHE A 41 -4.95 5.04 -1.36
N LEU A 42 -5.23 3.98 -0.63
CA LEU A 42 -4.50 2.73 -0.76
C LEU A 42 -5.47 1.56 -0.78
N GLU A 43 -5.43 0.79 -1.86
CA GLU A 43 -6.29 -0.38 -1.99
C GLU A 43 -5.47 -1.65 -2.13
N LEU A 44 -5.58 -2.53 -1.14
CA LEU A 44 -4.88 -3.80 -1.17
C LEU A 44 -5.74 -4.86 -1.82
N VAL A 45 -5.28 -5.36 -2.96
CA VAL A 45 -6.03 -6.36 -3.71
C VAL A 45 -5.30 -7.67 -3.74
N ASP A 46 -6.06 -8.75 -3.65
CA ASP A 46 -5.51 -10.07 -3.69
C ASP A 46 -5.04 -10.36 -5.11
N LYS A 47 -3.76 -10.72 -5.24
CA LYS A 47 -3.12 -10.80 -6.54
C LYS A 47 -3.67 -11.97 -7.36
N SER A 48 -4.36 -11.62 -8.45
CA SER A 48 -4.98 -12.60 -9.32
C SER A 48 -3.94 -13.56 -9.91
N CYS A 49 -4.06 -14.83 -9.53
CA CYS A 49 -3.20 -15.90 -10.02
C CYS A 49 -1.76 -15.74 -9.51
N GLY A 50 -1.62 -15.04 -8.39
CA GLY A 50 -0.32 -14.92 -7.77
C GLY A 50 0.11 -16.22 -7.13
N CYS A 51 1.26 -16.74 -7.54
CA CYS A 51 1.76 -18.00 -7.01
C CYS A 51 2.28 -17.82 -5.59
N GLY A 52 1.41 -18.05 -4.61
CA GLY A 52 1.77 -17.86 -3.23
C GLY A 52 1.14 -16.61 -2.67
N THR A 53 1.36 -16.35 -1.39
CA THR A 53 0.81 -15.19 -0.73
C THR A 53 1.40 -13.91 -1.34
N SER A 54 0.66 -13.32 -2.24
CA SER A 54 1.11 -12.15 -2.96
C SER A 54 0.08 -11.03 -2.88
N PHE A 55 0.56 -9.82 -2.69
CA PHE A 55 -0.31 -8.66 -2.58
C PHE A 55 -0.12 -7.74 -3.77
N ASP A 56 -1.21 -7.32 -4.37
CA ASP A 56 -1.16 -6.36 -5.45
C ASP A 56 -1.84 -5.08 -4.99
N ALA A 57 -1.06 -4.05 -4.78
CA ALA A 57 -1.56 -2.85 -4.14
C ALA A 57 -1.73 -1.72 -5.14
N VAL A 58 -2.96 -1.24 -5.25
CA VAL A 58 -3.26 -0.08 -6.05
C VAL A 58 -2.89 1.17 -5.27
N ILE A 59 -1.91 1.91 -5.75
CA ILE A 59 -1.44 3.09 -5.04
C ILE A 59 -2.10 4.32 -5.62
N VAL A 60 -2.55 5.21 -4.75
CA VAL A 60 -3.13 6.46 -5.16
C VAL A 60 -2.49 7.58 -4.36
N SER A 61 -1.51 8.25 -4.96
CA SER A 61 -0.74 9.23 -4.23
C SER A 61 -0.32 10.40 -5.12
N ASN A 62 -0.17 11.57 -4.49
CA ASN A 62 0.39 12.74 -5.16
C ASN A 62 1.86 12.52 -5.47
N ASN A 63 2.48 11.56 -4.79
CA ASN A 63 3.89 11.24 -4.97
C ASN A 63 4.19 10.77 -6.41
N PHE A 64 3.13 10.53 -7.18
CA PHE A 64 3.28 10.03 -8.53
C PHE A 64 2.77 11.01 -9.58
N GLU A 65 2.05 12.06 -9.16
CA GLU A 65 1.38 12.93 -10.12
C GLU A 65 2.35 13.85 -10.85
N ASP A 66 3.59 13.95 -10.36
CA ASP A 66 4.59 14.77 -11.03
C ASP A 66 5.39 13.93 -12.03
N LYS A 67 4.89 12.72 -12.27
CA LYS A 67 5.49 11.82 -13.26
C LYS A 67 6.87 11.39 -12.78
N LYS A 68 6.99 11.16 -11.49
CA LYS A 68 8.26 10.88 -10.85
C LYS A 68 8.71 9.45 -11.07
N LEU A 69 9.62 9.26 -12.00
CA LEU A 69 10.27 7.97 -12.19
C LEU A 69 11.27 7.71 -11.07
N LEU A 70 12.25 8.60 -10.96
CA LEU A 70 13.38 8.38 -10.07
C LEU A 70 12.95 8.42 -8.59
N ASP A 71 11.98 9.26 -8.28
CA ASP A 71 11.55 9.43 -6.88
C ASP A 71 10.75 8.24 -6.40
N ARG A 72 9.82 7.74 -7.21
CA ARG A 72 9.06 6.56 -6.81
C ARG A 72 10.00 5.36 -6.70
N HIS A 73 11.01 5.33 -7.57
CA HIS A 73 11.99 4.26 -7.56
C HIS A 73 12.81 4.30 -6.28
N ARG A 74 13.38 5.46 -5.98
CA ARG A 74 14.27 5.59 -4.84
C ARG A 74 13.52 5.36 -3.51
N LEU A 75 12.32 5.92 -3.39
CA LEU A 75 11.54 5.78 -2.17
C LEU A 75 11.12 4.32 -1.96
N VAL A 76 10.59 3.70 -3.00
CA VAL A 76 10.16 2.32 -2.91
C VAL A 76 11.33 1.41 -2.54
N ASN A 77 12.48 1.62 -3.18
CA ASN A 77 13.64 0.79 -2.91
C ASN A 77 14.10 0.92 -1.46
N THR A 78 14.20 2.16 -0.98
CA THR A 78 14.66 2.43 0.38
C THR A 78 13.76 1.78 1.44
N ILE A 79 12.47 2.10 1.41
CA ILE A 79 11.55 1.62 2.45
C ILE A 79 11.21 0.14 2.24
N LEU A 80 10.82 -0.20 1.02
CA LEU A 80 10.42 -1.57 0.73
C LEU A 80 11.61 -2.50 0.73
N LYS A 81 12.82 -1.98 0.87
CA LYS A 81 14.00 -2.82 1.06
C LYS A 81 13.74 -3.81 2.18
N GLU A 82 13.54 -3.31 3.39
CA GLU A 82 13.22 -4.15 4.53
C GLU A 82 11.78 -4.63 4.46
N GLU A 83 10.91 -3.80 3.90
CA GLU A 83 9.48 -4.11 3.84
C GLU A 83 9.24 -5.43 3.09
N LEU A 84 9.93 -5.61 1.98
CA LEU A 84 9.82 -6.82 1.17
C LEU A 84 10.16 -8.07 1.97
N GLN A 85 11.05 -7.93 2.96
CA GLN A 85 11.49 -9.07 3.77
C GLN A 85 10.31 -9.73 4.49
N ASN A 86 9.20 -9.02 4.58
CA ASN A 86 8.04 -9.51 5.31
C ASN A 86 6.97 -10.01 4.34
N ILE A 87 7.28 -9.99 3.05
CA ILE A 87 6.30 -10.34 2.02
C ILE A 87 6.85 -11.46 1.14
N HIS A 88 5.96 -12.32 0.65
CA HIS A 88 6.37 -13.36 -0.30
C HIS A 88 6.51 -12.77 -1.69
N ALA A 89 5.54 -11.96 -2.08
CA ALA A 89 5.57 -11.30 -3.38
C ALA A 89 4.66 -10.07 -3.38
N PHE A 90 5.26 -8.89 -3.34
CA PHE A 90 4.52 -7.65 -3.37
C PHE A 90 4.60 -7.02 -4.76
N SER A 91 3.49 -6.51 -5.24
CA SER A 91 3.44 -5.79 -6.51
C SER A 91 2.53 -4.59 -6.39
N MET A 92 2.86 -3.50 -7.07
CA MET A 92 2.10 -2.26 -6.95
C MET A 92 1.60 -1.78 -8.30
N LYS A 93 0.48 -1.08 -8.28
CA LYS A 93 -0.07 -0.43 -9.46
C LYS A 93 -0.10 1.08 -9.23
N CYS A 94 0.63 1.82 -10.06
CA CYS A 94 0.84 3.24 -9.81
C CYS A 94 -0.32 4.08 -10.35
N HIS A 95 -1.01 4.76 -9.45
CA HIS A 95 -2.09 5.66 -9.83
C HIS A 95 -2.05 6.93 -8.98
N THR A 96 -2.71 7.97 -9.45
CA THR A 96 -2.84 9.19 -8.69
C THR A 96 -4.29 9.36 -8.26
N PRO A 97 -4.58 10.29 -7.35
CA PRO A 97 -5.96 10.61 -6.97
C PRO A 97 -6.79 11.06 -8.17
N LEU A 98 -6.11 11.65 -9.15
CA LEU A 98 -6.76 12.10 -10.37
C LEU A 98 -7.13 10.90 -11.24
N GLU A 99 -6.17 10.02 -11.48
CA GLU A 99 -6.39 8.83 -12.28
C GLU A 99 -7.47 7.95 -11.66
N TYR A 100 -7.34 7.66 -10.36
CA TYR A 100 -8.27 6.75 -9.70
C TYR A 100 -9.69 7.31 -9.64
N ASP A 101 -9.81 8.60 -9.32
CA ASP A 101 -11.12 9.23 -9.19
C ASP A 101 -11.86 9.20 -10.52
N LYS A 102 -11.13 9.31 -11.61
CA LYS A 102 -11.74 9.27 -12.93
C LYS A 102 -12.07 7.84 -13.35
N LEU A 103 -11.50 6.86 -12.65
CA LEU A 103 -11.82 5.46 -12.90
C LEU A 103 -13.17 5.12 -12.28
N LYS A 104 -13.33 5.46 -11.01
CA LYS A 104 -14.59 5.25 -10.29
C LYS A 104 -15.70 6.14 -10.86
N SER A 105 -15.32 7.03 -11.77
CA SER A 105 -16.26 7.92 -12.42
C SER A 105 -17.11 7.14 -13.43
N LYS A 106 -16.65 5.95 -13.82
CA LYS A 106 -17.42 5.08 -14.69
C LYS A 106 -17.39 3.65 -14.14
N GLY A 107 -17.41 2.67 -15.04
CA GLY A 107 -17.50 1.28 -14.63
C GLY A 107 -16.14 0.60 -14.65
N SER A 108 -15.18 1.20 -13.99
CA SER A 108 -13.85 0.62 -13.88
C SER A 108 -13.62 0.09 -12.47
N MET A 1 -26.19 -9.05 -8.83
CA MET A 1 -25.23 -9.09 -7.71
C MET A 1 -25.36 -7.85 -6.83
N GLY A 2 -25.07 -8.00 -5.56
CA GLY A 2 -25.05 -6.87 -4.65
C GLY A 2 -23.65 -6.39 -4.38
N SER A 3 -23.26 -5.31 -5.01
CA SER A 3 -21.94 -4.74 -4.82
C SER A 3 -21.94 -3.81 -3.61
N SER A 4 -20.78 -3.70 -2.97
CA SER A 4 -20.64 -2.88 -1.76
C SER A 4 -20.44 -1.41 -2.11
N HIS A 5 -21.15 -0.96 -3.16
CA HIS A 5 -21.04 0.43 -3.63
C HIS A 5 -21.40 1.40 -2.51
N HIS A 6 -20.38 2.08 -1.99
CA HIS A 6 -20.53 3.06 -0.90
C HIS A 6 -20.97 2.38 0.41
N HIS A 7 -21.04 1.06 0.39
CA HIS A 7 -21.49 0.30 1.56
C HIS A 7 -20.28 -0.10 2.40
N HIS A 8 -19.19 0.63 2.23
CA HIS A 8 -17.96 0.33 2.93
C HIS A 8 -17.21 1.64 3.22
N HIS A 9 -16.10 1.55 3.94
CA HIS A 9 -15.32 2.72 4.30
C HIS A 9 -14.28 3.01 3.22
N HIS A 10 -14.13 4.28 2.87
CA HIS A 10 -13.25 4.68 1.77
C HIS A 10 -11.86 5.04 2.31
N SER A 11 -10.84 4.76 1.50
CA SER A 11 -9.44 5.14 1.79
C SER A 11 -8.79 4.25 2.86
N SER A 12 -9.46 4.06 3.99
CA SER A 12 -8.94 3.26 5.08
C SER A 12 -9.33 1.79 4.92
N GLY A 13 -9.73 1.44 3.70
CA GLY A 13 -10.23 0.11 3.42
C GLY A 13 -9.12 -0.87 3.16
N ARG A 14 -8.08 -0.78 3.97
CA ARG A 14 -6.91 -1.63 3.84
C ARG A 14 -6.74 -2.46 5.11
N GLU A 15 -7.12 -1.87 6.23
CA GLU A 15 -6.90 -2.49 7.53
C GLU A 15 -8.16 -3.16 8.05
N ASN A 16 -9.26 -3.02 7.31
CA ASN A 16 -10.56 -3.51 7.75
C ASN A 16 -10.66 -5.03 7.71
N LEU A 17 -9.59 -5.68 7.28
CA LEU A 17 -9.55 -7.14 7.26
C LEU A 17 -9.15 -7.67 8.64
N TYR A 18 -8.61 -6.79 9.48
CA TYR A 18 -8.13 -7.20 10.79
C TYR A 18 -8.72 -6.34 11.90
N PHE A 19 -8.53 -6.76 13.14
CA PHE A 19 -9.09 -6.05 14.29
C PHE A 19 -8.07 -5.09 14.90
N GLN A 20 -6.95 -4.87 14.18
CA GLN A 20 -5.93 -3.87 14.56
C GLN A 20 -5.07 -4.29 15.75
N GLY A 21 -5.72 -4.65 16.86
CA GLY A 21 -5.01 -4.87 18.11
C GLY A 21 -4.21 -6.16 18.17
N HIS A 22 -3.20 -6.27 17.32
CA HIS A 22 -2.31 -7.43 17.30
C HIS A 22 -1.16 -7.14 16.35
N MET A 23 -0.04 -7.83 16.52
CA MET A 23 1.09 -7.65 15.61
C MET A 23 0.81 -8.31 14.27
N CYS A 24 0.05 -7.60 13.45
CA CYS A 24 -0.34 -8.09 12.14
C CYS A 24 0.67 -7.65 11.10
N ILE A 25 1.24 -8.62 10.38
CA ILE A 25 2.23 -8.33 9.34
C ILE A 25 1.63 -7.37 8.30
N GLN A 26 0.33 -7.53 8.04
CA GLN A 26 -0.38 -6.65 7.12
C GLN A 26 -0.28 -5.20 7.56
N LYS A 27 -0.65 -4.94 8.81
CA LYS A 27 -0.73 -3.58 9.34
C LYS A 27 0.64 -2.91 9.35
N VAL A 28 1.66 -3.68 9.74
CA VAL A 28 3.03 -3.16 9.82
C VAL A 28 3.51 -2.68 8.46
N ILE A 29 3.29 -3.49 7.43
CA ILE A 29 3.68 -3.15 6.07
C ILE A 29 3.01 -1.85 5.64
N GLU A 30 1.70 -1.77 5.88
CA GLU A 30 0.94 -0.58 5.52
C GLU A 30 1.53 0.66 6.15
N ASP A 31 1.74 0.61 7.46
CA ASP A 31 2.15 1.79 8.23
C ASP A 31 3.51 2.33 7.80
N LYS A 32 4.44 1.44 7.45
CA LYS A 32 5.78 1.88 7.10
C LYS A 32 5.80 2.56 5.73
N LEU A 33 5.19 1.93 4.73
CA LEU A 33 5.20 2.51 3.39
C LEU A 33 4.24 3.72 3.29
N SER A 34 3.15 3.69 4.05
CA SER A 34 2.17 4.78 4.00
C SER A 34 2.74 6.08 4.56
N SER A 35 3.60 5.97 5.55
CA SER A 35 4.23 7.15 6.15
C SER A 35 5.18 7.81 5.15
N ALA A 36 5.73 7.02 4.24
CA ALA A 36 6.68 7.52 3.27
C ALA A 36 6.00 8.02 2.00
N LEU A 37 5.16 7.18 1.41
CA LEU A 37 4.55 7.49 0.12
C LEU A 37 3.28 8.33 0.29
N LYS A 38 2.56 8.09 1.38
CA LYS A 38 1.30 8.78 1.67
C LYS A 38 0.29 8.63 0.53
N PRO A 39 -0.33 7.44 0.42
CA PRO A 39 -1.38 7.20 -0.57
C PRO A 39 -2.74 7.68 -0.08
N THR A 40 -3.46 8.38 -0.93
CA THR A 40 -4.79 8.89 -0.60
C THR A 40 -5.78 7.73 -0.59
N PHE A 41 -5.51 6.74 -1.42
CA PHE A 41 -6.32 5.53 -1.47
C PHE A 41 -5.40 4.33 -1.69
N LEU A 42 -5.60 3.28 -0.91
CA LEU A 42 -4.79 2.08 -1.03
C LEU A 42 -5.67 0.86 -0.81
N GLU A 43 -5.78 0.00 -1.81
CA GLU A 43 -6.59 -1.19 -1.72
C GLU A 43 -5.72 -2.44 -1.84
N LEU A 44 -5.75 -3.27 -0.80
CA LEU A 44 -5.00 -4.51 -0.79
C LEU A 44 -5.82 -5.63 -1.41
N VAL A 45 -5.30 -6.23 -2.46
CA VAL A 45 -5.99 -7.31 -3.15
C VAL A 45 -5.27 -8.64 -2.89
N ASP A 46 -5.99 -9.60 -2.33
CA ASP A 46 -5.45 -10.93 -2.11
C ASP A 46 -5.22 -11.61 -3.45
N LYS A 47 -3.98 -11.64 -3.88
CA LYS A 47 -3.62 -12.24 -5.16
C LYS A 47 -3.34 -13.73 -4.98
N SER A 48 -4.23 -14.37 -4.22
CA SER A 48 -4.10 -15.77 -3.85
C SER A 48 -2.87 -15.97 -2.96
N CYS A 49 -3.02 -15.56 -1.71
CA CYS A 49 -1.95 -15.71 -0.72
C CYS A 49 -1.45 -17.14 -0.66
N GLY A 50 -2.35 -18.06 -0.33
CA GLY A 50 -2.03 -19.47 -0.33
C GLY A 50 -0.84 -19.81 0.54
N CYS A 51 0.09 -20.57 -0.02
CA CYS A 51 1.28 -20.99 0.71
C CYS A 51 2.38 -19.93 0.63
N GLY A 52 1.98 -18.70 0.37
CA GLY A 52 2.93 -17.61 0.26
C GLY A 52 3.25 -17.29 -1.18
N THR A 53 2.26 -16.86 -1.93
CA THR A 53 2.46 -16.54 -3.33
C THR A 53 2.79 -15.06 -3.52
N SER A 54 1.77 -14.23 -3.66
CA SER A 54 1.97 -12.81 -3.94
C SER A 54 0.79 -11.98 -3.44
N PHE A 55 1.05 -10.71 -3.18
CA PHE A 55 -0.01 -9.76 -2.84
C PHE A 55 0.04 -8.57 -3.77
N ASP A 56 -1.11 -8.14 -4.24
CA ASP A 56 -1.18 -7.03 -5.18
C ASP A 56 -1.86 -5.83 -4.53
N ALA A 57 -1.17 -4.70 -4.50
CA ALA A 57 -1.69 -3.53 -3.82
C ALA A 57 -1.86 -2.37 -4.78
N VAL A 58 -3.08 -1.86 -4.86
CA VAL A 58 -3.37 -0.69 -5.68
C VAL A 58 -3.10 0.57 -4.86
N ILE A 59 -2.07 1.31 -5.24
CA ILE A 59 -1.68 2.50 -4.51
C ILE A 59 -1.97 3.75 -5.32
N VAL A 60 -2.88 4.58 -4.79
CA VAL A 60 -3.22 5.85 -5.41
C VAL A 60 -2.64 6.99 -4.56
N SER A 61 -1.70 7.73 -5.12
CA SER A 61 -1.06 8.79 -4.34
C SER A 61 -0.69 9.98 -5.21
N ASN A 62 -0.77 11.17 -4.61
CA ASN A 62 -0.30 12.40 -5.25
C ASN A 62 1.23 12.38 -5.39
N ASN A 63 1.88 11.58 -4.56
CA ASN A 63 3.34 11.58 -4.48
C ASN A 63 3.99 11.16 -5.80
N PHE A 64 3.34 10.28 -6.54
CA PHE A 64 3.89 9.80 -7.81
C PHE A 64 3.30 10.55 -8.99
N GLU A 65 2.42 11.50 -8.72
CA GLU A 65 1.70 12.20 -9.78
C GLU A 65 2.60 13.14 -10.57
N ASP A 66 3.75 13.50 -9.99
CA ASP A 66 4.66 14.47 -10.62
C ASP A 66 5.57 13.77 -11.63
N LYS A 67 5.55 12.43 -11.62
CA LYS A 67 6.18 11.60 -12.65
C LYS A 67 7.72 11.66 -12.60
N LYS A 68 8.28 12.08 -11.48
CA LYS A 68 9.75 12.14 -11.34
C LYS A 68 10.30 10.73 -11.17
N LEU A 69 11.01 10.23 -12.17
CA LEU A 69 11.37 8.83 -12.25
C LEU A 69 12.35 8.42 -11.15
N LEU A 70 13.40 9.20 -10.96
CA LEU A 70 14.40 8.86 -9.95
C LEU A 70 13.82 8.98 -8.55
N ASP A 71 12.88 9.91 -8.39
CA ASP A 71 12.31 10.20 -7.08
C ASP A 71 11.38 9.07 -6.65
N ARG A 72 10.50 8.64 -7.55
CA ARG A 72 9.61 7.52 -7.26
C ARG A 72 10.39 6.22 -7.12
N HIS A 73 11.47 6.10 -7.89
CA HIS A 73 12.31 4.90 -7.83
C HIS A 73 13.02 4.81 -6.48
N ARG A 74 13.67 5.89 -6.07
CA ARG A 74 14.45 5.88 -4.83
C ARG A 74 13.54 5.68 -3.61
N LEU A 75 12.35 6.28 -3.65
CA LEU A 75 11.39 6.13 -2.55
C LEU A 75 10.94 4.68 -2.43
N VAL A 76 10.39 4.14 -3.50
CA VAL A 76 9.85 2.79 -3.49
C VAL A 76 10.90 1.77 -3.09
N ASN A 77 12.06 1.82 -3.73
CA ASN A 77 13.09 0.80 -3.50
C ASN A 77 13.63 0.87 -2.07
N THR A 78 13.88 2.06 -1.57
CA THR A 78 14.46 2.22 -0.23
C THR A 78 13.53 1.67 0.85
N ILE A 79 12.29 2.13 0.89
CA ILE A 79 11.36 1.70 1.93
C ILE A 79 10.83 0.30 1.66
N LEU A 80 10.33 0.08 0.44
CA LEU A 80 9.62 -1.15 0.13
C LEU A 80 10.54 -2.36 0.03
N LYS A 81 11.86 -2.17 -0.08
CA LYS A 81 12.76 -3.30 -0.08
C LYS A 81 12.73 -4.01 1.28
N GLU A 82 13.00 -3.23 2.31
CA GLU A 82 12.92 -3.72 3.70
C GLU A 82 11.51 -4.22 3.98
N GLU A 83 10.55 -3.58 3.34
CA GLU A 83 9.16 -3.95 3.44
C GLU A 83 8.93 -5.38 2.94
N LEU A 84 9.41 -5.61 1.72
CA LEU A 84 9.32 -6.92 1.05
C LEU A 84 9.84 -8.05 1.93
N GLN A 85 10.80 -7.75 2.80
CA GLN A 85 11.40 -8.77 3.67
C GLN A 85 10.32 -9.58 4.44
N ASN A 86 9.15 -8.97 4.63
CA ASN A 86 8.06 -9.61 5.37
C ASN A 86 7.09 -10.33 4.42
N ILE A 87 7.29 -10.14 3.13
CA ILE A 87 6.37 -10.69 2.13
C ILE A 87 7.12 -11.65 1.20
N HIS A 88 6.42 -12.62 0.65
CA HIS A 88 7.06 -13.52 -0.31
C HIS A 88 7.21 -12.81 -1.65
N ALA A 89 6.14 -12.14 -2.08
CA ALA A 89 6.17 -11.37 -3.32
C ALA A 89 5.11 -10.27 -3.26
N PHE A 90 5.55 -9.04 -3.32
CA PHE A 90 4.65 -7.90 -3.27
C PHE A 90 4.71 -7.11 -4.58
N SER A 91 3.58 -6.96 -5.23
CA SER A 91 3.51 -6.17 -6.44
C SER A 91 2.60 -4.96 -6.23
N MET A 92 3.11 -3.78 -6.59
CA MET A 92 2.37 -2.55 -6.40
C MET A 92 1.87 -2.02 -7.73
N LYS A 93 0.64 -1.52 -7.71
CA LYS A 93 0.05 -0.90 -8.88
C LYS A 93 -0.03 0.60 -8.67
N CYS A 94 0.77 1.34 -9.42
CA CYS A 94 0.88 2.77 -9.22
C CYS A 94 -0.25 3.49 -9.95
N HIS A 95 -1.10 4.16 -9.18
CA HIS A 95 -2.23 4.86 -9.75
C HIS A 95 -2.30 6.29 -9.21
N THR A 96 -2.60 7.22 -10.10
CA THR A 96 -2.69 8.62 -9.74
C THR A 96 -4.13 9.05 -9.49
N PRO A 97 -4.34 9.99 -8.55
CA PRO A 97 -5.68 10.46 -8.18
C PRO A 97 -6.37 11.24 -9.31
N LEU A 98 -5.59 11.76 -10.24
CA LEU A 98 -6.12 12.45 -11.40
C LEU A 98 -6.93 11.47 -12.24
N GLU A 99 -6.32 10.35 -12.57
CA GLU A 99 -6.98 9.31 -13.35
C GLU A 99 -8.05 8.62 -12.51
N TYR A 100 -7.84 8.57 -11.20
CA TYR A 100 -8.81 7.97 -10.29
C TYR A 100 -10.13 8.73 -10.34
N ASP A 101 -10.05 10.06 -10.39
CA ASP A 101 -11.24 10.90 -10.44
C ASP A 101 -12.07 10.60 -11.68
N LYS A 102 -11.40 10.26 -12.77
CA LYS A 102 -12.08 9.95 -14.02
C LYS A 102 -12.82 8.62 -13.93
N LEU A 103 -12.36 7.74 -13.04
CA LEU A 103 -12.99 6.45 -12.84
C LEU A 103 -14.28 6.62 -12.04
N LYS A 104 -14.18 7.30 -10.91
CA LYS A 104 -15.35 7.57 -10.06
C LYS A 104 -16.32 8.54 -10.72
N SER A 105 -15.85 9.23 -11.76
CA SER A 105 -16.68 10.15 -12.51
C SER A 105 -17.72 9.38 -13.33
N LYS A 106 -17.28 8.35 -14.02
CA LYS A 106 -18.17 7.58 -14.88
C LYS A 106 -18.58 6.28 -14.21
N GLY A 107 -19.32 5.47 -14.96
CA GLY A 107 -19.72 4.16 -14.48
C GLY A 107 -19.53 3.11 -15.54
N SER A 108 -18.57 3.34 -16.42
CA SER A 108 -18.28 2.44 -17.52
C SER A 108 -16.80 2.53 -17.89
N MET A 1 -12.03 0.87 -1.43
CA MET A 1 -13.32 0.28 -1.88
C MET A 1 -13.48 -1.12 -1.30
N GLY A 2 -12.40 -1.89 -1.33
CA GLY A 2 -12.45 -3.23 -0.76
C GLY A 2 -12.22 -3.20 0.74
N SER A 3 -11.01 -2.84 1.14
CA SER A 3 -10.67 -2.77 2.55
C SER A 3 -9.76 -1.58 2.83
N SER A 4 -10.07 -0.46 2.21
CA SER A 4 -9.24 0.73 2.31
C SER A 4 -9.47 1.47 3.62
N HIS A 5 -8.99 0.89 4.71
CA HIS A 5 -8.99 1.58 6.00
C HIS A 5 -7.66 2.29 6.14
N HIS A 6 -7.41 3.18 5.19
CA HIS A 6 -6.14 3.87 5.05
C HIS A 6 -5.91 4.83 6.21
N HIS A 7 -6.98 5.24 6.87
CA HIS A 7 -6.88 6.08 8.05
C HIS A 7 -6.55 5.19 9.26
N HIS A 8 -5.28 5.16 9.63
CA HIS A 8 -4.82 4.33 10.73
C HIS A 8 -4.83 5.11 12.02
N HIS A 9 -4.42 4.45 13.10
CA HIS A 9 -4.30 5.10 14.40
C HIS A 9 -2.99 4.73 15.05
N HIS A 10 -1.93 5.40 14.61
CA HIS A 10 -0.61 5.18 15.18
C HIS A 10 -0.47 5.99 16.47
N SER A 11 -1.24 5.58 17.47
CA SER A 11 -1.34 6.32 18.73
C SER A 11 -0.07 6.16 19.56
N SER A 12 0.68 5.10 19.27
CA SER A 12 1.94 4.87 19.93
C SER A 12 2.96 5.94 19.54
N GLY A 13 3.15 6.91 20.43
CA GLY A 13 4.02 8.03 20.15
C GLY A 13 5.44 7.79 20.60
N ARG A 14 5.59 7.02 21.66
CA ARG A 14 6.92 6.73 22.21
C ARG A 14 7.15 5.22 22.29
N GLU A 15 6.07 4.46 22.33
CA GLU A 15 6.15 3.01 22.47
C GLU A 15 6.04 2.31 21.11
N ASN A 16 6.17 3.07 20.03
CA ASN A 16 6.08 2.52 18.68
C ASN A 16 7.40 1.87 18.27
N LEU A 17 8.37 1.90 19.17
CA LEU A 17 9.68 1.31 18.92
C LEU A 17 9.73 -0.11 19.46
N TYR A 18 8.59 -0.59 19.94
CA TYR A 18 8.51 -1.91 20.56
C TYR A 18 7.53 -2.81 19.81
N PHE A 19 7.33 -4.00 20.35
CA PHE A 19 6.45 -5.00 19.78
C PHE A 19 5.03 -4.84 20.33
N GLN A 20 4.76 -3.67 20.89
CA GLN A 20 3.44 -3.34 21.44
C GLN A 20 2.36 -3.42 20.36
N GLY A 21 1.63 -4.52 20.36
CA GLY A 21 0.56 -4.69 19.39
C GLY A 21 0.95 -5.61 18.24
N HIS A 22 0.69 -6.91 18.43
CA HIS A 22 0.95 -7.89 17.38
C HIS A 22 -0.08 -7.75 16.28
N MET A 23 0.35 -7.33 15.11
CA MET A 23 -0.57 -7.08 14.00
C MET A 23 -0.25 -7.97 12.81
N CYS A 24 -1.21 -8.08 11.90
CA CYS A 24 -1.04 -8.85 10.68
C CYS A 24 -0.07 -8.15 9.72
N ILE A 25 0.66 -8.95 8.95
CA ILE A 25 1.64 -8.46 7.99
C ILE A 25 1.03 -7.41 7.06
N GLN A 26 -0.21 -7.64 6.63
CA GLN A 26 -0.89 -6.74 5.70
C GLN A 26 -1.12 -5.37 6.33
N LYS A 27 -1.46 -5.37 7.61
CA LYS A 27 -1.77 -4.15 8.33
C LYS A 27 -0.52 -3.32 8.56
N VAL A 28 0.58 -4.00 8.87
CA VAL A 28 1.86 -3.35 9.13
C VAL A 28 2.40 -2.67 7.87
N ILE A 29 2.37 -3.40 6.76
CA ILE A 29 2.88 -2.88 5.49
C ILE A 29 2.14 -1.61 5.06
N GLU A 30 0.81 -1.64 5.09
CA GLU A 30 0.02 -0.50 4.64
C GLU A 30 0.32 0.71 5.51
N ASP A 31 0.50 0.49 6.81
CA ASP A 31 0.81 1.57 7.74
C ASP A 31 2.15 2.20 7.43
N LYS A 32 3.15 1.36 7.16
CA LYS A 32 4.52 1.85 6.99
C LYS A 32 4.69 2.62 5.69
N LEU A 33 4.35 2.02 4.56
CA LEU A 33 4.57 2.66 3.27
C LEU A 33 3.66 3.87 3.08
N SER A 34 2.49 3.84 3.69
CA SER A 34 1.58 4.97 3.61
C SER A 34 2.05 6.14 4.46
N SER A 35 2.67 5.84 5.60
CA SER A 35 3.22 6.90 6.43
C SER A 35 4.42 7.57 5.74
N ALA A 36 5.10 6.84 4.88
CA ALA A 36 6.30 7.34 4.22
C ALA A 36 6.00 8.01 2.88
N LEU A 37 5.33 7.28 1.98
CA LEU A 37 5.05 7.80 0.65
C LEU A 37 3.85 8.75 0.68
N LYS A 38 2.98 8.53 1.67
CA LYS A 38 1.82 9.38 1.92
C LYS A 38 0.87 9.44 0.71
N PRO A 39 0.13 8.35 0.46
CA PRO A 39 -0.92 8.31 -0.54
C PRO A 39 -2.27 8.69 0.05
N THR A 40 -3.24 8.98 -0.81
CA THR A 40 -4.58 9.31 -0.35
C THR A 40 -5.46 8.06 -0.35
N PHE A 41 -5.19 7.17 -1.29
CA PHE A 41 -5.92 5.92 -1.40
C PHE A 41 -4.94 4.75 -1.57
N LEU A 42 -5.18 3.68 -0.83
CA LEU A 42 -4.33 2.50 -0.89
C LEU A 42 -5.19 1.24 -0.77
N GLU A 43 -5.25 0.46 -1.84
CA GLU A 43 -6.05 -0.77 -1.83
C GLU A 43 -5.12 -1.98 -1.90
N LEU A 44 -5.40 -2.98 -1.07
CA LEU A 44 -4.57 -4.18 -1.02
C LEU A 44 -5.33 -5.39 -1.57
N VAL A 45 -4.73 -6.04 -2.55
CA VAL A 45 -5.30 -7.27 -3.10
C VAL A 45 -4.24 -8.36 -3.10
N ASP A 46 -4.61 -9.56 -2.64
CA ASP A 46 -3.69 -10.70 -2.70
C ASP A 46 -3.57 -11.22 -4.12
N LYS A 47 -2.35 -11.46 -4.55
CA LYS A 47 -2.10 -11.93 -5.90
C LYS A 47 -2.05 -13.45 -5.94
N SER A 48 -2.02 -14.06 -4.75
CA SER A 48 -1.98 -15.52 -4.60
C SER A 48 -0.73 -16.12 -5.23
N CYS A 49 0.35 -15.34 -5.26
CA CYS A 49 1.61 -15.81 -5.81
C CYS A 49 2.32 -16.70 -4.79
N GLY A 50 2.28 -18.00 -5.04
CA GLY A 50 2.88 -18.95 -4.13
C GLY A 50 1.83 -19.57 -3.22
N CYS A 51 1.94 -19.30 -1.93
CA CYS A 51 0.98 -19.81 -0.95
C CYS A 51 0.00 -18.72 -0.53
N GLY A 52 -0.06 -17.65 -1.31
CA GLY A 52 -0.99 -16.57 -1.02
C GLY A 52 -0.43 -15.56 -0.04
N THR A 53 0.85 -15.28 -0.15
CA THR A 53 1.49 -14.26 0.65
C THR A 53 2.06 -13.17 -0.25
N SER A 54 1.21 -12.64 -1.10
CA SER A 54 1.61 -11.67 -2.11
C SER A 54 0.60 -10.53 -2.17
N PHE A 55 1.08 -9.31 -2.15
CA PHE A 55 0.20 -8.16 -2.17
C PHE A 55 0.45 -7.30 -3.41
N ASP A 56 -0.63 -6.94 -4.08
CA ASP A 56 -0.56 -5.99 -5.18
C ASP A 56 -1.31 -4.72 -4.74
N ALA A 57 -0.58 -3.65 -4.58
CA ALA A 57 -1.14 -2.44 -3.96
C ALA A 57 -1.40 -1.34 -4.97
N VAL A 58 -2.66 -0.98 -5.09
CA VAL A 58 -3.06 0.13 -5.94
C VAL A 58 -2.89 1.44 -5.18
N ILE A 59 -1.94 2.25 -5.63
CA ILE A 59 -1.63 3.50 -4.94
C ILE A 59 -2.28 4.68 -5.65
N VAL A 60 -2.79 5.61 -4.86
CA VAL A 60 -3.27 6.87 -5.38
C VAL A 60 -2.63 8.00 -4.60
N SER A 61 -1.69 8.71 -5.21
CA SER A 61 -0.92 9.73 -4.52
C SER A 61 -0.37 10.78 -5.46
N ASN A 62 -0.14 11.98 -4.91
CA ASN A 62 0.51 13.06 -5.64
C ASN A 62 1.96 12.70 -5.95
N ASN A 63 2.48 11.74 -5.19
CA ASN A 63 3.87 11.29 -5.35
C ASN A 63 4.12 10.78 -6.78
N PHE A 64 3.08 10.25 -7.40
CA PHE A 64 3.19 9.74 -8.77
C PHE A 64 2.76 10.80 -9.78
N GLU A 65 2.16 11.88 -9.28
CA GLU A 65 1.66 12.93 -10.12
C GLU A 65 2.76 13.98 -10.30
N ASP A 66 3.76 13.91 -9.44
CA ASP A 66 4.94 14.77 -9.54
C ASP A 66 5.83 14.31 -10.70
N LYS A 67 5.36 13.24 -11.36
CA LYS A 67 6.00 12.70 -12.56
C LYS A 67 7.38 12.14 -12.23
N LYS A 68 7.50 11.52 -11.06
CA LYS A 68 8.74 10.90 -10.65
C LYS A 68 8.74 9.40 -10.96
N LEU A 69 9.25 9.06 -12.14
CA LEU A 69 9.36 7.66 -12.53
C LEU A 69 10.49 7.00 -11.75
N LEU A 70 11.69 7.57 -11.87
CA LEU A 70 12.87 7.00 -11.23
C LEU A 70 12.78 7.12 -9.70
N ASP A 71 12.15 8.19 -9.23
CA ASP A 71 12.13 8.49 -7.81
C ASP A 71 11.20 7.56 -7.06
N ARG A 72 10.06 7.22 -7.65
CA ARG A 72 9.15 6.28 -7.01
C ARG A 72 9.82 4.92 -6.85
N HIS A 73 10.66 4.57 -7.82
CA HIS A 73 11.38 3.30 -7.78
C HIS A 73 12.42 3.31 -6.67
N ARG A 74 13.19 4.38 -6.58
CA ARG A 74 14.25 4.49 -5.57
C ARG A 74 13.65 4.58 -4.17
N LEU A 75 12.55 5.33 -4.03
CA LEU A 75 11.87 5.47 -2.75
C LEU A 75 11.29 4.13 -2.29
N VAL A 76 10.60 3.45 -3.19
CA VAL A 76 10.04 2.14 -2.89
C VAL A 76 11.13 1.17 -2.45
N ASN A 77 12.24 1.15 -3.18
CA ASN A 77 13.33 0.25 -2.85
C ASN A 77 13.99 0.61 -1.52
N THR A 78 13.97 1.89 -1.17
CA THR A 78 14.59 2.35 0.07
C THR A 78 13.86 1.79 1.29
N ILE A 79 12.54 1.90 1.29
CA ILE A 79 11.73 1.46 2.41
C ILE A 79 11.49 -0.05 2.33
N LEU A 80 11.02 -0.48 1.17
CA LEU A 80 10.68 -1.88 0.96
C LEU A 80 11.93 -2.74 0.83
N LYS A 81 13.12 -2.13 0.91
CA LYS A 81 14.34 -2.91 1.01
C LYS A 81 14.17 -3.93 2.14
N GLU A 82 14.03 -3.43 3.35
CA GLU A 82 13.79 -4.29 4.50
C GLU A 82 12.35 -4.80 4.51
N GLU A 83 11.41 -3.98 4.07
CA GLU A 83 9.99 -4.34 4.12
C GLU A 83 9.70 -5.62 3.31
N LEU A 84 10.31 -5.73 2.14
CA LEU A 84 10.14 -6.91 1.27
C LEU A 84 10.47 -8.21 1.98
N GLN A 85 11.42 -8.15 2.92
CA GLN A 85 11.91 -9.37 3.59
C GLN A 85 10.77 -10.13 4.28
N ASN A 86 9.65 -9.45 4.50
CA ASN A 86 8.52 -10.06 5.20
C ASN A 86 7.44 -10.53 4.22
N ILE A 87 7.64 -10.24 2.93
CA ILE A 87 6.65 -10.59 1.92
C ILE A 87 7.24 -11.62 0.96
N HIS A 88 6.39 -12.45 0.36
CA HIS A 88 6.86 -13.41 -0.62
C HIS A 88 6.95 -12.75 -1.99
N ALA A 89 5.98 -11.88 -2.29
CA ALA A 89 5.96 -11.16 -3.56
C ALA A 89 5.07 -9.92 -3.46
N PHE A 90 5.67 -8.74 -3.44
CA PHE A 90 4.91 -7.51 -3.44
C PHE A 90 4.98 -6.83 -4.81
N SER A 91 3.84 -6.31 -5.26
CA SER A 91 3.76 -5.56 -6.49
C SER A 91 2.94 -4.29 -6.26
N MET A 92 3.10 -3.29 -7.11
CA MET A 92 2.42 -2.03 -6.93
C MET A 92 1.85 -1.49 -8.24
N LYS A 93 0.73 -0.78 -8.13
CA LYS A 93 0.14 -0.09 -9.25
C LYS A 93 0.07 1.39 -8.93
N CYS A 94 0.89 2.18 -9.61
CA CYS A 94 0.94 3.61 -9.34
C CYS A 94 -0.14 4.36 -10.11
N HIS A 95 -1.00 5.06 -9.37
CA HIS A 95 -2.04 5.87 -9.99
C HIS A 95 -2.08 7.28 -9.38
N THR A 96 -2.57 8.23 -10.16
CA THR A 96 -2.71 9.60 -9.72
C THR A 96 -4.15 9.87 -9.27
N PRO A 97 -4.33 10.76 -8.28
CA PRO A 97 -5.66 11.09 -7.75
C PRO A 97 -6.57 11.70 -8.83
N LEU A 98 -5.95 12.40 -9.77
CA LEU A 98 -6.67 13.05 -10.84
C LEU A 98 -7.34 12.00 -11.73
N GLU A 99 -6.57 11.02 -12.18
CA GLU A 99 -7.09 9.98 -13.06
C GLU A 99 -7.99 9.03 -12.27
N TYR A 100 -7.67 8.86 -10.99
CA TYR A 100 -8.44 7.97 -10.11
C TYR A 100 -9.91 8.34 -10.08
N ASP A 101 -10.21 9.63 -10.16
CA ASP A 101 -11.60 10.09 -10.07
C ASP A 101 -12.43 9.54 -11.23
N LYS A 102 -11.82 9.44 -12.41
CA LYS A 102 -12.52 8.89 -13.57
C LYS A 102 -12.81 7.41 -13.38
N LEU A 103 -11.91 6.74 -12.66
CA LEU A 103 -12.08 5.32 -12.38
C LEU A 103 -13.26 5.10 -11.45
N LYS A 104 -13.32 5.89 -10.38
CA LYS A 104 -14.39 5.78 -9.39
C LYS A 104 -15.72 6.36 -9.92
N SER A 105 -15.67 7.03 -11.07
CA SER A 105 -16.90 7.51 -11.71
C SER A 105 -17.83 6.33 -12.01
N LYS A 106 -17.26 5.24 -12.51
CA LYS A 106 -18.02 4.02 -12.73
C LYS A 106 -17.77 3.02 -11.60
N GLY A 107 -16.52 2.93 -11.16
CA GLY A 107 -16.18 2.07 -10.04
C GLY A 107 -16.01 0.63 -10.46
N SER A 108 -15.31 0.40 -11.56
CA SER A 108 -15.07 -0.95 -12.04
C SER A 108 -13.73 -1.03 -12.78
N MET A 1 -0.36 -19.07 0.60
CA MET A 1 -1.54 -19.11 1.48
C MET A 1 -2.81 -18.75 0.70
N GLY A 2 -2.67 -17.79 -0.22
CA GLY A 2 -3.80 -17.41 -1.05
C GLY A 2 -4.59 -16.28 -0.45
N SER A 3 -5.92 -16.40 -0.52
CA SER A 3 -6.81 -15.33 -0.11
C SER A 3 -6.66 -14.97 1.36
N SER A 4 -6.28 -13.72 1.58
CA SER A 4 -6.15 -13.16 2.90
C SER A 4 -6.98 -11.89 3.01
N HIS A 5 -7.29 -11.29 1.86
CA HIS A 5 -8.10 -10.09 1.81
C HIS A 5 -9.53 -10.43 1.43
N HIS A 6 -10.44 -10.26 2.36
CA HIS A 6 -11.85 -10.53 2.11
C HIS A 6 -12.63 -9.24 1.96
N HIS A 7 -13.22 -9.03 0.79
CA HIS A 7 -14.03 -7.84 0.55
C HIS A 7 -15.33 -7.94 1.33
N HIS A 8 -15.66 -6.89 2.06
CA HIS A 8 -16.89 -6.85 2.87
C HIS A 8 -18.09 -6.81 1.94
N HIS A 9 -18.90 -7.87 2.00
CA HIS A 9 -20.03 -8.03 1.09
C HIS A 9 -21.22 -7.18 1.53
N HIS A 10 -20.96 -5.90 1.72
CA HIS A 10 -22.00 -4.93 2.07
C HIS A 10 -21.40 -3.54 1.99
N SER A 11 -22.12 -2.63 1.35
CA SER A 11 -21.66 -1.26 1.20
C SER A 11 -21.35 -0.62 2.55
N SER A 12 -20.08 -0.41 2.80
CA SER A 12 -19.62 0.20 4.05
C SER A 12 -18.59 1.28 3.75
N GLY A 13 -18.93 2.15 2.82
CA GLY A 13 -18.00 3.19 2.39
C GLY A 13 -18.05 4.41 3.29
N ARG A 14 -18.49 4.23 4.51
CA ARG A 14 -18.56 5.32 5.47
C ARG A 14 -17.40 5.24 6.44
N GLU A 15 -17.22 4.06 7.00
CA GLU A 15 -16.24 3.83 8.05
C GLU A 15 -14.95 3.22 7.50
N ASN A 16 -15.00 2.69 6.28
CA ASN A 16 -13.85 2.00 5.70
C ASN A 16 -12.75 2.98 5.25
N LEU A 17 -12.90 4.25 5.61
CA LEU A 17 -11.89 5.26 5.32
C LEU A 17 -10.78 5.20 6.37
N TYR A 18 -11.03 4.46 7.44
CA TYR A 18 -10.07 4.32 8.50
C TYR A 18 -9.44 2.94 8.48
N PHE A 19 -8.11 2.90 8.49
CA PHE A 19 -7.37 1.64 8.45
C PHE A 19 -7.35 0.95 9.81
N GLN A 20 -8.43 1.10 10.55
CA GLN A 20 -8.56 0.48 11.87
C GLN A 20 -8.65 -1.03 11.75
N GLY A 21 -7.59 -1.72 12.15
CA GLY A 21 -7.59 -3.17 12.10
C GLY A 21 -6.87 -3.77 13.28
N HIS A 22 -6.44 -5.01 13.13
CA HIS A 22 -5.76 -5.73 14.20
C HIS A 22 -4.27 -5.83 13.90
N MET A 23 -3.46 -5.98 14.94
CA MET A 23 -2.02 -6.20 14.78
C MET A 23 -1.75 -7.44 13.93
N CYS A 24 -1.45 -7.22 12.67
CA CYS A 24 -1.15 -8.29 11.74
C CYS A 24 -0.11 -7.82 10.73
N ILE A 25 0.57 -8.76 10.09
CA ILE A 25 1.61 -8.46 9.10
C ILE A 25 1.08 -7.53 8.00
N GLN A 26 -0.21 -7.66 7.68
CA GLN A 26 -0.83 -6.81 6.67
C GLN A 26 -0.72 -5.34 7.03
N LYS A 27 -1.08 -5.01 8.27
CA LYS A 27 -1.07 -3.62 8.72
C LYS A 27 0.34 -3.10 8.87
N VAL A 28 1.29 -3.99 9.15
CA VAL A 28 2.69 -3.60 9.23
C VAL A 28 3.15 -2.98 7.92
N ILE A 29 2.94 -3.73 6.83
CA ILE A 29 3.29 -3.26 5.50
C ILE A 29 2.44 -2.05 5.11
N GLU A 30 1.13 -2.18 5.31
CA GLU A 30 0.18 -1.14 4.90
C GLU A 30 0.51 0.20 5.57
N ASP A 31 0.63 0.19 6.89
CA ASP A 31 0.85 1.43 7.64
C ASP A 31 2.23 2.02 7.35
N LYS A 32 3.20 1.16 7.07
CA LYS A 32 4.56 1.62 6.82
C LYS A 32 4.63 2.44 5.53
N LEU A 33 4.18 1.86 4.42
CA LEU A 33 4.23 2.56 3.15
C LEU A 33 3.16 3.67 3.09
N SER A 34 2.11 3.53 3.89
CA SER A 34 1.07 4.56 3.96
C SER A 34 1.62 5.81 4.62
N SER A 35 2.48 5.62 5.62
CA SER A 35 3.13 6.74 6.28
C SER A 35 4.16 7.40 5.37
N ALA A 36 5.03 6.59 4.78
CA ALA A 36 6.15 7.09 4.00
C ALA A 36 5.72 7.64 2.64
N LEU A 37 5.02 6.83 1.85
CA LEU A 37 4.61 7.23 0.51
C LEU A 37 3.36 8.10 0.59
N LYS A 38 2.52 7.79 1.57
CA LYS A 38 1.32 8.58 1.87
C LYS A 38 0.38 8.68 0.67
N PRO A 39 -0.43 7.63 0.46
CA PRO A 39 -1.40 7.60 -0.61
C PRO A 39 -2.74 8.22 -0.21
N THR A 40 -3.41 8.82 -1.18
CA THR A 40 -4.73 9.38 -0.96
C THR A 40 -5.78 8.28 -1.07
N PHE A 41 -5.42 7.23 -1.78
CA PHE A 41 -6.22 6.02 -1.85
C PHE A 41 -5.30 4.80 -1.85
N LEU A 42 -5.56 3.87 -0.94
CA LEU A 42 -4.74 2.67 -0.82
C LEU A 42 -5.62 1.47 -0.50
N GLU A 43 -5.41 0.38 -1.20
CA GLU A 43 -6.10 -0.87 -0.89
C GLU A 43 -5.23 -2.07 -1.25
N LEU A 44 -5.25 -3.08 -0.40
CA LEU A 44 -4.52 -4.32 -0.64
C LEU A 44 -5.40 -5.28 -1.43
N VAL A 45 -4.91 -5.72 -2.57
CA VAL A 45 -5.66 -6.61 -3.43
C VAL A 45 -5.14 -8.03 -3.28
N ASP A 46 -6.08 -8.96 -3.17
CA ASP A 46 -5.78 -10.35 -2.87
C ASP A 46 -5.07 -11.01 -4.03
N LYS A 47 -3.77 -11.23 -3.89
CA LYS A 47 -2.99 -11.87 -4.93
C LYS A 47 -2.87 -13.36 -4.63
N SER A 48 -3.98 -14.07 -4.78
CA SER A 48 -4.03 -15.50 -4.56
C SER A 48 -3.26 -16.23 -5.66
N CYS A 49 -3.00 -15.52 -6.75
CA CYS A 49 -2.19 -16.04 -7.84
C CYS A 49 -0.80 -15.42 -7.78
N GLY A 50 0.12 -16.09 -7.10
CA GLY A 50 1.46 -15.58 -6.96
C GLY A 50 2.40 -16.61 -6.39
N CYS A 51 3.31 -16.17 -5.53
CA CYS A 51 4.28 -17.07 -4.94
C CYS A 51 3.97 -17.27 -3.45
N GLY A 52 3.03 -18.16 -3.17
CA GLY A 52 2.65 -18.44 -1.79
C GLY A 52 1.86 -17.31 -1.18
N THR A 53 2.58 -16.36 -0.59
CA THR A 53 1.95 -15.19 -0.01
C THR A 53 2.38 -13.94 -0.75
N SER A 54 1.49 -13.46 -1.62
CA SER A 54 1.79 -12.29 -2.44
C SER A 54 0.67 -11.27 -2.31
N PHE A 55 1.02 -10.00 -2.44
CA PHE A 55 0.03 -8.93 -2.33
C PHE A 55 0.25 -7.90 -3.43
N ASP A 56 -0.84 -7.35 -3.93
CA ASP A 56 -0.78 -6.29 -4.92
C ASP A 56 -1.52 -5.07 -4.40
N ALA A 57 -0.81 -3.98 -4.16
CA ALA A 57 -1.40 -2.84 -3.49
C ALA A 57 -1.67 -1.71 -4.46
N VAL A 58 -2.94 -1.33 -4.58
CA VAL A 58 -3.31 -0.19 -5.38
C VAL A 58 -2.96 1.08 -4.65
N ILE A 59 -1.97 1.80 -5.17
CA ILE A 59 -1.48 3.01 -4.54
C ILE A 59 -1.79 4.23 -5.40
N VAL A 60 -2.70 5.04 -4.90
CA VAL A 60 -3.06 6.29 -5.53
C VAL A 60 -2.50 7.44 -4.70
N SER A 61 -1.45 8.08 -5.19
CA SER A 61 -0.76 9.09 -4.40
C SER A 61 -0.10 10.13 -5.29
N ASN A 62 0.10 11.32 -4.71
CA ASN A 62 0.78 12.42 -5.37
C ASN A 62 2.23 12.06 -5.70
N ASN A 63 2.78 11.04 -5.05
CA ASN A 63 4.16 10.63 -5.27
C ASN A 63 4.35 10.12 -6.71
N PHE A 64 3.28 9.62 -7.32
CA PHE A 64 3.33 9.18 -8.71
C PHE A 64 2.97 10.34 -9.63
N GLU A 65 2.44 11.40 -9.04
CA GLU A 65 2.02 12.58 -9.76
C GLU A 65 3.22 13.53 -9.88
N ASP A 66 4.28 13.20 -9.14
CA ASP A 66 5.52 13.96 -9.14
C ASP A 66 6.18 13.90 -10.53
N LYS A 67 5.77 12.89 -11.31
CA LYS A 67 6.21 12.71 -12.70
C LYS A 67 7.60 12.08 -12.77
N LYS A 68 8.42 12.32 -11.76
CA LYS A 68 9.76 11.75 -11.70
C LYS A 68 9.71 10.25 -11.44
N LEU A 69 9.84 9.46 -12.49
CA LEU A 69 9.71 8.01 -12.38
C LEU A 69 10.87 7.40 -11.60
N LEU A 70 12.06 7.94 -11.78
CA LEU A 70 13.23 7.44 -11.07
C LEU A 70 13.12 7.72 -9.57
N ASP A 71 12.50 8.85 -9.23
CA ASP A 71 12.29 9.19 -7.83
C ASP A 71 11.19 8.33 -7.23
N ARG A 72 10.18 8.05 -8.02
CA ARG A 72 9.14 7.10 -7.65
C ARG A 72 9.78 5.74 -7.36
N HIS A 73 10.71 5.35 -8.21
CA HIS A 73 11.43 4.09 -8.08
C HIS A 73 12.26 4.07 -6.79
N ARG A 74 13.10 5.08 -6.61
CA ARG A 74 14.02 5.13 -5.47
C ARG A 74 13.26 5.21 -4.15
N LEU A 75 12.14 5.92 -4.12
CA LEU A 75 11.34 6.03 -2.90
C LEU A 75 10.77 4.67 -2.50
N VAL A 76 10.17 3.99 -3.46
CA VAL A 76 9.65 2.65 -3.23
C VAL A 76 10.77 1.72 -2.77
N ASN A 77 11.92 1.83 -3.42
CA ASN A 77 13.08 1.00 -3.06
C ASN A 77 13.57 1.31 -1.65
N THR A 78 13.49 2.57 -1.25
CA THR A 78 13.96 2.98 0.08
C THR A 78 13.19 2.29 1.19
N ILE A 79 11.87 2.35 1.13
CA ILE A 79 11.02 1.77 2.17
C ILE A 79 10.89 0.25 1.98
N LEU A 80 10.57 -0.15 0.76
CA LEU A 80 10.30 -1.55 0.48
C LEU A 80 11.59 -2.36 0.45
N LYS A 81 12.74 -1.69 0.62
CA LYS A 81 14.01 -2.37 0.79
C LYS A 81 13.88 -3.41 1.90
N GLU A 82 13.64 -2.94 3.10
CA GLU A 82 13.42 -3.84 4.24
C GLU A 82 12.04 -4.47 4.16
N GLU A 83 11.07 -3.71 3.64
CA GLU A 83 9.69 -4.16 3.60
C GLU A 83 9.55 -5.51 2.90
N LEU A 84 10.08 -5.57 1.69
CA LEU A 84 10.05 -6.79 0.88
C LEU A 84 10.58 -8.01 1.65
N GLN A 85 11.50 -7.80 2.59
CA GLN A 85 12.06 -8.92 3.36
C GLN A 85 10.95 -9.69 4.07
N ASN A 86 9.83 -9.02 4.32
CA ASN A 86 8.73 -9.60 5.08
C ASN A 86 7.72 -10.29 4.17
N ILE A 87 7.86 -10.08 2.87
CA ILE A 87 6.92 -10.63 1.91
C ILE A 87 7.64 -11.55 0.93
N HIS A 88 6.91 -12.37 0.21
CA HIS A 88 7.52 -13.20 -0.81
C HIS A 88 7.47 -12.48 -2.15
N ALA A 89 6.32 -11.92 -2.48
CA ALA A 89 6.15 -11.15 -3.70
C ALA A 89 5.13 -10.03 -3.50
N PHE A 90 5.60 -8.81 -3.49
CA PHE A 90 4.73 -7.66 -3.35
C PHE A 90 4.80 -6.79 -4.60
N SER A 91 3.65 -6.49 -5.17
CA SER A 91 3.57 -5.58 -6.30
C SER A 91 2.61 -4.45 -5.98
N MET A 92 2.61 -3.39 -6.78
CA MET A 92 1.76 -2.25 -6.52
C MET A 92 1.24 -1.65 -7.83
N LYS A 93 0.02 -1.14 -7.78
CA LYS A 93 -0.57 -0.44 -8.91
C LYS A 93 -0.39 1.05 -8.70
N CYS A 94 0.47 1.65 -9.50
CA CYS A 94 0.82 3.04 -9.34
C CYS A 94 -0.11 3.94 -10.15
N HIS A 95 -0.93 4.71 -9.46
CA HIS A 95 -1.88 5.61 -10.11
C HIS A 95 -1.92 6.95 -9.38
N THR A 96 -2.34 7.99 -10.09
CA THR A 96 -2.48 9.31 -9.50
C THR A 96 -3.94 9.56 -9.11
N PRO A 97 -4.17 10.43 -8.11
CA PRO A 97 -5.53 10.82 -7.72
C PRO A 97 -6.23 11.58 -8.84
N LEU A 98 -5.42 12.14 -9.73
CA LEU A 98 -5.93 12.86 -10.89
C LEU A 98 -6.58 11.87 -11.85
N GLU A 99 -5.90 10.74 -12.06
CA GLU A 99 -6.41 9.68 -12.92
C GLU A 99 -7.51 8.90 -12.21
N TYR A 100 -7.36 8.75 -10.89
CA TYR A 100 -8.35 8.06 -10.07
C TYR A 100 -9.70 8.74 -10.17
N ASP A 101 -9.70 10.06 -10.35
CA ASP A 101 -10.91 10.84 -10.52
C ASP A 101 -11.81 10.26 -11.62
N LYS A 102 -11.19 9.75 -12.67
CA LYS A 102 -11.94 9.14 -13.76
C LYS A 102 -12.42 7.74 -13.37
N LEU A 103 -11.59 7.05 -12.61
CA LEU A 103 -11.83 5.65 -12.26
C LEU A 103 -12.88 5.52 -11.16
N LYS A 104 -13.05 6.56 -10.36
CA LYS A 104 -14.07 6.56 -9.33
C LYS A 104 -15.44 6.89 -9.91
N SER A 105 -15.44 7.74 -10.93
CA SER A 105 -16.67 8.15 -11.59
C SER A 105 -17.33 6.95 -12.26
N LYS A 106 -16.51 6.12 -12.90
CA LYS A 106 -16.98 4.89 -13.48
C LYS A 106 -15.82 3.92 -13.69
N GLY A 107 -16.14 2.72 -14.12
CA GLY A 107 -15.13 1.67 -14.21
C GLY A 107 -14.87 1.25 -15.63
N SER A 108 -15.81 1.53 -16.52
CA SER A 108 -15.70 1.13 -17.92
C SER A 108 -16.57 2.01 -18.80
N MET A 1 -6.74 -3.05 3.71
CA MET A 1 -7.54 -1.98 4.36
C MET A 1 -7.12 -1.84 5.82
N GLY A 2 -6.45 -0.74 6.14
CA GLY A 2 -6.03 -0.51 7.50
C GLY A 2 -5.27 0.78 7.68
N SER A 3 -4.53 1.18 6.65
CA SER A 3 -3.74 2.41 6.72
C SER A 3 -4.64 3.64 6.61
N SER A 4 -4.46 4.58 7.53
CA SER A 4 -5.22 5.82 7.50
C SER A 4 -4.69 6.72 6.37
N HIS A 5 -5.59 7.20 5.54
CA HIS A 5 -5.22 7.95 4.36
C HIS A 5 -5.23 9.45 4.61
N HIS A 6 -5.12 9.82 5.88
CA HIS A 6 -5.00 11.21 6.26
C HIS A 6 -3.57 11.67 6.10
N HIS A 7 -3.34 12.55 5.14
CA HIS A 7 -2.01 13.01 4.80
C HIS A 7 -1.46 13.96 5.86
N HIS A 8 -0.92 13.39 6.94
CA HIS A 8 -0.31 14.18 8.00
C HIS A 8 1.20 14.24 7.81
N HIS A 9 1.71 15.42 7.56
CA HIS A 9 3.14 15.61 7.38
C HIS A 9 3.83 15.73 8.75
N HIS A 10 4.16 14.58 9.33
CA HIS A 10 4.90 14.51 10.60
C HIS A 10 4.03 14.99 11.77
N SER A 11 2.76 15.24 11.50
CA SER A 11 1.82 15.66 12.54
C SER A 11 1.55 14.50 13.49
N SER A 12 1.46 13.30 12.94
CA SER A 12 1.19 12.10 13.73
C SER A 12 2.46 11.64 14.44
N GLY A 13 2.63 12.08 15.68
CA GLY A 13 3.78 11.67 16.46
C GLY A 13 3.65 12.05 17.93
N ARG A 14 2.45 11.88 18.46
CA ARG A 14 2.20 12.20 19.87
C ARG A 14 1.24 11.21 20.51
N GLU A 15 0.28 10.72 19.73
CA GLU A 15 -0.75 9.84 20.25
C GLU A 15 -0.30 8.39 20.27
N ASN A 16 0.99 8.19 20.04
CA ASN A 16 1.61 6.87 20.11
C ASN A 16 1.63 6.34 21.55
N LEU A 17 1.28 7.21 22.49
CA LEU A 17 1.13 6.80 23.89
C LEU A 17 -0.01 5.78 24.01
N TYR A 18 -0.97 5.87 23.11
CA TYR A 18 -2.04 4.89 23.04
C TYR A 18 -1.73 3.87 21.96
N PHE A 19 -0.97 2.86 22.34
CA PHE A 19 -0.48 1.86 21.40
C PHE A 19 -1.38 0.63 21.38
N GLN A 20 -2.55 0.75 22.01
CA GLN A 20 -3.52 -0.34 22.02
C GLN A 20 -4.27 -0.39 20.70
N GLY A 21 -3.54 -0.69 19.63
CA GLY A 21 -4.12 -0.81 18.32
C GLY A 21 -3.52 -1.97 17.54
N HIS A 22 -3.82 -3.18 18.00
CA HIS A 22 -3.32 -4.40 17.35
C HIS A 22 -3.66 -4.41 15.86
N MET A 23 -2.69 -4.79 15.04
CA MET A 23 -2.85 -4.77 13.60
C MET A 23 -2.15 -5.95 12.94
N CYS A 24 -2.80 -6.52 11.93
CA CYS A 24 -2.25 -7.66 11.20
C CYS A 24 -1.03 -7.26 10.38
N ILE A 25 -0.32 -8.26 9.87
CA ILE A 25 0.92 -8.03 9.13
C ILE A 25 0.66 -7.21 7.85
N GLN A 26 -0.45 -7.45 7.17
CA GLN A 26 -0.79 -6.67 5.99
C GLN A 26 -0.92 -5.19 6.35
N LYS A 27 -1.57 -4.93 7.47
CA LYS A 27 -1.79 -3.57 7.93
C LYS A 27 -0.45 -2.91 8.27
N VAL A 28 0.49 -3.71 8.78
CA VAL A 28 1.83 -3.23 9.07
C VAL A 28 2.52 -2.74 7.80
N ILE A 29 2.38 -3.51 6.72
CA ILE A 29 2.96 -3.15 5.43
C ILE A 29 2.26 -1.92 4.86
N GLU A 30 0.93 -1.88 4.98
CA GLU A 30 0.15 -0.75 4.50
C GLU A 30 0.68 0.57 5.08
N ASP A 31 0.87 0.60 6.40
CA ASP A 31 1.35 1.81 7.04
C ASP A 31 2.86 1.99 6.89
N LYS A 32 3.57 0.91 6.57
CA LYS A 32 5.02 0.98 6.37
C LYS A 32 5.34 1.93 5.21
N LEU A 33 4.76 1.65 4.05
CA LEU A 33 4.93 2.51 2.89
C LEU A 33 4.12 3.80 3.05
N SER A 34 3.06 3.71 3.84
CA SER A 34 2.22 4.87 4.11
C SER A 34 3.02 5.93 4.85
N SER A 35 3.76 5.51 5.87
CA SER A 35 4.58 6.43 6.67
C SER A 35 5.51 7.27 5.77
N ALA A 36 5.88 6.69 4.63
CA ALA A 36 6.79 7.35 3.71
C ALA A 36 6.06 8.24 2.70
N LEU A 37 4.95 7.76 2.15
CA LEU A 37 4.27 8.46 1.07
C LEU A 37 2.96 9.11 1.52
N LYS A 38 2.26 8.45 2.43
CA LYS A 38 0.88 8.79 2.80
C LYS A 38 0.00 8.93 1.55
N PRO A 39 -0.38 7.79 0.94
CA PRO A 39 -1.18 7.80 -0.27
C PRO A 39 -2.66 7.96 0.01
N THR A 40 -3.34 8.72 -0.85
CA THR A 40 -4.77 8.97 -0.73
C THR A 40 -5.56 7.67 -0.81
N PHE A 41 -5.09 6.75 -1.62
CA PHE A 41 -5.71 5.43 -1.73
C PHE A 41 -4.62 4.36 -1.79
N LEU A 42 -4.69 3.42 -0.87
CA LEU A 42 -3.71 2.33 -0.81
C LEU A 42 -4.44 1.05 -0.41
N GLU A 43 -4.35 0.02 -1.24
CA GLU A 43 -5.00 -1.24 -0.92
C GLU A 43 -4.14 -2.42 -1.38
N LEU A 44 -4.09 -3.47 -0.56
CA LEU A 44 -3.34 -4.67 -0.90
C LEU A 44 -4.27 -5.81 -1.28
N VAL A 45 -4.15 -6.26 -2.52
CA VAL A 45 -4.92 -7.38 -3.01
C VAL A 45 -4.02 -8.61 -3.13
N ASP A 46 -4.36 -9.66 -2.39
CA ASP A 46 -3.63 -10.91 -2.44
C ASP A 46 -3.93 -11.65 -3.74
N LYS A 47 -2.89 -11.94 -4.50
CA LYS A 47 -3.05 -12.60 -5.79
C LYS A 47 -2.51 -14.02 -5.74
N SER A 48 -3.19 -14.93 -6.42
CA SER A 48 -2.68 -16.27 -6.60
C SER A 48 -1.67 -16.27 -7.75
N CYS A 49 -0.41 -16.06 -7.41
CA CYS A 49 0.64 -15.93 -8.41
C CYS A 49 1.53 -17.16 -8.43
N GLY A 50 1.08 -18.23 -7.77
CA GLY A 50 1.85 -19.46 -7.74
C GLY A 50 2.90 -19.47 -6.66
N CYS A 51 3.55 -18.33 -6.47
CA CYS A 51 4.60 -18.19 -5.46
C CYS A 51 4.00 -18.00 -4.06
N GLY A 52 2.92 -18.72 -3.79
CA GLY A 52 2.24 -18.59 -2.52
C GLY A 52 1.49 -17.28 -2.42
N THR A 53 1.53 -16.67 -1.24
CA THR A 53 0.85 -15.42 -1.02
C THR A 53 1.66 -14.25 -1.61
N SER A 54 0.99 -13.47 -2.43
CA SER A 54 1.61 -12.30 -3.04
C SER A 54 0.63 -11.14 -3.00
N PHE A 55 1.13 -9.97 -2.63
CA PHE A 55 0.25 -8.83 -2.46
C PHE A 55 0.52 -7.79 -3.53
N ASP A 56 -0.55 -7.30 -4.12
CA ASP A 56 -0.48 -6.24 -5.12
C ASP A 56 -1.13 -5.00 -4.54
N ALA A 57 -0.36 -3.94 -4.41
CA ALA A 57 -0.84 -2.74 -3.74
C ALA A 57 -1.15 -1.64 -4.73
N VAL A 58 -2.41 -1.27 -4.81
CA VAL A 58 -2.81 -0.12 -5.59
C VAL A 58 -2.41 1.14 -4.84
N ILE A 59 -1.43 1.84 -5.39
CA ILE A 59 -0.90 3.04 -4.76
C ILE A 59 -1.36 4.27 -5.54
N VAL A 60 -2.25 5.03 -4.92
CA VAL A 60 -2.79 6.23 -5.50
C VAL A 60 -2.30 7.46 -4.75
N SER A 61 -1.36 8.17 -5.35
CA SER A 61 -0.82 9.38 -4.73
C SER A 61 -0.23 10.32 -5.77
N ASN A 62 -0.43 11.61 -5.53
CA ASN A 62 0.11 12.66 -6.40
C ASN A 62 1.63 12.74 -6.33
N ASN A 63 2.22 12.17 -5.28
CA ASN A 63 3.68 12.11 -5.13
C ASN A 63 4.35 11.62 -6.43
N PHE A 64 3.71 10.67 -7.10
CA PHE A 64 4.27 10.10 -8.32
C PHE A 64 3.60 10.69 -9.56
N GLU A 65 3.00 11.85 -9.41
CA GLU A 65 2.36 12.53 -10.48
C GLU A 65 3.36 13.50 -11.12
N ASP A 66 4.45 13.73 -10.40
CA ASP A 66 5.52 14.61 -10.88
C ASP A 66 6.31 13.92 -11.99
N LYS A 67 5.95 12.65 -12.24
CA LYS A 67 6.47 11.88 -13.36
C LYS A 67 7.96 11.57 -13.19
N LYS A 68 8.41 11.55 -11.95
CA LYS A 68 9.79 11.24 -11.65
C LYS A 68 9.93 9.75 -11.36
N LEU A 69 10.32 8.98 -12.37
CA LEU A 69 10.40 7.54 -12.23
C LEU A 69 11.58 7.14 -11.35
N LEU A 70 12.67 7.91 -11.41
CA LEU A 70 13.83 7.64 -10.57
C LEU A 70 13.49 7.90 -9.09
N ASP A 71 12.67 8.91 -8.83
CA ASP A 71 12.21 9.18 -7.46
C ASP A 71 11.24 8.10 -7.02
N ARG A 72 10.31 7.78 -7.91
CA ARG A 72 9.36 6.69 -7.68
C ARG A 72 10.10 5.41 -7.32
N HIS A 73 11.12 5.10 -8.11
CA HIS A 73 11.90 3.89 -7.92
C HIS A 73 12.67 3.92 -6.59
N ARG A 74 13.44 4.98 -6.38
CA ARG A 74 14.35 5.05 -5.23
C ARG A 74 13.58 5.11 -3.91
N LEU A 75 12.51 5.89 -3.86
CA LEU A 75 11.72 6.03 -2.63
C LEU A 75 11.09 4.69 -2.27
N VAL A 76 10.43 4.07 -3.24
CA VAL A 76 9.81 2.77 -3.05
C VAL A 76 10.85 1.76 -2.59
N ASN A 77 11.99 1.72 -3.27
CA ASN A 77 13.04 0.75 -2.95
C ASN A 77 13.56 0.94 -1.53
N THR A 78 13.71 2.18 -1.10
CA THR A 78 14.26 2.48 0.21
C THR A 78 13.39 1.91 1.33
N ILE A 79 12.09 2.19 1.29
CA ILE A 79 11.18 1.75 2.35
C ILE A 79 10.77 0.30 2.17
N LEU A 80 10.35 -0.05 0.96
CA LEU A 80 9.86 -1.39 0.66
C LEU A 80 11.00 -2.41 0.69
N LYS A 81 12.24 -1.95 0.81
CA LYS A 81 13.36 -2.86 1.02
C LYS A 81 13.11 -3.72 2.25
N GLU A 82 12.94 -3.07 3.39
CA GLU A 82 12.64 -3.77 4.63
C GLU A 82 11.23 -4.36 4.57
N GLU A 83 10.32 -3.63 3.95
CA GLU A 83 8.93 -4.05 3.81
C GLU A 83 8.84 -5.44 3.16
N LEU A 84 9.66 -5.66 2.13
CA LEU A 84 9.71 -6.93 1.41
C LEU A 84 9.95 -8.12 2.32
N GLN A 85 10.67 -7.90 3.42
CA GLN A 85 11.07 -9.00 4.31
C GLN A 85 9.84 -9.71 4.88
N ASN A 86 8.69 -9.06 4.83
CA ASN A 86 7.46 -9.63 5.37
C ASN A 86 6.57 -10.18 4.26
N ILE A 87 7.07 -10.16 3.04
CA ILE A 87 6.29 -10.58 1.87
C ILE A 87 7.05 -11.63 1.07
N HIS A 88 6.36 -12.33 0.19
CA HIS A 88 7.03 -13.27 -0.72
C HIS A 88 7.28 -12.59 -2.06
N ALA A 89 6.22 -12.02 -2.62
CA ALA A 89 6.32 -11.30 -3.89
C ALA A 89 5.36 -10.11 -3.88
N PHE A 90 5.90 -8.93 -3.64
CA PHE A 90 5.10 -7.72 -3.62
C PHE A 90 5.09 -7.04 -4.98
N SER A 91 3.93 -6.51 -5.35
CA SER A 91 3.79 -5.74 -6.58
C SER A 91 2.92 -4.52 -6.29
N MET A 92 2.93 -3.53 -7.17
CA MET A 92 2.14 -2.33 -6.94
C MET A 92 1.61 -1.74 -8.24
N LYS A 93 0.47 -1.06 -8.15
CA LYS A 93 -0.14 -0.39 -9.29
C LYS A 93 -0.11 1.12 -9.06
N CYS A 94 0.61 1.85 -9.89
CA CYS A 94 0.74 3.29 -9.72
C CYS A 94 -0.44 4.02 -10.36
N HIS A 95 -1.13 4.83 -9.58
CA HIS A 95 -2.27 5.60 -10.08
C HIS A 95 -2.37 6.93 -9.34
N THR A 96 -2.93 7.94 -9.98
CA THR A 96 -3.12 9.24 -9.36
C THR A 96 -4.56 9.45 -8.90
N PRO A 97 -4.76 10.27 -7.86
CA PRO A 97 -6.08 10.53 -7.28
C PRO A 97 -7.05 11.12 -8.29
N LEU A 98 -6.59 12.14 -9.00
CA LEU A 98 -7.43 12.83 -9.96
C LEU A 98 -7.89 11.91 -11.08
N GLU A 99 -7.02 10.99 -11.48
CA GLU A 99 -7.33 10.05 -12.56
C GLU A 99 -8.29 8.96 -12.07
N TYR A 100 -8.08 8.51 -10.83
CA TYR A 100 -8.97 7.52 -10.24
C TYR A 100 -10.35 8.11 -10.05
N ASP A 101 -10.40 9.41 -9.76
CA ASP A 101 -11.64 10.14 -9.57
C ASP A 101 -12.59 9.98 -10.75
N LYS A 102 -12.04 10.08 -11.98
CA LYS A 102 -12.85 9.89 -13.17
C LYS A 102 -13.43 8.47 -13.21
N LEU A 103 -12.57 7.49 -12.98
CA LEU A 103 -12.97 6.09 -13.08
C LEU A 103 -14.09 5.76 -12.10
N LYS A 104 -13.93 6.21 -10.85
CA LYS A 104 -14.91 5.92 -9.81
C LYS A 104 -16.13 6.82 -9.91
N SER A 105 -16.07 7.82 -10.77
CA SER A 105 -17.19 8.74 -10.96
C SER A 105 -18.37 8.00 -11.58
N LYS A 106 -18.06 7.10 -12.51
CA LYS A 106 -19.09 6.31 -13.17
C LYS A 106 -18.99 4.86 -12.74
N GLY A 107 -17.77 4.36 -12.65
CA GLY A 107 -17.56 2.99 -12.25
C GLY A 107 -17.33 2.07 -13.42
N SER A 108 -16.42 2.45 -14.29
CA SER A 108 -16.09 1.65 -15.46
C SER A 108 -14.81 0.88 -15.23
N MET A 1 -16.97 -32.36 -5.64
CA MET A 1 -16.16 -32.18 -4.41
C MET A 1 -15.85 -30.70 -4.20
N GLY A 2 -15.75 -30.30 -2.95
CA GLY A 2 -15.48 -28.91 -2.63
C GLY A 2 -14.02 -28.65 -2.36
N SER A 3 -13.67 -28.55 -1.08
CA SER A 3 -12.30 -28.27 -0.65
C SER A 3 -11.85 -26.89 -1.13
N SER A 4 -12.83 -26.03 -1.40
CA SER A 4 -12.57 -24.72 -1.97
C SER A 4 -12.33 -23.68 -0.89
N HIS A 5 -11.11 -23.15 -0.86
CA HIS A 5 -10.78 -22.06 0.05
C HIS A 5 -10.76 -20.75 -0.72
N HIS A 6 -11.70 -20.61 -1.65
CA HIS A 6 -11.85 -19.41 -2.47
C HIS A 6 -12.00 -18.19 -1.59
N HIS A 7 -11.26 -17.13 -1.92
CA HIS A 7 -11.31 -15.90 -1.14
C HIS A 7 -12.40 -14.99 -1.64
N HIS A 8 -13.30 -14.60 -0.75
CA HIS A 8 -14.36 -13.65 -1.09
C HIS A 8 -14.06 -12.29 -0.47
N HIS A 9 -13.68 -11.33 -1.30
CA HIS A 9 -13.41 -9.98 -0.83
C HIS A 9 -14.68 -9.33 -0.31
N HIS A 10 -14.56 -8.70 0.86
CA HIS A 10 -15.71 -8.05 1.49
C HIS A 10 -15.31 -6.67 2.00
N SER A 11 -16.24 -5.72 1.93
CA SER A 11 -15.97 -4.35 2.32
C SER A 11 -16.01 -4.19 3.83
N SER A 12 -14.85 -3.97 4.42
CA SER A 12 -14.74 -3.73 5.85
C SER A 12 -13.95 -2.45 6.08
N GLY A 13 -14.06 -1.52 5.14
CA GLY A 13 -13.23 -0.31 5.15
C GLY A 13 -13.66 0.72 6.18
N ARG A 14 -14.47 0.30 7.14
CA ARG A 14 -14.87 1.18 8.23
C ARG A 14 -13.90 1.03 9.40
N GLU A 15 -13.64 -0.21 9.76
CA GLU A 15 -12.85 -0.53 10.94
C GLU A 15 -11.37 -0.68 10.59
N ASN A 16 -10.94 0.06 9.56
CA ASN A 16 -9.54 0.04 9.14
C ASN A 16 -8.67 0.73 10.18
N LEU A 17 -9.31 1.48 11.06
CA LEU A 17 -8.61 2.25 12.09
C LEU A 17 -8.26 1.38 13.29
N TYR A 18 -8.81 0.18 13.32
CA TYR A 18 -8.64 -0.71 14.46
C TYR A 18 -7.54 -1.74 14.21
N PHE A 19 -6.95 -2.25 15.29
CA PHE A 19 -5.92 -3.27 15.19
C PHE A 19 -6.39 -4.57 15.83
N GLN A 20 -7.49 -4.48 16.59
CA GLN A 20 -8.12 -5.63 17.24
C GLN A 20 -7.30 -6.15 18.42
N GLY A 21 -6.09 -6.60 18.15
CA GLY A 21 -5.26 -7.13 19.21
C GLY A 21 -3.78 -6.93 18.94
N HIS A 22 -3.41 -7.12 17.68
CA HIS A 22 -2.03 -6.98 17.28
C HIS A 22 -1.98 -6.58 15.81
N MET A 23 -1.12 -5.62 15.47
CA MET A 23 -0.98 -5.20 14.09
C MET A 23 -0.45 -6.34 13.25
N CYS A 24 -1.31 -6.91 12.42
CA CYS A 24 -0.95 -8.02 11.57
C CYS A 24 0.17 -7.63 10.60
N ILE A 25 0.88 -8.62 10.06
CA ILE A 25 1.99 -8.38 9.15
C ILE A 25 1.55 -7.51 7.97
N GLN A 26 0.31 -7.68 7.52
CA GLN A 26 -0.23 -6.88 6.43
C GLN A 26 -0.19 -5.40 6.80
N LYS A 27 -0.65 -5.06 8.01
CA LYS A 27 -0.67 -3.68 8.45
C LYS A 27 0.72 -3.15 8.75
N VAL A 28 1.69 -4.04 8.91
CA VAL A 28 3.07 -3.61 9.07
C VAL A 28 3.56 -2.99 7.76
N ILE A 29 3.36 -3.74 6.67
CA ILE A 29 3.65 -3.25 5.33
C ILE A 29 2.80 -2.03 5.02
N GLU A 30 1.50 -2.17 5.25
CA GLU A 30 0.53 -1.12 4.98
C GLU A 30 0.92 0.20 5.66
N ASP A 31 1.18 0.12 6.96
CA ASP A 31 1.46 1.31 7.76
C ASP A 31 2.70 2.04 7.29
N LYS A 32 3.78 1.30 7.02
CA LYS A 32 5.04 1.94 6.65
C LYS A 32 4.96 2.63 5.29
N LEU A 33 4.43 1.95 4.28
CA LEU A 33 4.35 2.56 2.95
C LEU A 33 3.31 3.66 2.92
N SER A 34 2.30 3.55 3.78
CA SER A 34 1.29 4.59 3.90
C SER A 34 1.91 5.85 4.48
N SER A 35 2.70 5.69 5.53
CA SER A 35 3.34 6.83 6.18
C SER A 35 4.46 7.40 5.31
N ALA A 36 5.06 6.56 4.47
CA ALA A 36 6.18 6.98 3.65
C ALA A 36 5.73 7.74 2.39
N LEU A 37 4.68 7.25 1.73
CA LEU A 37 4.24 7.83 0.47
C LEU A 37 2.98 8.67 0.65
N LYS A 38 2.08 8.19 1.50
CA LYS A 38 0.77 8.82 1.71
C LYS A 38 -0.01 9.01 0.42
N PRO A 39 -0.81 8.00 0.05
CA PRO A 39 -1.69 8.08 -1.10
C PRO A 39 -3.05 8.67 -0.75
N THR A 40 -3.75 9.17 -1.76
CA THR A 40 -5.12 9.66 -1.56
C THR A 40 -6.07 8.48 -1.63
N PHE A 41 -5.63 7.45 -2.34
CA PHE A 41 -6.33 6.19 -2.41
C PHE A 41 -5.32 5.04 -2.37
N LEU A 42 -5.57 4.05 -1.54
CA LEU A 42 -4.69 2.92 -1.39
C LEU A 42 -5.49 1.63 -1.35
N GLU A 43 -5.19 0.71 -2.26
CA GLU A 43 -5.90 -0.56 -2.33
C GLU A 43 -4.92 -1.71 -2.14
N LEU A 44 -5.14 -2.51 -1.10
CA LEU A 44 -4.27 -3.65 -0.81
C LEU A 44 -4.97 -4.95 -1.23
N VAL A 45 -4.38 -5.64 -2.20
CA VAL A 45 -4.97 -6.87 -2.71
C VAL A 45 -3.99 -8.03 -2.57
N ASP A 46 -4.42 -9.10 -1.90
CA ASP A 46 -3.59 -10.30 -1.80
C ASP A 46 -3.76 -11.14 -3.06
N LYS A 47 -2.64 -11.41 -3.72
CA LYS A 47 -2.65 -12.18 -4.95
C LYS A 47 -2.35 -13.64 -4.67
N SER A 48 -3.36 -14.48 -4.78
CA SER A 48 -3.23 -15.90 -4.55
C SER A 48 -2.62 -16.61 -5.75
N CYS A 49 -1.82 -15.90 -6.53
CA CYS A 49 -1.17 -16.48 -7.70
C CYS A 49 0.04 -17.29 -7.23
N GLY A 50 -0.15 -18.60 -7.15
CA GLY A 50 0.87 -19.46 -6.58
C GLY A 50 0.43 -20.00 -5.24
N CYS A 51 1.16 -19.68 -4.20
CA CYS A 51 0.80 -20.09 -2.84
C CYS A 51 1.44 -19.17 -1.82
N GLY A 52 0.74 -18.97 -0.71
CA GLY A 52 1.22 -18.09 0.33
C GLY A 52 0.48 -16.77 0.33
N THR A 53 1.21 -15.69 0.56
CA THR A 53 0.60 -14.36 0.52
C THR A 53 1.51 -13.40 -0.21
N SER A 54 0.92 -12.62 -1.09
CA SER A 54 1.64 -11.63 -1.87
C SER A 54 0.73 -10.44 -2.11
N PHE A 55 1.26 -9.24 -1.96
CA PHE A 55 0.42 -8.06 -1.96
C PHE A 55 0.66 -7.20 -3.19
N ASP A 56 -0.43 -6.81 -3.81
CA ASP A 56 -0.41 -5.88 -4.92
C ASP A 56 -1.05 -4.58 -4.44
N ALA A 57 -0.26 -3.53 -4.36
CA ALA A 57 -0.73 -2.30 -3.77
C ALA A 57 -0.99 -1.24 -4.84
N VAL A 58 -2.25 -0.85 -4.97
CA VAL A 58 -2.63 0.23 -5.85
C VAL A 58 -2.41 1.55 -5.14
N ILE A 59 -1.43 2.31 -5.59
CA ILE A 59 -1.08 3.55 -4.94
C ILE A 59 -1.48 4.74 -5.81
N VAL A 60 -2.52 5.44 -5.37
CA VAL A 60 -2.97 6.64 -6.03
C VAL A 60 -2.62 7.84 -5.17
N SER A 61 -1.64 8.63 -5.61
CA SER A 61 -1.14 9.72 -4.77
C SER A 61 -0.59 10.86 -5.61
N ASN A 62 -0.60 12.05 -5.01
CA ASN A 62 0.00 13.24 -5.61
C ASN A 62 1.52 13.09 -5.70
N ASN A 63 2.05 12.17 -4.91
CA ASN A 63 3.49 11.90 -4.87
C ASN A 63 3.96 11.35 -6.22
N PHE A 64 3.02 10.81 -7.00
CA PHE A 64 3.34 10.28 -8.31
C PHE A 64 2.71 11.17 -9.40
N GLU A 65 2.15 12.29 -8.98
CA GLU A 65 1.47 13.19 -9.88
C GLU A 65 2.51 13.98 -10.67
N ASP A 66 3.67 14.19 -10.06
CA ASP A 66 4.80 14.80 -10.75
C ASP A 66 5.39 13.81 -11.76
N LYS A 67 4.90 12.57 -11.70
CA LYS A 67 5.20 11.53 -12.69
C LYS A 67 6.67 11.13 -12.68
N LYS A 68 7.29 11.25 -11.52
CA LYS A 68 8.67 10.81 -11.37
C LYS A 68 8.71 9.35 -10.91
N LEU A 69 8.86 8.45 -11.88
CA LEU A 69 8.80 7.02 -11.61
C LEU A 69 10.05 6.53 -10.89
N LEU A 70 11.21 7.10 -11.24
CA LEU A 70 12.46 6.73 -10.59
C LEU A 70 12.47 7.19 -9.12
N ASP A 71 11.82 8.32 -8.86
CA ASP A 71 11.77 8.86 -7.50
C ASP A 71 10.98 7.95 -6.58
N ARG A 72 9.79 7.55 -7.01
CA ARG A 72 8.97 6.64 -6.22
C ARG A 72 9.64 5.28 -6.10
N HIS A 73 10.46 4.94 -7.10
CA HIS A 73 11.15 3.65 -7.13
C HIS A 73 12.24 3.59 -6.05
N ARG A 74 13.07 4.61 -5.99
CA ARG A 74 14.16 4.65 -5.02
C ARG A 74 13.62 4.75 -3.59
N LEU A 75 12.54 5.51 -3.42
CA LEU A 75 11.91 5.64 -2.11
C LEU A 75 11.28 4.33 -1.66
N VAL A 76 10.48 3.72 -2.53
CA VAL A 76 9.82 2.46 -2.20
C VAL A 76 10.84 1.38 -1.93
N ASN A 77 11.96 1.41 -2.66
CA ASN A 77 13.04 0.45 -2.46
C ASN A 77 13.73 0.69 -1.13
N THR A 78 13.83 1.95 -0.73
CA THR A 78 14.47 2.30 0.54
C THR A 78 13.77 1.63 1.72
N ILE A 79 12.46 1.78 1.81
CA ILE A 79 11.71 1.21 2.94
C ILE A 79 11.38 -0.26 2.70
N LEU A 80 10.88 -0.56 1.51
CA LEU A 80 10.41 -1.91 1.22
C LEU A 80 11.55 -2.86 0.95
N LYS A 81 12.80 -2.38 0.99
CA LYS A 81 13.94 -3.28 0.92
C LYS A 81 13.88 -4.29 2.06
N GLU A 82 13.84 -3.76 3.28
CA GLU A 82 13.71 -4.57 4.48
C GLU A 82 12.30 -5.15 4.58
N GLU A 83 11.33 -4.36 4.12
CA GLU A 83 9.93 -4.77 4.11
C GLU A 83 9.71 -6.11 3.38
N LEU A 84 10.24 -6.17 2.16
CA LEU A 84 10.09 -7.34 1.27
C LEU A 84 10.43 -8.67 1.95
N GLN A 85 11.35 -8.63 2.90
CA GLN A 85 11.84 -9.86 3.54
C GLN A 85 10.70 -10.72 4.10
N ASN A 86 9.53 -10.12 4.32
CA ASN A 86 8.39 -10.84 4.89
C ASN A 86 7.38 -11.22 3.82
N ILE A 87 7.63 -10.80 2.59
CA ILE A 87 6.68 -11.01 1.49
C ILE A 87 7.29 -11.93 0.45
N HIS A 88 6.45 -12.67 -0.28
CA HIS A 88 6.94 -13.54 -1.33
C HIS A 88 7.08 -12.74 -2.63
N ALA A 89 6.01 -12.10 -3.06
CA ALA A 89 6.05 -11.28 -4.27
C ALA A 89 5.17 -10.05 -4.13
N PHE A 90 5.76 -8.96 -3.65
CA PHE A 90 5.03 -7.71 -3.52
C PHE A 90 5.10 -6.94 -4.84
N SER A 91 4.00 -6.29 -5.20
CA SER A 91 3.96 -5.48 -6.41
C SER A 91 3.15 -4.23 -6.15
N MET A 92 3.36 -3.19 -6.95
CA MET A 92 2.63 -1.94 -6.76
C MET A 92 2.19 -1.37 -8.10
N LYS A 93 1.05 -0.70 -8.09
CA LYS A 93 0.53 0.00 -9.26
C LYS A 93 0.48 1.49 -8.98
N CYS A 94 1.34 2.24 -9.64
CA CYS A 94 1.42 3.67 -9.43
C CYS A 94 0.41 4.40 -10.31
N HIS A 95 -0.46 5.18 -9.68
CA HIS A 95 -1.47 5.95 -10.41
C HIS A 95 -1.70 7.30 -9.75
N THR A 96 -2.27 8.22 -10.52
CA THR A 96 -2.56 9.56 -10.04
C THR A 96 -4.04 9.72 -9.71
N PRO A 97 -4.37 10.64 -8.80
CA PRO A 97 -5.76 10.97 -8.46
C PRO A 97 -6.54 11.43 -9.69
N LEU A 98 -5.81 12.03 -10.64
CA LEU A 98 -6.41 12.49 -11.89
C LEU A 98 -7.11 11.33 -12.59
N GLU A 99 -6.43 10.19 -12.67
CA GLU A 99 -6.97 9.00 -13.31
C GLU A 99 -8.15 8.45 -12.50
N TYR A 100 -7.92 8.25 -11.20
CA TYR A 100 -8.91 7.66 -10.32
C TYR A 100 -10.17 8.52 -10.26
N ASP A 101 -9.98 9.83 -10.37
CA ASP A 101 -11.08 10.80 -10.35
C ASP A 101 -12.12 10.47 -11.41
N LYS A 102 -11.66 9.93 -12.54
CA LYS A 102 -12.57 9.51 -13.61
C LYS A 102 -13.24 8.19 -13.24
N LEU A 103 -12.44 7.26 -12.71
CA LEU A 103 -12.91 5.92 -12.39
C LEU A 103 -13.97 5.95 -11.28
N LYS A 104 -13.66 6.66 -10.20
CA LYS A 104 -14.53 6.71 -9.02
C LYS A 104 -15.93 7.23 -9.37
N SER A 105 -16.01 8.00 -10.45
CA SER A 105 -17.23 8.65 -10.86
C SER A 105 -18.31 7.63 -11.23
N LYS A 106 -17.89 6.40 -11.52
CA LYS A 106 -18.84 5.36 -11.90
C LYS A 106 -18.40 3.99 -11.38
N GLY A 107 -17.11 3.70 -11.49
CA GLY A 107 -16.59 2.42 -11.06
C GLY A 107 -16.36 1.48 -12.21
N SER A 108 -16.27 2.04 -13.40
CA SER A 108 -16.09 1.26 -14.62
C SER A 108 -14.71 1.53 -15.20
N MET A 1 -11.02 4.38 -17.35
CA MET A 1 -11.22 3.11 -18.09
C MET A 1 -10.91 1.91 -17.19
N GLY A 2 -11.65 0.82 -17.38
CA GLY A 2 -11.38 -0.40 -16.65
C GLY A 2 -11.90 -0.36 -15.23
N SER A 3 -11.07 0.11 -14.32
CA SER A 3 -11.42 0.17 -12.90
C SER A 3 -12.47 1.26 -12.66
N SER A 4 -13.59 0.87 -12.06
CA SER A 4 -14.65 1.82 -11.78
C SER A 4 -15.51 1.34 -10.61
N HIS A 5 -15.86 2.28 -9.74
CA HIS A 5 -16.78 2.04 -8.64
C HIS A 5 -17.35 3.37 -8.21
N HIS A 6 -18.63 3.59 -8.50
CA HIS A 6 -19.24 4.91 -8.37
C HIS A 6 -19.20 5.42 -6.94
N HIS A 7 -18.37 6.43 -6.73
CA HIS A 7 -18.18 7.06 -5.43
C HIS A 7 -18.18 8.57 -5.60
N HIS A 8 -18.26 9.29 -4.50
CA HIS A 8 -18.09 10.73 -4.50
C HIS A 8 -16.86 11.08 -3.69
N HIS A 9 -16.52 12.36 -3.62
CA HIS A 9 -15.42 12.77 -2.76
C HIS A 9 -15.76 12.38 -1.34
N HIS A 10 -14.91 11.56 -0.74
CA HIS A 10 -15.23 10.87 0.51
C HIS A 10 -15.45 11.85 1.66
N SER A 11 -14.99 13.09 1.46
CA SER A 11 -15.16 14.14 2.45
C SER A 11 -14.40 13.81 3.72
N SER A 12 -13.30 13.09 3.56
CA SER A 12 -12.42 12.74 4.66
C SER A 12 -11.22 13.67 4.67
N GLY A 13 -10.49 13.67 5.78
CA GLY A 13 -9.34 14.54 5.90
C GLY A 13 -8.88 14.73 7.33
N ARG A 14 -9.70 14.36 8.30
CA ARG A 14 -9.33 14.58 9.70
C ARG A 14 -9.00 13.25 10.39
N GLU A 15 -9.45 12.15 9.81
CA GLU A 15 -9.26 10.84 10.42
C GLU A 15 -7.92 10.22 10.02
N ASN A 16 -7.03 11.02 9.44
CA ASN A 16 -5.68 10.55 9.12
C ASN A 16 -4.85 10.50 10.40
N LEU A 17 -5.39 11.10 11.46
CA LEU A 17 -4.77 11.06 12.78
C LEU A 17 -5.30 9.87 13.56
N TYR A 18 -6.21 9.12 12.96
CA TYR A 18 -6.86 8.01 13.64
C TYR A 18 -6.62 6.70 12.94
N PHE A 19 -5.59 6.00 13.37
CA PHE A 19 -5.26 4.69 12.87
C PHE A 19 -5.50 3.64 13.95
N GLN A 20 -6.75 3.24 14.11
CA GLN A 20 -7.12 2.23 15.08
C GLN A 20 -8.18 1.30 14.53
N GLY A 21 -7.96 0.00 14.69
CA GLY A 21 -8.91 -0.99 14.25
C GLY A 21 -8.47 -2.39 14.64
N HIS A 22 -7.52 -2.93 13.89
CA HIS A 22 -6.97 -4.24 14.18
C HIS A 22 -5.50 -4.31 13.75
N MET A 23 -4.68 -4.92 14.57
CA MET A 23 -3.26 -5.04 14.27
C MET A 23 -2.96 -6.37 13.60
N CYS A 24 -2.29 -6.30 12.46
CA CYS A 24 -1.86 -7.48 11.72
C CYS A 24 -0.67 -7.10 10.85
N ILE A 25 0.22 -8.07 10.60
CA ILE A 25 1.45 -7.80 9.85
C ILE A 25 1.17 -7.11 8.51
N GLN A 26 0.09 -7.50 7.84
CA GLN A 26 -0.28 -6.89 6.57
C GLN A 26 -0.57 -5.41 6.75
N LYS A 27 -1.44 -5.09 7.70
CA LYS A 27 -1.83 -3.71 7.95
C LYS A 27 -0.65 -2.90 8.45
N VAL A 28 0.26 -3.55 9.17
CA VAL A 28 1.48 -2.89 9.63
C VAL A 28 2.31 -2.43 8.43
N ILE A 29 2.47 -3.32 7.45
CA ILE A 29 3.19 -3.00 6.23
C ILE A 29 2.47 -1.89 5.47
N GLU A 30 1.15 -2.00 5.40
CA GLU A 30 0.32 -0.99 4.73
C GLU A 30 0.60 0.40 5.31
N ASP A 31 0.53 0.51 6.63
CA ASP A 31 0.76 1.80 7.31
C ASP A 31 2.22 2.22 7.18
N LYS A 32 3.11 1.24 7.18
CA LYS A 32 4.54 1.48 7.12
C LYS A 32 4.93 2.22 5.84
N LEU A 33 4.56 1.67 4.69
CA LEU A 33 4.89 2.29 3.42
C LEU A 33 4.02 3.52 3.15
N SER A 34 2.79 3.52 3.66
CA SER A 34 1.87 4.63 3.41
C SER A 34 2.30 5.88 4.18
N SER A 35 2.87 5.70 5.35
CA SER A 35 3.37 6.82 6.13
C SER A 35 4.54 7.50 5.42
N ALA A 36 5.27 6.74 4.61
CA ALA A 36 6.42 7.26 3.89
C ALA A 36 6.01 7.84 2.53
N LEU A 37 5.25 7.08 1.76
CA LEU A 37 4.87 7.50 0.42
C LEU A 37 3.65 8.42 0.43
N LYS A 38 2.79 8.22 1.43
CA LYS A 38 1.53 8.97 1.58
C LYS A 38 0.66 8.87 0.32
N PRO A 39 -0.09 7.76 0.21
CA PRO A 39 -1.05 7.58 -0.87
C PRO A 39 -2.45 8.05 -0.47
N THR A 40 -3.14 8.71 -1.40
CA THR A 40 -4.51 9.13 -1.16
C THR A 40 -5.43 7.92 -1.09
N PHE A 41 -5.08 6.89 -1.86
CA PHE A 41 -5.81 5.63 -1.85
C PHE A 41 -4.84 4.47 -1.98
N LEU A 42 -5.00 3.47 -1.11
CA LEU A 42 -4.11 2.31 -1.14
C LEU A 42 -4.90 1.04 -0.84
N GLU A 43 -5.02 0.17 -1.84
CA GLU A 43 -5.76 -1.08 -1.67
C GLU A 43 -4.89 -2.26 -2.05
N LEU A 44 -4.97 -3.33 -1.28
CA LEU A 44 -4.16 -4.51 -1.53
C LEU A 44 -5.04 -5.71 -1.84
N VAL A 45 -4.83 -6.31 -3.01
CA VAL A 45 -5.58 -7.49 -3.42
C VAL A 45 -4.68 -8.72 -3.49
N ASP A 46 -5.28 -9.88 -3.24
CA ASP A 46 -4.55 -11.14 -3.28
C ASP A 46 -4.33 -11.59 -4.72
N LYS A 47 -3.08 -11.72 -5.10
CA LYS A 47 -2.72 -12.14 -6.45
C LYS A 47 -2.37 -13.62 -6.45
N SER A 48 -3.05 -14.38 -7.29
CA SER A 48 -2.85 -15.81 -7.37
C SER A 48 -1.59 -16.16 -8.18
N CYS A 49 -0.55 -16.58 -7.49
CA CYS A 49 0.68 -17.01 -8.14
C CYS A 49 0.90 -18.49 -7.91
N GLY A 50 -0.17 -19.18 -7.47
CA GLY A 50 -0.06 -20.59 -7.16
C GLY A 50 0.52 -20.81 -5.79
N CYS A 51 1.73 -21.36 -5.76
CA CYS A 51 2.45 -21.52 -4.51
C CYS A 51 3.27 -20.26 -4.24
N GLY A 52 2.75 -19.42 -3.35
CA GLY A 52 3.35 -18.13 -3.10
C GLY A 52 2.31 -17.03 -3.21
N THR A 53 1.81 -16.57 -2.08
CA THR A 53 0.76 -15.58 -2.05
C THR A 53 1.31 -14.18 -2.32
N SER A 54 1.17 -13.72 -3.55
CA SER A 54 1.63 -12.40 -3.91
C SER A 54 0.53 -11.36 -3.66
N PHE A 55 0.93 -10.17 -3.24
CA PHE A 55 -0.03 -9.11 -2.97
C PHE A 55 0.12 -7.99 -3.99
N ASP A 56 -1.02 -7.54 -4.52
CA ASP A 56 -1.02 -6.46 -5.50
C ASP A 56 -1.59 -5.21 -4.85
N ALA A 57 -0.75 -4.21 -4.63
CA ALA A 57 -1.18 -2.99 -3.97
C ALA A 57 -1.30 -1.84 -4.96
N VAL A 58 -2.53 -1.36 -5.14
CA VAL A 58 -2.77 -0.21 -5.97
C VAL A 58 -2.49 1.05 -5.19
N ILE A 59 -1.44 1.75 -5.58
CA ILE A 59 -1.02 2.95 -4.87
C ILE A 59 -1.41 4.19 -5.66
N VAL A 60 -2.39 4.90 -5.14
CA VAL A 60 -2.84 6.15 -5.73
C VAL A 60 -2.37 7.32 -4.88
N SER A 61 -1.38 8.05 -5.36
CA SER A 61 -0.77 9.12 -4.56
C SER A 61 -0.41 10.33 -5.39
N ASN A 62 -0.49 11.50 -4.76
CA ASN A 62 -0.07 12.75 -5.38
C ASN A 62 1.43 12.77 -5.59
N ASN A 63 2.14 11.94 -4.84
CA ASN A 63 3.60 11.88 -4.90
C ASN A 63 4.08 11.48 -6.29
N PHE A 64 3.23 10.80 -7.04
CA PHE A 64 3.62 10.30 -8.35
C PHE A 64 3.10 11.19 -9.48
N GLU A 65 2.31 12.21 -9.13
CA GLU A 65 1.66 13.03 -10.17
C GLU A 65 2.65 14.03 -10.77
N ASP A 66 3.87 14.04 -10.27
CA ASP A 66 4.91 14.91 -10.82
C ASP A 66 5.72 14.15 -11.87
N LYS A 67 5.27 12.92 -12.15
CA LYS A 67 5.86 12.07 -13.20
C LYS A 67 7.24 11.56 -12.77
N LYS A 68 7.56 11.68 -11.49
CA LYS A 68 8.85 11.23 -10.98
C LYS A 68 8.88 9.71 -10.86
N LEU A 69 9.30 9.06 -11.93
CA LEU A 69 9.42 7.61 -11.97
C LEU A 69 10.62 7.16 -11.15
N LEU A 70 11.77 7.79 -11.41
CA LEU A 70 13.01 7.39 -10.77
C LEU A 70 12.98 7.70 -9.27
N ASP A 71 12.33 8.80 -8.91
CA ASP A 71 12.27 9.21 -7.52
C ASP A 71 11.31 8.30 -6.75
N ARG A 72 10.24 7.90 -7.41
CA ARG A 72 9.32 6.91 -6.87
C ARG A 72 10.05 5.58 -6.69
N HIS A 73 10.86 5.21 -7.68
CA HIS A 73 11.59 3.95 -7.65
C HIS A 73 12.58 3.91 -6.50
N ARG A 74 13.35 4.98 -6.32
CA ARG A 74 14.36 5.04 -5.27
C ARG A 74 13.71 5.02 -3.88
N LEU A 75 12.56 5.67 -3.75
CA LEU A 75 11.82 5.64 -2.49
C LEU A 75 11.33 4.24 -2.19
N VAL A 76 10.73 3.60 -3.19
CA VAL A 76 10.27 2.22 -3.05
C VAL A 76 11.42 1.30 -2.67
N ASN A 77 12.57 1.50 -3.29
CA ASN A 77 13.74 0.68 -2.98
C ASN A 77 14.22 0.89 -1.55
N THR A 78 14.25 2.15 -1.11
CA THR A 78 14.75 2.50 0.21
C THR A 78 13.84 1.92 1.31
N ILE A 79 12.55 2.16 1.18
CA ILE A 79 11.56 1.71 2.16
C ILE A 79 11.39 0.19 2.09
N LEU A 80 11.10 -0.29 0.89
CA LEU A 80 10.74 -1.67 0.70
C LEU A 80 11.96 -2.57 0.68
N LYS A 81 13.15 -2.01 0.82
CA LYS A 81 14.35 -2.83 0.95
C LYS A 81 14.16 -3.83 2.08
N GLU A 82 14.02 -3.31 3.30
CA GLU A 82 13.70 -4.14 4.45
C GLU A 82 12.23 -4.54 4.42
N GLU A 83 11.37 -3.66 3.92
CA GLU A 83 9.93 -3.92 3.89
C GLU A 83 9.61 -5.26 3.23
N LEU A 84 10.13 -5.45 2.03
CA LEU A 84 9.94 -6.68 1.25
C LEU A 84 10.24 -7.93 2.07
N GLN A 85 11.18 -7.84 3.01
CA GLN A 85 11.59 -9.01 3.80
C GLN A 85 10.39 -9.63 4.53
N ASN A 86 9.34 -8.83 4.74
CA ASN A 86 8.15 -9.28 5.45
C ASN A 86 7.12 -9.87 4.49
N ILE A 87 7.39 -9.75 3.20
CA ILE A 87 6.43 -10.17 2.18
C ILE A 87 7.05 -11.18 1.23
N HIS A 88 6.32 -12.24 0.93
CA HIS A 88 6.83 -13.27 0.04
C HIS A 88 6.93 -12.72 -1.38
N ALA A 89 5.87 -12.04 -1.83
CA ALA A 89 5.87 -11.43 -3.14
C ALA A 89 4.95 -10.22 -3.18
N PHE A 90 5.54 -9.03 -3.11
CA PHE A 90 4.77 -7.80 -3.15
C PHE A 90 4.88 -7.13 -4.53
N SER A 91 3.76 -6.62 -5.00
CA SER A 91 3.72 -5.85 -6.24
C SER A 91 2.89 -4.60 -6.03
N MET A 92 3.21 -3.52 -6.75
CA MET A 92 2.47 -2.27 -6.58
C MET A 92 2.12 -1.67 -7.94
N LYS A 93 0.88 -1.23 -8.07
CA LYS A 93 0.42 -0.59 -9.29
C LYS A 93 0.26 0.91 -9.03
N CYS A 94 1.03 1.71 -9.74
CA CYS A 94 1.04 3.14 -9.52
C CYS A 94 -0.08 3.84 -10.28
N HIS A 95 -0.84 4.65 -9.56
CA HIS A 95 -1.90 5.45 -10.16
C HIS A 95 -1.99 6.80 -9.46
N THR A 96 -2.57 7.77 -10.14
CA THR A 96 -2.69 9.11 -9.58
C THR A 96 -4.15 9.47 -9.28
N PRO A 97 -4.37 10.38 -8.32
CA PRO A 97 -5.71 10.77 -7.87
C PRO A 97 -6.55 11.39 -8.99
N LEU A 98 -5.87 12.01 -9.95
CA LEU A 98 -6.55 12.66 -11.05
C LEU A 98 -7.35 11.64 -11.86
N GLU A 99 -6.69 10.55 -12.25
CA GLU A 99 -7.36 9.47 -12.96
C GLU A 99 -8.38 8.77 -12.07
N TYR A 100 -8.03 8.59 -10.80
CA TYR A 100 -8.92 7.92 -9.85
C TYR A 100 -10.24 8.66 -9.73
N ASP A 101 -10.17 9.99 -9.72
CA ASP A 101 -11.37 10.82 -9.63
C ASP A 101 -12.32 10.52 -10.78
N LYS A 102 -11.76 10.21 -11.94
CA LYS A 102 -12.56 9.88 -13.11
C LYS A 102 -13.10 8.46 -12.99
N LEU A 103 -12.31 7.57 -12.40
CA LEU A 103 -12.68 6.16 -12.25
C LEU A 103 -13.87 6.00 -11.32
N LYS A 104 -13.83 6.68 -10.17
CA LYS A 104 -14.88 6.54 -9.17
C LYS A 104 -16.14 7.33 -9.54
N SER A 105 -16.00 8.34 -10.40
CA SER A 105 -17.16 9.13 -10.80
C SER A 105 -17.92 8.45 -11.93
N LYS A 106 -17.25 8.23 -13.04
CA LYS A 106 -17.89 7.69 -14.22
C LYS A 106 -17.33 6.31 -14.56
N GLY A 107 -16.03 6.23 -14.74
CA GLY A 107 -15.38 4.99 -15.08
C GLY A 107 -14.59 5.08 -16.35
N SER A 108 -15.05 5.93 -17.27
CA SER A 108 -14.38 6.14 -18.55
C SER A 108 -13.11 6.97 -18.37
N MET A 1 -44.57 14.37 1.88
CA MET A 1 -45.85 13.64 2.01
C MET A 1 -45.65 12.17 1.67
N GLY A 2 -45.93 11.31 2.65
CA GLY A 2 -45.74 9.89 2.47
C GLY A 2 -45.16 9.26 3.71
N SER A 3 -44.56 8.09 3.55
CA SER A 3 -43.94 7.39 4.67
C SER A 3 -42.49 7.85 4.82
N SER A 4 -42.29 8.89 5.62
CA SER A 4 -40.95 9.34 5.94
C SER A 4 -40.26 8.33 6.85
N HIS A 5 -39.01 8.00 6.53
CA HIS A 5 -38.28 7.00 7.28
C HIS A 5 -37.76 7.55 8.60
N HIS A 6 -38.16 6.91 9.70
CA HIS A 6 -37.69 7.31 11.02
C HIS A 6 -36.22 6.92 11.17
N HIS A 7 -35.33 7.86 10.88
CA HIS A 7 -33.90 7.59 10.95
C HIS A 7 -33.41 7.63 12.40
N HIS A 8 -33.42 6.47 13.04
CA HIS A 8 -32.92 6.34 14.39
C HIS A 8 -31.39 6.34 14.37
N HIS A 9 -30.80 7.52 14.54
CA HIS A 9 -29.36 7.68 14.50
C HIS A 9 -28.67 6.83 15.56
N HIS A 10 -27.54 6.25 15.20
CA HIS A 10 -26.72 5.50 16.13
C HIS A 10 -25.30 6.02 16.07
N SER A 11 -24.62 6.03 17.21
CA SER A 11 -23.25 6.51 17.26
C SER A 11 -22.31 5.53 16.55
N SER A 12 -21.35 6.07 15.82
CA SER A 12 -20.35 5.23 15.16
C SER A 12 -19.37 4.69 16.19
N GLY A 13 -19.75 3.57 16.79
CA GLY A 13 -18.93 2.93 17.79
C GLY A 13 -19.50 1.58 18.17
N ARG A 14 -19.59 0.70 17.19
CA ARG A 14 -20.21 -0.60 17.39
C ARG A 14 -19.14 -1.68 17.40
N GLU A 15 -18.12 -1.46 16.58
CA GLU A 15 -17.01 -2.40 16.45
C GLU A 15 -15.90 -2.09 17.44
N ASN A 16 -16.10 -1.04 18.26
CA ASN A 16 -15.07 -0.63 19.21
C ASN A 16 -14.94 -1.62 20.37
N LEU A 17 -15.77 -2.65 20.36
CA LEU A 17 -15.67 -3.73 21.34
C LEU A 17 -14.57 -4.70 20.95
N TYR A 18 -14.17 -4.67 19.68
CA TYR A 18 -13.16 -5.58 19.19
C TYR A 18 -11.77 -4.99 19.36
N PHE A 19 -11.15 -5.30 20.48
CA PHE A 19 -9.78 -4.89 20.74
C PHE A 19 -8.85 -6.08 20.62
N GLN A 20 -9.39 -7.19 20.13
CA GLN A 20 -8.64 -8.42 19.94
C GLN A 20 -7.70 -8.30 18.74
N GLY A 21 -7.85 -7.22 18.00
CA GLY A 21 -7.01 -6.99 16.84
C GLY A 21 -5.57 -6.72 17.23
N HIS A 22 -4.72 -7.73 17.09
CA HIS A 22 -3.31 -7.61 17.39
C HIS A 22 -2.55 -7.02 16.21
N MET A 23 -1.30 -6.67 16.45
CA MET A 23 -0.45 -6.11 15.41
C MET A 23 -0.18 -7.14 14.32
N CYS A 24 -0.97 -7.09 13.27
CA CYS A 24 -0.82 -8.02 12.15
C CYS A 24 0.25 -7.50 11.20
N ILE A 25 1.03 -8.42 10.62
CA ILE A 25 2.13 -8.04 9.74
C ILE A 25 1.61 -7.28 8.51
N GLN A 26 0.40 -7.62 8.07
CA GLN A 26 -0.21 -6.96 6.92
C GLN A 26 -0.43 -5.47 7.21
N LYS A 27 -0.81 -5.16 8.45
CA LYS A 27 -1.00 -3.78 8.86
C LYS A 27 0.33 -3.06 8.98
N VAL A 28 1.36 -3.81 9.38
CA VAL A 28 2.71 -3.27 9.47
C VAL A 28 3.20 -2.82 8.10
N ILE A 29 3.07 -3.71 7.12
CA ILE A 29 3.41 -3.39 5.73
C ILE A 29 2.59 -2.19 5.24
N GLU A 30 1.27 -2.27 5.45
CA GLU A 30 0.36 -1.23 5.00
C GLU A 30 0.77 0.14 5.52
N ASP A 31 0.99 0.24 6.83
CA ASP A 31 1.25 1.53 7.46
C ASP A 31 2.59 2.11 7.06
N LYS A 32 3.63 1.28 7.00
CA LYS A 32 4.97 1.77 6.72
C LYS A 32 5.08 2.32 5.30
N LEU A 33 4.57 1.60 4.31
CA LEU A 33 4.60 2.09 2.95
C LEU A 33 3.61 3.25 2.75
N SER A 34 2.53 3.24 3.54
CA SER A 34 1.56 4.34 3.51
C SER A 34 2.21 5.62 4.01
N SER A 35 3.00 5.50 5.07
CA SER A 35 3.70 6.64 5.65
C SER A 35 4.76 7.17 4.68
N ALA A 36 5.28 6.27 3.84
CA ALA A 36 6.31 6.62 2.88
C ALA A 36 5.74 7.37 1.68
N LEU A 37 4.74 6.78 1.04
CA LEU A 37 4.21 7.35 -0.21
C LEU A 37 3.12 8.38 0.07
N LYS A 38 2.47 8.24 1.23
CA LYS A 38 1.36 9.10 1.63
C LYS A 38 0.25 9.09 0.57
N PRO A 39 -0.53 8.00 0.52
CA PRO A 39 -1.64 7.86 -0.40
C PRO A 39 -2.97 8.28 0.21
N THR A 40 -3.82 8.87 -0.61
CA THR A 40 -5.17 9.21 -0.19
C THR A 40 -6.06 7.97 -0.25
N PHE A 41 -5.65 7.04 -1.10
CA PHE A 41 -6.31 5.74 -1.21
C PHE A 41 -5.27 4.65 -1.35
N LEU A 42 -5.34 3.66 -0.47
CA LEU A 42 -4.40 2.55 -0.49
C LEU A 42 -5.13 1.26 -0.16
N GLU A 43 -5.14 0.32 -1.08
CA GLU A 43 -5.81 -0.96 -0.86
C GLU A 43 -4.89 -2.12 -1.24
N LEU A 44 -4.81 -3.10 -0.34
CA LEU A 44 -4.04 -4.31 -0.62
C LEU A 44 -4.94 -5.33 -1.28
N VAL A 45 -4.64 -5.67 -2.52
CA VAL A 45 -5.49 -6.55 -3.29
C VAL A 45 -4.85 -7.93 -3.44
N ASP A 46 -5.65 -8.97 -3.19
CA ASP A 46 -5.26 -10.34 -3.45
C ASP A 46 -5.07 -10.53 -4.95
N LYS A 47 -3.81 -10.52 -5.38
CA LYS A 47 -3.51 -10.61 -6.80
C LYS A 47 -3.36 -12.07 -7.22
N SER A 48 -2.29 -12.69 -6.74
CA SER A 48 -2.03 -14.08 -7.07
C SER A 48 -2.82 -14.99 -6.15
N CYS A 49 -3.79 -15.70 -6.71
CA CYS A 49 -4.68 -16.54 -5.93
C CYS A 49 -3.90 -17.69 -5.29
N GLY A 50 -4.11 -17.85 -3.99
CA GLY A 50 -3.41 -18.87 -3.24
C GLY A 50 -3.32 -18.49 -1.77
N CYS A 51 -2.17 -18.74 -1.17
CA CYS A 51 -1.94 -18.37 0.22
C CYS A 51 -1.44 -16.93 0.32
N GLY A 52 -1.01 -16.40 -0.82
CA GLY A 52 -0.54 -15.04 -0.87
C GLY A 52 0.82 -14.94 -1.53
N THR A 53 0.90 -15.44 -2.75
CA THR A 53 2.14 -15.43 -3.50
C THR A 53 2.51 -14.00 -3.90
N SER A 54 1.52 -13.25 -4.33
CA SER A 54 1.73 -11.87 -4.76
C SER A 54 0.60 -10.98 -4.27
N PHE A 55 0.95 -9.90 -3.60
CA PHE A 55 -0.03 -8.92 -3.16
C PHE A 55 0.16 -7.64 -3.94
N ASP A 56 -0.91 -7.08 -4.47
CA ASP A 56 -0.82 -5.91 -5.34
C ASP A 56 -1.50 -4.73 -4.68
N ALA A 57 -0.79 -3.63 -4.54
CA ALA A 57 -1.32 -2.49 -3.83
C ALA A 57 -1.71 -1.38 -4.79
N VAL A 58 -3.00 -1.07 -4.81
CA VAL A 58 -3.51 0.04 -5.59
C VAL A 58 -3.22 1.34 -4.84
N ILE A 59 -2.34 2.15 -5.38
CA ILE A 59 -1.96 3.39 -4.72
C ILE A 59 -2.60 4.58 -5.43
N VAL A 60 -3.16 5.47 -4.63
CA VAL A 60 -3.66 6.73 -5.13
C VAL A 60 -3.02 7.85 -4.33
N SER A 61 -2.02 8.49 -4.92
CA SER A 61 -1.22 9.48 -4.22
C SER A 61 -0.66 10.53 -5.17
N ASN A 62 -0.37 11.71 -4.64
CA ASN A 62 0.29 12.76 -5.41
C ASN A 62 1.72 12.38 -5.75
N ASN A 63 2.25 11.40 -5.01
CA ASN A 63 3.64 10.96 -5.17
C ASN A 63 3.89 10.34 -6.56
N PHE A 64 2.86 10.26 -7.39
CA PHE A 64 3.00 9.71 -8.72
C PHE A 64 2.89 10.79 -9.80
N GLU A 65 2.52 12.01 -9.41
CA GLU A 65 2.20 13.05 -10.38
C GLU A 65 3.46 13.60 -11.04
N ASP A 66 4.62 13.39 -10.42
CA ASP A 66 5.90 13.79 -11.01
C ASP A 66 6.29 12.85 -12.13
N LYS A 67 5.63 11.68 -12.16
CA LYS A 67 5.85 10.63 -13.18
C LYS A 67 7.31 10.20 -13.32
N LYS A 68 8.15 10.57 -12.35
CA LYS A 68 9.55 10.20 -12.40
C LYS A 68 9.75 8.76 -11.93
N LEU A 69 10.40 7.98 -12.78
CA LEU A 69 10.66 6.58 -12.49
C LEU A 69 11.68 6.43 -11.38
N LEU A 70 12.85 7.02 -11.58
CA LEU A 70 13.99 6.83 -10.70
C LEU A 70 13.73 7.37 -9.29
N ASP A 71 12.93 8.43 -9.20
CA ASP A 71 12.70 9.09 -7.93
C ASP A 71 11.81 8.27 -7.03
N ARG A 72 10.73 7.75 -7.60
CA ARG A 72 9.82 6.90 -6.84
C ARG A 72 10.48 5.55 -6.58
N HIS A 73 11.31 5.11 -7.52
CA HIS A 73 12.02 3.84 -7.40
C HIS A 73 12.93 3.86 -6.16
N ARG A 74 13.74 4.90 -6.04
CA ARG A 74 14.67 5.00 -4.92
C ARG A 74 13.92 5.12 -3.59
N LEU A 75 12.83 5.89 -3.57
CA LEU A 75 12.03 6.05 -2.36
C LEU A 75 11.39 4.73 -1.94
N VAL A 76 10.74 4.09 -2.90
CA VAL A 76 10.12 2.79 -2.67
C VAL A 76 11.13 1.79 -2.14
N ASN A 77 12.31 1.75 -2.74
CA ASN A 77 13.35 0.82 -2.31
C ASN A 77 13.87 1.18 -0.91
N THR A 78 13.79 2.46 -0.56
CA THR A 78 14.26 2.91 0.75
C THR A 78 13.46 2.27 1.88
N ILE A 79 12.14 2.40 1.82
CA ILE A 79 11.28 1.85 2.87
C ILE A 79 11.03 0.35 2.63
N LEU A 80 10.78 0.00 1.39
CA LEU A 80 10.45 -1.37 1.05
C LEU A 80 11.68 -2.26 1.04
N LYS A 81 12.85 -1.69 1.32
CA LYS A 81 14.04 -2.48 1.56
C LYS A 81 13.74 -3.54 2.62
N GLU A 82 13.42 -3.09 3.82
CA GLU A 82 13.04 -3.98 4.89
C GLU A 82 11.62 -4.50 4.69
N GLU A 83 10.76 -3.66 4.13
CA GLU A 83 9.36 -4.03 3.91
C GLU A 83 9.23 -5.35 3.14
N LEU A 84 9.87 -5.40 1.98
CA LEU A 84 9.86 -6.58 1.11
C LEU A 84 10.22 -7.86 1.85
N GLN A 85 11.05 -7.77 2.89
CA GLN A 85 11.51 -8.96 3.62
C GLN A 85 10.32 -9.77 4.15
N ASN A 86 9.19 -9.09 4.33
CA ASN A 86 8.01 -9.71 4.91
C ASN A 86 7.04 -10.18 3.83
N ILE A 87 7.39 -9.96 2.57
CA ILE A 87 6.52 -10.34 1.46
C ILE A 87 7.29 -11.18 0.44
N HIS A 88 6.62 -12.18 -0.15
CA HIS A 88 7.24 -12.96 -1.20
C HIS A 88 7.40 -12.11 -2.46
N ALA A 89 6.29 -11.59 -2.94
CA ALA A 89 6.29 -10.75 -4.13
C ALA A 89 5.28 -9.61 -3.99
N PHE A 90 5.79 -8.41 -3.73
CA PHE A 90 4.93 -7.23 -3.61
C PHE A 90 4.80 -6.52 -4.95
N SER A 91 3.58 -6.19 -5.31
CA SER A 91 3.29 -5.46 -6.52
C SER A 91 2.59 -4.16 -6.17
N MET A 92 2.69 -3.17 -7.05
CA MET A 92 2.10 -1.87 -6.80
C MET A 92 1.54 -1.27 -8.08
N LYS A 93 0.38 -0.66 -7.99
CA LYS A 93 -0.20 0.06 -9.11
C LYS A 93 -0.22 1.54 -8.81
N CYS A 94 0.63 2.27 -9.50
CA CYS A 94 0.81 3.70 -9.23
C CYS A 94 -0.26 4.52 -9.95
N HIS A 95 -1.16 5.12 -9.19
CA HIS A 95 -2.19 5.99 -9.75
C HIS A 95 -2.27 7.30 -8.97
N THR A 96 -2.82 8.33 -9.63
CA THR A 96 -3.02 9.61 -8.97
C THR A 96 -4.48 9.79 -8.59
N PRO A 97 -4.77 10.69 -7.64
CA PRO A 97 -6.15 10.99 -7.22
C PRO A 97 -6.98 11.53 -8.37
N LEU A 98 -6.36 12.34 -9.22
CA LEU A 98 -7.05 12.92 -10.36
C LEU A 98 -7.36 11.85 -11.39
N GLU A 99 -6.50 10.86 -11.49
CA GLU A 99 -6.71 9.74 -12.39
C GLU A 99 -7.83 8.84 -11.86
N TYR A 100 -7.71 8.46 -10.59
CA TYR A 100 -8.66 7.55 -9.96
C TYR A 100 -10.07 8.15 -9.92
N ASP A 101 -10.16 9.47 -9.72
CA ASP A 101 -11.45 10.13 -9.63
C ASP A 101 -12.26 9.96 -10.91
N LYS A 102 -11.58 9.90 -12.04
CA LYS A 102 -12.26 9.69 -13.32
C LYS A 102 -12.62 8.22 -13.49
N LEU A 103 -11.92 7.34 -12.78
CA LEU A 103 -12.15 5.91 -12.88
C LEU A 103 -13.38 5.50 -12.06
N LYS A 104 -13.51 6.05 -10.86
CA LYS A 104 -14.65 5.75 -9.99
C LYS A 104 -15.97 6.17 -10.63
N SER A 105 -15.94 7.27 -11.39
CA SER A 105 -17.13 7.80 -12.03
C SER A 105 -17.68 6.81 -13.06
N LYS A 106 -16.79 6.18 -13.82
CA LYS A 106 -17.21 5.23 -14.84
C LYS A 106 -17.38 3.83 -14.27
N GLY A 107 -16.48 3.43 -13.39
CA GLY A 107 -16.56 2.12 -12.76
C GLY A 107 -15.87 1.05 -13.59
N SER A 108 -15.91 1.20 -14.91
CA SER A 108 -15.30 0.25 -15.82
C SER A 108 -14.47 0.99 -16.87
#